data_7ALP
#
_entry.id   7ALP
#
_cell.length_a   1.00
_cell.length_b   1.00
_cell.length_c   1.00
_cell.angle_alpha   90.00
_cell.angle_beta   90.00
_cell.angle_gamma   90.00
#
_symmetry.space_group_name_H-M   'P 1'
#
loop_
_entity.id
_entity.type
_entity.pdbx_description
1 polymer Replicase
2 non-polymer 'MAGNESIUM ION'
#
_entity_poly.entity_id   1
_entity_poly.type   'polypeptide(L)'
_entity_poly.pdbx_seq_one_letter_code
;MNLEVLCGRINVENGLSLGEPGLYDQIYDRPGLPDLDVTVDATGVTVDIGAVPDSASQLGSSINAGLITIQLSEAYKINH
DFTFSGLSKTTDRRLSEVFPITHDGSDGMTPDVIHTRLDGTIVVVEFTTTRSHNIGGLEAAYRTKIEKYRDPISRRVDIM
ENPRVFFGVIVVSSGGVLSNMPLTQDEAEELMYRFCIANEIYTKARSMDADIELQKSEEELEAISRALSFFSLFEPNIER
VEGTFPNSEIEMLEQFLSTPADVDFITKTLKAKEVEAYADLCDSHYLKPEKTIQERLEINRCEAIDKTQDLLAGLHARSN
KQTSLNRGTVKLPPWLPKPSSESIDIKTDSGFGSLMDHGAYGELWAKCLLDVSLGNVEGVVSDPAKELDIAISDDPEKDT
PKEAKITYRRFKPALSSSARQEFSLQGVEGKKWKRMAANQKKEKESHDALSPFLDVEDIGDFLTFNNLLADSRYGDESVQ
RAVSILLEKASAMQDTELTHALNDSFKRNLSSNVVQWSLWVSCLAQELASALKQHCRAGEFIIKKLKFWPIYVIIKPTKS
SSHIFYSLGIRKADVTRRLTGRVFSETIDAGEWELTEFKSLKTCKLTNLVNLPCTMLNSIAFWREKLGVAPWLVRKPCSE
LREQVGLTFLISLEDKSKTEEIITLTRYTQMEGFVSPPMLPKPQKMLGKLDGPLRTKLQVYLLRKHLDCMVRIASQPFSL
IPREGRVEWGGTFHAISGRSTNLENMVNSWYIGYYKNKEESTELNALGEMYKKIVEMEEDKPSSPEFLGWGDTDSPKKHE
FSRSFLRAACSSLEREIAQRHGRQWKQNLEERVLREIGTKNILDLASMKATSNFSKDWELYSEVQTKEYHRSKLLEKMAT
LIEKGVMWYIDAVGQAWKAVLDDGCMRICLFKKNQHGGLREIYVMDANARLVQFGVETMARCVCELSPHETVANPRLKNS
IIENHGLKSARSLGPGSININSSNDAKKWNQGHYTTKLALVLCWFMPAKFHRFIWAAISMFRRKKMMVDLRFLAHLSSKS
ESRSSDPFREAMTDAFHGNREVSWMDKGRTYIKTETGMMQGILHFTSSLLHSCVQSFYKSYFVSKLKEGYMGESISGVVD
VIEGSDDSAIMISIRPKSDMDEVRSRFFVANLLHSVKFLNPLFGIYSSEKSTVNTVYCVEYNSEFHFHRHLVRPTLRWIA
ASHQISETEALASRQEDYSNLLTQCLEGGASFSLTYLIQCAQLLHHYMLLGLCLHPLFGTFMGMLISDPDPALGFFLMDN
PAFAGGAGFRFNLWRACKTTDLGRKYAYYFNEIQGKTKGDEDYRALDATSGGTLSHSVMVYWGDRKKYQALLNRMGLPED
WVEQIDENPGVLYRRAANKKELLLKLAEKVHSPGVTSSLSKGHVVPRVVAAGVYLLSRHCFRFSSSIHGRGSTQKASLIK
LLMMSSISAMKHGGSLNPNQERMLFPQAQEYDRVCTLLEEVEHLTGKFVVRERNIVRSRIDLFQEPVDLRCKAEDLVSEV
WFGLKRTKLGPRLLKEEWDKLRASFAWLSTDPSETLRDGPFLSHVQFRNFIAHVDAKSRSVRLLGAPVKKSGGVTTISQV
VRMNFFPGFSLEAEKSLDNQERLESISILKHVLFMVLNGPYTEEYKLEMIIEAFSTLVIPQPSEVIRKSRTMTLCLLSNY
LSSRGGSILDQIERAQSGTLGGFSKPQKTFIRPGGGVGYKGKGVWTGVMEDTHVQILIDGDGTSNWLEEIRLSSDARLYD
VIESIRRLCDDLGINNRVASAYRGHCMVRLSGFKIKPASRTDGCPVRIMERGFRIRELQNPDEVKMRVRGDILNLSVTIQ
EGRVMNILSYRPRDTDISESAAAYLWSNRDLFSFGKKEPSCSWICLKTLDNWAWSHASVLLANDRKTQGIDNRAMGNIFR
DCLEGSLRKQGLMRSKLTEMVEKNVVPLTTQELVDILEEDIDFSDVIAVELSEGSLDIESIFDGAPILWSAEVEEFGEGV
VAVSYSSKYYHLTLMDQAAITMCAIMGKEGCRGLLTEKRCMAAIREQVRPFLIFLQIPEDSISWVSDQFCDSRGLDEEST
IMWG
;
_entity_poly.pdbx_strand_id   U
#
loop_
_chem_comp.id
_chem_comp.type
_chem_comp.name
_chem_comp.formula
MG non-polymer 'MAGNESIUM ION' 'Mg 2'
#
# COMPACT_ATOMS: atom_id res chain seq x y z
N MET A 1 2.59 -30.26 16.25
CA MET A 1 1.36 -30.33 15.48
C MET A 1 0.27 -31.06 16.25
N ASN A 2 -0.52 -30.30 17.02
CA ASN A 2 -1.62 -30.87 17.79
C ASN A 2 -2.79 -29.89 17.79
N LEU A 3 -3.99 -30.44 17.85
CA LEU A 3 -5.20 -29.63 17.73
C LEU A 3 -5.45 -28.79 18.99
N GLU A 4 -5.04 -29.30 20.16
CA GLU A 4 -5.38 -28.64 21.42
C GLU A 4 -4.81 -27.23 21.48
N VAL A 5 -3.51 -27.09 21.24
CA VAL A 5 -2.88 -25.76 21.28
C VAL A 5 -3.51 -24.84 20.23
N LEU A 6 -3.76 -25.38 19.04
CA LEU A 6 -4.31 -24.59 17.95
C LEU A 6 -5.66 -24.00 18.32
N CYS A 7 -6.58 -24.85 18.81
CA CYS A 7 -7.88 -24.34 19.21
C CYS A 7 -7.82 -23.48 20.46
N GLY A 8 -6.83 -23.70 21.33
CA GLY A 8 -6.65 -22.84 22.49
C GLY A 8 -6.10 -21.48 22.15
N ARG A 9 -5.51 -21.31 20.96
CA ARG A 9 -5.00 -20.01 20.57
C ARG A 9 -6.11 -18.98 20.42
N ILE A 10 -7.24 -19.37 19.82
CA ILE A 10 -8.28 -18.40 19.43
C ILE A 10 -9.18 -18.11 20.62
N ASN A 11 -9.48 -16.82 20.82
CA ASN A 11 -10.44 -16.36 21.80
C ASN A 11 -11.64 -15.76 21.09
N VAL A 12 -12.85 -16.09 21.57
CA VAL A 12 -14.08 -15.70 20.92
C VAL A 12 -14.99 -15.02 21.93
N GLU A 13 -15.75 -14.03 21.46
CA GLU A 13 -16.79 -13.37 22.23
C GLU A 13 -18.14 -14.02 21.92
N ASN A 14 -19.11 -13.78 22.81
CA ASN A 14 -20.43 -14.40 22.67
C ASN A 14 -21.02 -14.13 21.30
N GLY A 15 -21.59 -15.17 20.71
CA GLY A 15 -22.11 -15.12 19.36
C GLY A 15 -21.30 -16.01 18.43
N LEU A 16 -21.60 -15.89 17.14
CA LEU A 16 -20.88 -16.62 16.11
C LEU A 16 -19.77 -15.74 15.54
N SER A 17 -18.60 -16.34 15.35
CA SER A 17 -17.44 -15.62 14.84
C SER A 17 -16.80 -16.38 13.70
N LEU A 18 -16.28 -15.61 12.73
CA LEU A 18 -15.51 -16.16 11.63
C LEU A 18 -14.06 -15.71 11.63
N GLY A 19 -13.71 -14.68 12.40
CA GLY A 19 -12.34 -14.22 12.47
C GLY A 19 -11.89 -13.52 11.20
N GLU A 20 -10.58 -13.57 10.95
CA GLU A 20 -9.98 -12.95 9.79
C GLU A 20 -9.03 -13.92 9.12
N PRO A 21 -9.20 -14.19 7.82
CA PRO A 21 -8.30 -15.13 7.14
C PRO A 21 -6.93 -14.52 6.92
N GLY A 22 -5.88 -15.31 7.18
CA GLY A 22 -4.52 -14.87 7.01
C GLY A 22 -3.75 -15.80 6.09
N LEU A 23 -2.79 -15.23 5.36
CA LEU A 23 -2.06 -15.94 4.33
C LEU A 23 -0.61 -16.12 4.76
N TYR A 24 -0.18 -17.38 4.89
CA TYR A 24 1.21 -17.73 5.15
C TYR A 24 1.82 -18.35 3.91
N ASP A 25 3.13 -18.24 3.79
CA ASP A 25 3.83 -18.66 2.58
C ASP A 25 5.14 -19.34 2.97
N GLN A 26 5.99 -19.58 1.97
CA GLN A 26 7.26 -20.25 2.17
C GLN A 26 8.33 -19.23 2.53
N ILE A 27 9.03 -19.48 3.63
CA ILE A 27 10.13 -18.63 4.07
C ILE A 27 11.39 -19.46 4.26
N TYR A 28 11.28 -20.51 5.06
CA TYR A 28 12.43 -21.36 5.37
C TYR A 28 12.74 -22.26 4.18
N ASP A 29 13.75 -23.12 4.33
CA ASP A 29 14.11 -24.05 3.28
C ASP A 29 13.13 -25.21 3.23
N ARG A 30 12.66 -25.53 2.04
CA ARG A 30 11.70 -26.61 1.85
C ARG A 30 12.35 -27.96 2.14
N PRO A 31 11.80 -28.75 3.04
CA PRO A 31 12.30 -30.12 3.25
C PRO A 31 11.59 -31.09 2.32
N GLY A 32 11.94 -32.36 2.44
CA GLY A 32 11.24 -33.39 1.71
C GLY A 32 12.03 -34.07 0.60
N LEU A 33 11.35 -34.41 -0.49
CA LEU A 33 11.90 -35.20 -1.57
C LEU A 33 12.59 -36.49 -1.09
N PRO A 34 11.84 -37.38 -0.43
CA PRO A 34 12.43 -38.66 -0.04
C PRO A 34 12.40 -39.67 -1.18
N ASP A 35 12.80 -40.91 -0.91
CA ASP A 35 12.71 -41.96 -1.92
C ASP A 35 11.25 -42.28 -2.20
N LEU A 36 10.81 -42.00 -3.43
CA LEU A 36 9.42 -42.18 -3.84
C LEU A 36 9.31 -43.41 -4.72
N ASP A 37 8.56 -44.40 -4.25
CA ASP A 37 8.40 -45.69 -4.93
C ASP A 37 6.92 -46.01 -5.04
N VAL A 38 6.28 -45.54 -6.11
CA VAL A 38 4.85 -45.72 -6.31
C VAL A 38 4.64 -46.82 -7.35
N THR A 39 3.92 -47.87 -6.95
CA THR A 39 3.57 -48.98 -7.84
C THR A 39 2.09 -49.28 -7.67
N VAL A 40 1.30 -48.97 -8.68
CA VAL A 40 -0.13 -49.25 -8.65
C VAL A 40 -0.37 -50.72 -8.99
N ASP A 41 -1.13 -51.40 -8.14
CA ASP A 41 -1.38 -52.83 -8.32
C ASP A 41 -2.77 -53.14 -7.77
N ALA A 42 -3.05 -54.44 -7.58
CA ALA A 42 -4.38 -54.85 -7.14
C ALA A 42 -4.70 -54.30 -5.76
N THR A 43 -3.79 -54.45 -4.80
CA THR A 43 -4.02 -54.00 -3.44
C THR A 43 -3.97 -52.48 -3.29
N GLY A 44 -3.89 -51.74 -4.39
CA GLY A 44 -3.88 -50.29 -4.32
C GLY A 44 -2.58 -49.67 -4.79
N VAL A 45 -1.87 -49.01 -3.87
CA VAL A 45 -0.62 -48.35 -4.18
C VAL A 45 0.42 -48.74 -3.14
N THR A 46 1.68 -48.47 -3.46
CA THR A 46 2.80 -48.76 -2.58
C THR A 46 3.69 -47.51 -2.52
N VAL A 47 4.37 -47.34 -1.39
CA VAL A 47 5.25 -46.19 -1.18
C VAL A 47 6.35 -46.61 -0.21
N ASP A 48 7.44 -45.86 -0.20
CA ASP A 48 8.52 -46.09 0.74
C ASP A 48 9.22 -44.77 1.09
N LEU A 67 8.53 -49.67 2.94
CA LEU A 67 7.64 -50.44 2.10
C LEU A 67 6.25 -50.54 2.73
N ILE A 68 5.42 -49.53 2.48
CA ILE A 68 4.07 -49.44 3.04
C ILE A 68 3.08 -49.43 1.89
N THR A 69 2.07 -50.29 1.97
CA THR A 69 1.04 -50.41 0.95
C THR A 69 -0.26 -49.79 1.45
N ILE A 70 -0.89 -48.97 0.60
CA ILE A 70 -2.10 -48.26 0.95
C ILE A 70 -3.20 -48.70 -0.02
N GLN A 71 -4.44 -48.61 0.46
CA GLN A 71 -5.60 -49.05 -0.31
C GLN A 71 -5.88 -48.10 -1.47
N LEU A 72 -6.48 -48.64 -2.52
CA LEU A 72 -6.67 -47.88 -3.77
C LEU A 72 -7.65 -46.73 -3.57
N SER A 73 -8.90 -47.04 -3.18
CA SER A 73 -9.86 -45.97 -2.94
C SER A 73 -9.44 -45.08 -1.77
N GLU A 74 -8.59 -45.59 -0.88
CA GLU A 74 -7.99 -44.72 0.12
C GLU A 74 -6.99 -43.77 -0.52
N ALA A 75 -6.25 -44.25 -1.53
CA ALA A 75 -5.37 -43.36 -2.29
C ALA A 75 -6.17 -42.31 -3.05
N TYR A 76 -7.40 -42.65 -3.45
CA TYR A 76 -8.30 -41.67 -4.05
C TYR A 76 -8.58 -40.48 -3.13
N LYS A 77 -8.29 -40.61 -1.85
CA LYS A 77 -8.52 -39.54 -0.89
C LYS A 77 -7.34 -39.28 0.03
N ILE A 78 -6.16 -39.85 -0.25
CA ILE A 78 -4.99 -39.65 0.60
C ILE A 78 -4.56 -38.20 0.61
N ASN A 79 -4.94 -37.44 -0.42
CA ASN A 79 -4.50 -36.04 -0.54
C ASN A 79 -4.88 -35.21 0.68
N HIS A 80 -5.95 -35.58 1.38
CA HIS A 80 -6.40 -34.86 2.55
C HIS A 80 -6.09 -35.58 3.85
N ASP A 81 -6.17 -36.91 3.87
CA ASP A 81 -5.88 -37.67 5.08
C ASP A 81 -4.43 -37.50 5.51
N PHE A 82 -3.50 -37.67 4.56
CA PHE A 82 -2.09 -37.50 4.87
C PHE A 82 -1.76 -36.06 5.25
N THR A 83 -2.35 -35.10 4.54
CA THR A 83 -2.04 -33.69 4.78
C THR A 83 -2.41 -33.27 6.20
N PHE A 84 -3.50 -33.81 6.73
CA PHE A 84 -3.99 -33.45 8.05
C PHE A 84 -4.02 -34.68 8.96
N SER A 85 -2.95 -35.47 8.93
CA SER A 85 -2.91 -36.71 9.71
C SER A 85 -2.94 -36.45 11.21
N GLY A 86 -2.36 -35.34 11.66
CA GLY A 86 -2.29 -35.04 13.08
C GLY A 86 -3.39 -34.17 13.62
N LEU A 87 -4.51 -34.04 12.91
CA LEU A 87 -5.61 -33.18 13.34
C LEU A 87 -6.85 -33.96 13.70
N SER A 88 -7.35 -34.82 12.81
CA SER A 88 -8.60 -35.55 13.03
C SER A 88 -8.30 -36.81 13.84
N LYS A 89 -8.34 -36.66 15.17
CA LYS A 89 -8.18 -37.78 16.08
C LYS A 89 -9.39 -37.93 17.01
N THR A 90 -10.47 -37.21 16.75
CA THR A 90 -11.65 -37.22 17.61
C THR A 90 -12.50 -38.46 17.30
N THR A 91 -13.71 -38.49 17.86
CA THR A 91 -14.63 -39.61 17.69
C THR A 91 -15.69 -39.33 16.63
N ASP A 92 -15.50 -38.30 15.80
CA ASP A 92 -16.38 -38.00 14.66
C ASP A 92 -17.81 -37.75 15.13
N ARG A 93 -17.97 -36.67 15.90
CA ARG A 93 -19.29 -36.23 16.31
C ARG A 93 -20.08 -35.73 15.10
N ARG A 94 -21.33 -35.36 15.34
CA ARG A 94 -22.21 -34.81 14.32
C ARG A 94 -22.69 -33.43 14.74
N LEU A 95 -23.36 -32.75 13.81
CA LEU A 95 -23.90 -31.42 14.10
C LEU A 95 -24.98 -31.48 15.16
N SER A 96 -25.82 -32.51 15.13
CA SER A 96 -26.93 -32.62 16.08
C SER A 96 -26.42 -32.82 17.50
N GLU A 97 -25.32 -33.56 17.66
CA GLU A 97 -24.85 -33.94 19.00
C GLU A 97 -24.40 -32.76 19.84
N VAL A 98 -24.21 -31.58 19.25
CA VAL A 98 -23.72 -30.42 19.98
C VAL A 98 -24.76 -29.32 20.07
N PHE A 99 -25.54 -29.12 19.01
CA PHE A 99 -26.49 -28.03 18.95
C PHE A 99 -27.92 -28.54 19.02
N PRO A 100 -28.87 -27.72 19.49
CA PRO A 100 -30.27 -28.14 19.51
C PRO A 100 -30.79 -28.43 18.11
N ILE A 101 -31.76 -29.34 18.03
CA ILE A 101 -32.27 -29.81 16.76
C ILE A 101 -33.05 -28.70 16.08
N THR A 102 -32.80 -28.50 14.78
CA THR A 102 -33.52 -27.52 14.00
C THR A 102 -34.48 -28.12 12.99
N HIS A 103 -34.31 -29.40 12.64
CA HIS A 103 -35.18 -30.12 11.70
C HIS A 103 -35.23 -29.45 10.32
N ASP A 104 -34.19 -28.71 9.95
CA ASP A 104 -34.12 -28.06 8.65
C ASP A 104 -33.31 -28.88 7.65
N GLY A 105 -33.21 -30.19 7.85
CA GLY A 105 -32.49 -31.04 6.93
C GLY A 105 -30.99 -31.10 7.18
N SER A 106 -30.43 -30.00 7.67
CA SER A 106 -29.00 -29.91 7.92
C SER A 106 -28.56 -30.61 9.20
N ASP A 107 -29.44 -31.40 9.83
CA ASP A 107 -29.08 -32.14 11.03
C ASP A 107 -28.16 -33.33 10.72
N GLY A 108 -27.88 -33.61 9.46
CA GLY A 108 -26.97 -34.68 9.10
C GLY A 108 -25.69 -34.15 8.47
N MET A 109 -25.42 -32.87 8.68
CA MET A 109 -24.21 -32.24 8.15
C MET A 109 -23.03 -32.63 9.02
N THR A 110 -22.08 -33.37 8.44
CA THR A 110 -20.96 -33.89 9.20
C THR A 110 -19.75 -32.99 9.01
N PRO A 111 -19.25 -32.35 10.06
CA PRO A 111 -18.05 -31.52 9.92
C PRO A 111 -16.81 -32.40 9.84
N ASP A 112 -15.65 -31.75 9.78
CA ASP A 112 -14.38 -32.45 9.79
C ASP A 112 -13.71 -32.46 11.15
N VAL A 113 -13.86 -31.39 11.94
CA VAL A 113 -13.52 -31.45 13.35
C VAL A 113 -14.42 -30.52 14.15
N ILE A 114 -15.17 -31.09 15.09
CA ILE A 114 -16.02 -30.35 15.99
C ILE A 114 -15.43 -30.49 17.38
N HIS A 115 -14.88 -29.39 17.90
CA HIS A 115 -14.19 -29.39 19.18
C HIS A 115 -14.96 -28.54 20.18
N THR A 116 -14.93 -28.96 21.44
CA THR A 116 -15.60 -28.24 22.52
C THR A 116 -14.64 -28.27 23.73
N ARG A 117 -13.83 -27.22 23.85
CA ARG A 117 -12.95 -27.12 25.00
C ARG A 117 -13.76 -26.90 26.27
N LEU A 118 -13.06 -26.91 27.40
CA LEU A 118 -13.73 -26.91 28.71
C LEU A 118 -14.47 -25.61 29.01
N ASP A 119 -14.51 -24.64 28.10
CA ASP A 119 -15.28 -23.42 28.31
C ASP A 119 -16.51 -23.35 27.41
N GLY A 120 -16.93 -24.47 26.83
CA GLY A 120 -18.10 -24.49 25.97
C GLY A 120 -17.93 -23.73 24.67
N THR A 121 -16.72 -23.25 24.40
CA THR A 121 -16.47 -22.49 23.17
C THR A 121 -16.43 -23.42 21.97
N ILE A 122 -17.60 -23.69 21.38
CA ILE A 122 -17.69 -24.59 20.25
C ILE A 122 -16.83 -24.09 19.09
N VAL A 123 -16.12 -25.02 18.44
CA VAL A 123 -15.25 -24.70 17.33
C VAL A 123 -15.46 -25.75 16.25
N VAL A 124 -16.07 -25.36 15.13
CA VAL A 124 -16.23 -26.23 13.98
C VAL A 124 -15.21 -25.83 12.93
N VAL A 125 -14.45 -26.80 12.43
CA VAL A 125 -13.40 -26.54 11.45
C VAL A 125 -13.45 -27.58 10.36
N GLU A 126 -13.31 -27.12 9.11
CA GLU A 126 -13.24 -27.99 7.95
C GLU A 126 -11.99 -27.63 7.13
N PHE A 127 -11.27 -28.65 6.68
CA PHE A 127 -10.06 -28.45 5.90
C PHE A 127 -10.32 -28.74 4.43
N THR A 128 -9.48 -28.14 3.58
CA THR A 128 -9.58 -28.34 2.15
C THR A 128 -8.19 -28.21 1.53
N THR A 129 -8.04 -28.79 0.35
CA THR A 129 -6.76 -28.78 -0.37
C THR A 129 -7.02 -28.57 -1.85
N THR A 130 -6.38 -27.56 -2.43
CA THR A 130 -6.56 -27.21 -3.83
C THR A 130 -5.23 -27.36 -4.57
N ARG A 131 -5.32 -27.64 -5.86
CA ARG A 131 -4.17 -27.85 -6.72
C ARG A 131 -3.93 -26.65 -7.65
N SER A 132 -4.23 -25.45 -7.16
CA SER A 132 -3.98 -24.23 -7.90
C SER A 132 -2.56 -23.74 -7.58
N HIS A 133 -2.24 -22.52 -8.02
CA HIS A 133 -0.92 -21.96 -7.77
C HIS A 133 -0.92 -20.49 -7.39
N ASN A 134 -2.09 -19.88 -7.20
CA ASN A 134 -2.17 -18.45 -6.91
C ASN A 134 -3.22 -18.23 -5.83
N ILE A 135 -3.57 -16.97 -5.60
CA ILE A 135 -4.60 -16.63 -4.62
C ILE A 135 -5.99 -17.00 -5.12
N GLY A 136 -6.13 -17.24 -6.42
CA GLY A 136 -7.41 -17.55 -7.02
C GLY A 136 -8.09 -18.78 -6.44
N GLY A 137 -7.45 -19.94 -6.60
CA GLY A 137 -8.03 -21.16 -6.05
C GLY A 137 -8.17 -21.12 -4.54
N LEU A 138 -7.25 -20.44 -3.86
CA LEU A 138 -7.33 -20.31 -2.40
C LEU A 138 -8.61 -19.59 -1.99
N GLU A 139 -8.82 -18.41 -2.58
CA GLU A 139 -10.03 -17.60 -2.30
C GLU A 139 -11.27 -18.40 -2.70
N ALA A 140 -11.20 -19.12 -3.83
CA ALA A 140 -12.35 -19.90 -4.29
C ALA A 140 -12.73 -20.97 -3.28
N ALA A 141 -11.74 -21.72 -2.78
CA ALA A 141 -12.02 -22.74 -1.78
C ALA A 141 -12.57 -22.12 -0.49
N TYR A 142 -11.98 -20.99 -0.07
CA TYR A 142 -12.49 -20.32 1.12
C TYR A 142 -13.95 -19.95 0.96
N ARG A 143 -14.29 -19.32 -0.17
CA ARG A 143 -15.67 -18.90 -0.40
C ARG A 143 -16.62 -20.08 -0.48
N THR A 144 -16.22 -21.16 -1.16
CA THR A 144 -17.13 -22.29 -1.29
C THR A 144 -17.32 -23.02 0.03
N LYS A 145 -16.29 -23.05 0.89
CA LYS A 145 -16.47 -23.64 2.21
C LYS A 145 -17.39 -22.78 3.07
N ILE A 146 -17.19 -21.47 3.05
CA ILE A 146 -18.09 -20.57 3.78
C ILE A 146 -19.52 -20.73 3.29
N GLU A 147 -19.70 -20.86 1.97
CA GLU A 147 -21.04 -21.05 1.42
C GLU A 147 -21.64 -22.38 1.89
N LYS A 148 -20.82 -23.44 1.90
CA LYS A 148 -21.31 -24.74 2.32
C LYS A 148 -21.77 -24.73 3.77
N TYR A 149 -21.05 -24.02 4.65
CA TYR A 149 -21.29 -24.15 6.08
C TYR A 149 -21.85 -22.89 6.73
N ARG A 150 -22.34 -21.91 5.94
CA ARG A 150 -22.82 -20.68 6.54
C ARG A 150 -24.13 -20.86 7.29
N ASP A 151 -25.20 -21.24 6.59
CA ASP A 151 -26.55 -21.13 7.14
C ASP A 151 -26.88 -22.08 8.29
N PRO A 152 -26.49 -23.37 8.27
CA PRO A 152 -26.92 -24.25 9.37
C PRO A 152 -26.36 -23.81 10.71
N ILE A 153 -25.11 -23.38 10.76
CA ILE A 153 -24.50 -22.97 12.03
C ILE A 153 -25.17 -21.71 12.55
N SER A 154 -25.54 -20.79 11.66
CA SER A 154 -26.27 -19.60 12.09
C SER A 154 -27.64 -19.96 12.63
N ARG A 155 -28.34 -20.87 11.95
CA ARG A 155 -29.64 -21.33 12.46
C ARG A 155 -29.49 -21.93 13.86
N ARG A 156 -28.48 -22.78 14.04
CA ARG A 156 -28.28 -23.42 15.34
C ARG A 156 -27.89 -22.42 16.41
N VAL A 157 -27.11 -21.40 16.06
CA VAL A 157 -26.73 -20.39 17.04
C VAL A 157 -27.88 -19.45 17.34
N ASP A 158 -28.89 -19.40 16.47
CA ASP A 158 -30.04 -18.56 16.74
C ASP A 158 -30.93 -19.12 17.86
N ILE A 159 -30.71 -20.35 18.30
CA ILE A 159 -31.58 -20.97 19.30
C ILE A 159 -30.79 -21.42 20.53
N MET A 160 -29.72 -20.69 20.86
CA MET A 160 -28.92 -20.99 22.03
C MET A 160 -29.01 -19.84 23.03
N GLU A 161 -28.64 -20.13 24.28
CA GLU A 161 -28.79 -19.15 25.35
C GLU A 161 -27.64 -18.15 25.36
N ASN A 162 -26.42 -18.63 25.59
CA ASN A 162 -25.22 -17.79 25.65
C ASN A 162 -24.15 -18.38 24.75
N PRO A 163 -24.38 -18.39 23.44
CA PRO A 163 -23.48 -19.12 22.54
C PRO A 163 -22.21 -18.34 22.23
N ARG A 164 -21.08 -19.05 22.31
CA ARG A 164 -19.77 -18.53 21.92
C ARG A 164 -19.17 -19.55 20.95
N VAL A 165 -19.49 -19.42 19.67
CA VAL A 165 -19.08 -20.39 18.66
C VAL A 165 -18.15 -19.71 17.67
N PHE A 166 -17.02 -20.35 17.40
CA PHE A 166 -16.06 -19.90 16.40
C PHE A 166 -16.06 -20.86 15.23
N PHE A 167 -15.81 -20.31 14.04
CA PHE A 167 -15.73 -21.10 12.82
C PHE A 167 -14.42 -20.75 12.12
N GLY A 168 -13.72 -21.77 11.64
CA GLY A 168 -12.45 -21.57 10.97
C GLY A 168 -12.29 -22.54 9.83
N VAL A 169 -11.61 -22.08 8.79
CA VAL A 169 -11.33 -22.88 7.60
C VAL A 169 -9.83 -22.91 7.37
N ILE A 170 -9.35 -24.03 6.87
CA ILE A 170 -7.93 -24.24 6.59
C ILE A 170 -7.82 -24.71 5.15
N VAL A 171 -7.14 -23.94 4.31
CA VAL A 171 -6.90 -24.34 2.92
C VAL A 171 -5.41 -24.24 2.65
N VAL A 172 -4.87 -25.25 1.96
CA VAL A 172 -3.45 -25.37 1.74
C VAL A 172 -3.17 -25.53 0.25
N SER A 173 -1.95 -25.19 -0.15
CA SER A 173 -1.50 -25.33 -1.52
C SER A 173 0.03 -25.33 -1.51
N SER A 174 0.60 -25.77 -2.63
CA SER A 174 2.05 -25.79 -2.74
C SER A 174 2.66 -24.41 -2.64
N GLY A 175 1.89 -23.36 -2.92
CA GLY A 175 2.39 -22.01 -2.80
C GLY A 175 2.27 -21.44 -1.41
N GLY A 176 1.09 -21.53 -0.82
CA GLY A 176 0.89 -20.99 0.51
C GLY A 176 -0.27 -21.67 1.21
N VAL A 177 -0.69 -21.07 2.32
CA VAL A 177 -1.76 -21.60 3.16
C VAL A 177 -2.60 -20.44 3.66
N LEU A 178 -3.92 -20.54 3.45
CA LEU A 178 -4.86 -19.52 3.92
C LEU A 178 -5.69 -20.09 5.06
N SER A 179 -5.70 -19.37 6.18
CA SER A 179 -6.35 -19.88 7.38
C SER A 179 -6.60 -18.71 8.32
N ASN A 180 -7.79 -18.70 8.93
CA ASN A 180 -8.18 -17.63 9.85
C ASN A 180 -7.76 -17.91 11.29
N MET A 181 -7.17 -19.07 11.56
CA MET A 181 -6.69 -19.39 12.90
C MET A 181 -5.19 -19.17 12.96
N PRO A 182 -4.68 -18.32 13.85
CA PRO A 182 -3.26 -17.97 13.82
C PRO A 182 -2.36 -19.19 14.02
N LEU A 183 -1.28 -19.23 13.23
CA LEU A 183 -0.32 -20.32 13.31
C LEU A 183 1.10 -19.77 13.41
N THR A 184 2.09 -20.65 13.28
CA THR A 184 3.49 -20.28 13.24
C THR A 184 4.10 -20.89 11.98
N GLN A 185 5.04 -20.17 11.37
CA GLN A 185 5.58 -20.55 10.07
C GLN A 185 6.06 -22.00 10.01
N ASP A 186 6.43 -22.57 11.17
CA ASP A 186 6.88 -23.96 11.18
C ASP A 186 5.75 -24.91 10.79
N GLU A 187 4.57 -24.71 11.37
CA GLU A 187 3.44 -25.58 11.02
C GLU A 187 3.00 -25.35 9.58
N ALA A 188 3.08 -24.10 9.10
CA ALA A 188 2.77 -23.84 7.69
C ALA A 188 3.72 -24.59 6.77
N GLU A 189 5.02 -24.58 7.10
CA GLU A 189 5.98 -25.33 6.29
C GLU A 189 5.71 -26.82 6.35
N GLU A 190 5.43 -27.35 7.54
CA GLU A 190 5.10 -28.76 7.68
C GLU A 190 3.91 -29.13 6.82
N LEU A 191 2.83 -28.34 6.90
CA LEU A 191 1.64 -28.61 6.12
C LEU A 191 1.93 -28.56 4.62
N MET A 192 2.66 -27.53 4.18
CA MET A 192 2.92 -27.38 2.76
C MET A 192 3.75 -28.53 2.21
N TYR A 193 4.77 -28.97 2.94
CA TYR A 193 5.60 -30.04 2.41
C TYR A 193 4.90 -31.39 2.49
N ARG A 194 4.13 -31.62 3.55
CA ARG A 194 3.29 -32.81 3.60
C ARG A 194 2.32 -32.83 2.42
N PHE A 195 1.72 -31.69 2.11
CA PHE A 195 0.79 -31.63 0.97
C PHE A 195 1.52 -31.86 -0.34
N CYS A 196 2.76 -31.37 -0.46
CA CYS A 196 3.54 -31.65 -1.66
C CYS A 196 3.73 -33.14 -1.86
N ILE A 197 4.19 -33.83 -0.80
CA ILE A 197 4.38 -35.28 -0.89
C ILE A 197 3.05 -35.97 -1.22
N ALA A 198 1.97 -35.56 -0.57
CA ALA A 198 0.69 -36.22 -0.75
C ALA A 198 0.15 -36.02 -2.17
N ASN A 199 0.23 -34.78 -2.68
CA ASN A 199 -0.21 -34.52 -4.04
C ASN A 199 0.65 -35.28 -5.05
N GLU A 200 1.95 -35.40 -4.78
CA GLU A 200 2.81 -36.16 -5.68
C GLU A 200 2.37 -37.61 -5.76
N ILE A 201 2.21 -38.27 -4.60
CA ILE A 201 1.83 -39.69 -4.63
C ILE A 201 0.42 -39.83 -5.21
N TYR A 202 -0.45 -38.86 -4.96
CA TYR A 202 -1.80 -38.88 -5.53
C TYR A 202 -1.74 -38.88 -7.05
N THR A 203 -1.12 -37.85 -7.65
CA THR A 203 -1.09 -37.76 -9.10
C THR A 203 -0.31 -38.91 -9.73
N LYS A 204 0.68 -39.46 -9.01
CA LYS A 204 1.38 -40.63 -9.55
C LYS A 204 0.51 -41.87 -9.48
N ALA A 205 -0.44 -41.91 -8.54
CA ALA A 205 -1.38 -43.02 -8.44
C ALA A 205 -2.49 -42.95 -9.48
N ARG A 206 -2.48 -41.94 -10.35
CA ARG A 206 -3.50 -41.80 -11.38
C ARG A 206 -2.88 -41.35 -12.70
N GLN A 215 -14.98 -28.90 -9.52
CA GLN A 215 -15.71 -28.72 -10.77
C GLN A 215 -15.88 -27.23 -11.09
N LYS A 216 -15.38 -26.83 -12.27
CA LYS A 216 -15.42 -25.43 -12.66
C LYS A 216 -16.84 -25.01 -13.00
N SER A 217 -17.04 -23.69 -13.13
CA SER A 217 -18.33 -23.12 -13.47
C SER A 217 -18.50 -23.18 -14.99
N GLU A 218 -19.54 -22.50 -15.49
CA GLU A 218 -19.84 -22.52 -16.92
C GLU A 218 -19.18 -21.37 -17.67
N GLU A 219 -19.04 -20.21 -17.06
CA GLU A 219 -18.46 -19.06 -17.74
C GLU A 219 -17.02 -19.33 -18.14
N GLU A 220 -16.18 -19.68 -17.17
CA GLU A 220 -14.80 -20.06 -17.47
C GLU A 220 -14.75 -21.24 -18.42
N LEU A 221 -15.70 -22.17 -18.30
CA LEU A 221 -15.76 -23.31 -19.21
C LEU A 221 -16.02 -22.87 -20.64
N GLU A 222 -16.69 -21.73 -20.82
CA GLU A 222 -16.88 -21.19 -22.16
C GLU A 222 -15.67 -20.41 -22.61
N ALA A 223 -15.05 -19.64 -21.72
CA ALA A 223 -13.90 -18.82 -22.09
C ALA A 223 -12.71 -19.67 -22.50
N ILE A 224 -12.47 -20.79 -21.80
CA ILE A 224 -11.34 -21.63 -22.14
C ILE A 224 -11.48 -22.15 -23.56
N SER A 225 -12.68 -22.61 -23.94
CA SER A 225 -12.89 -23.10 -25.29
C SER A 225 -12.82 -21.97 -26.30
N ARG A 226 -13.35 -20.80 -25.95
CA ARG A 226 -13.31 -19.66 -26.85
C ARG A 226 -11.87 -19.27 -27.20
N ALA A 227 -10.97 -19.35 -26.21
CA ALA A 227 -9.58 -19.00 -26.47
C ALA A 227 -8.83 -20.15 -27.14
N LEU A 228 -9.14 -21.39 -26.77
CA LEU A 228 -8.47 -22.53 -27.39
C LEU A 228 -8.79 -22.63 -28.86
N SER A 229 -10.04 -22.38 -29.25
CA SER A 229 -10.39 -22.38 -30.66
C SER A 229 -9.56 -21.37 -31.44
N PHE A 230 -9.49 -20.14 -30.94
CA PHE A 230 -8.70 -19.10 -31.60
C PHE A 230 -7.25 -19.52 -31.75
N PHE A 231 -6.64 -20.01 -30.67
CA PHE A 231 -5.25 -20.42 -30.74
C PHE A 231 -5.06 -21.58 -31.70
N SER A 232 -6.05 -22.46 -31.83
CA SER A 232 -5.92 -23.59 -32.72
C SER A 232 -6.07 -23.18 -34.19
N LEU A 233 -6.87 -22.16 -34.47
CA LEU A 233 -7.07 -21.72 -35.85
C LEU A 233 -6.37 -20.41 -36.17
N PHE A 234 -5.52 -19.91 -35.27
CA PHE A 234 -4.78 -18.69 -35.55
C PHE A 234 -3.68 -18.97 -36.57
N GLU A 235 -3.68 -18.19 -37.66
CA GLU A 235 -2.71 -18.38 -38.74
C GLU A 235 -2.01 -17.06 -39.03
N PRO A 236 -0.78 -16.89 -38.55
CA PRO A 236 0.03 -15.76 -38.98
C PRO A 236 0.84 -16.12 -40.22
N ASN A 237 0.90 -15.17 -41.16
CA ASN A 237 1.63 -15.43 -42.40
C ASN A 237 3.12 -15.40 -42.12
N ILE A 238 3.69 -16.57 -41.83
CA ILE A 238 5.09 -16.64 -41.41
C ILE A 238 6.01 -16.24 -42.56
N GLU A 239 5.57 -16.41 -43.80
CA GLU A 239 6.44 -16.11 -44.93
C GLU A 239 6.54 -14.60 -45.16
N ARG A 240 5.39 -13.92 -45.23
CA ARG A 240 5.41 -12.47 -45.29
C ARG A 240 6.07 -11.87 -44.06
N VAL A 241 5.99 -12.55 -42.92
CA VAL A 241 6.68 -12.10 -41.72
C VAL A 241 8.19 -12.16 -41.90
N GLU A 242 8.68 -13.32 -42.37
CA GLU A 242 10.11 -13.45 -42.66
C GLU A 242 10.55 -12.43 -43.70
N GLY A 243 9.66 -12.05 -44.60
CA GLY A 243 9.97 -11.02 -45.59
C GLY A 243 10.08 -9.63 -45.01
N THR A 244 9.03 -9.16 -44.35
CA THR A 244 8.96 -7.78 -43.88
C THR A 244 9.76 -7.53 -42.61
N PHE A 245 10.46 -8.52 -42.08
CA PHE A 245 11.23 -8.34 -40.86
C PHE A 245 12.61 -8.98 -41.02
N PRO A 246 13.65 -8.35 -40.47
CA PRO A 246 15.03 -8.74 -40.81
C PRO A 246 15.39 -10.17 -40.44
N ASN A 247 15.31 -10.52 -39.16
CA ASN A 247 15.86 -11.78 -38.66
C ASN A 247 14.84 -12.56 -37.87
N SER A 248 13.65 -12.73 -38.44
CA SER A 248 12.59 -13.54 -37.85
C SER A 248 12.53 -14.85 -38.63
N GLU A 249 13.08 -15.91 -38.04
CA GLU A 249 13.12 -17.22 -38.68
C GLU A 249 12.85 -18.29 -37.63
N ILE A 250 11.87 -19.15 -37.90
CA ILE A 250 11.50 -20.21 -36.96
C ILE A 250 12.63 -21.21 -36.77
N GLU A 251 13.58 -21.28 -37.71
CA GLU A 251 14.70 -22.20 -37.58
C GLU A 251 15.50 -21.92 -36.33
N MET A 252 15.71 -20.63 -36.01
CA MET A 252 16.42 -20.27 -34.79
C MET A 252 15.71 -20.81 -33.56
N LEU A 253 14.39 -20.64 -33.49
CA LEU A 253 13.65 -21.10 -32.32
C LEU A 253 13.69 -22.61 -32.19
N GLU A 254 13.44 -23.33 -33.29
CA GLU A 254 13.41 -24.79 -33.19
C GLU A 254 14.79 -25.35 -32.87
N GLN A 255 15.85 -24.77 -33.44
CA GLN A 255 17.19 -25.26 -33.14
C GLN A 255 17.62 -24.88 -31.73
N PHE A 256 17.08 -23.79 -31.19
CA PHE A 256 17.35 -23.45 -29.79
C PHE A 256 16.64 -24.43 -28.86
N LEU A 257 15.42 -24.83 -29.21
CA LEU A 257 14.66 -25.72 -28.34
C LEU A 257 15.17 -27.16 -28.41
N SER A 258 15.62 -27.60 -29.59
CA SER A 258 15.91 -29.01 -29.79
C SER A 258 17.29 -29.39 -29.26
N THR A 259 18.34 -28.78 -29.80
CA THR A 259 19.70 -29.20 -29.48
C THR A 259 20.02 -28.91 -28.01
N PRO A 260 20.77 -29.78 -27.34
CA PRO A 260 21.16 -29.52 -25.95
C PRO A 260 22.26 -28.47 -25.84
N ALA A 261 22.74 -28.23 -24.62
CA ALA A 261 23.75 -27.22 -24.36
C ALA A 261 25.12 -27.85 -24.26
N ASP A 262 26.12 -27.19 -24.85
CA ASP A 262 27.50 -27.63 -24.76
C ASP A 262 27.98 -27.56 -23.31
N VAL A 263 29.01 -28.35 -23.00
CA VAL A 263 29.57 -28.42 -21.65
C VAL A 263 31.03 -27.98 -21.63
N ASP A 264 31.84 -28.49 -22.57
CA ASP A 264 33.26 -28.14 -22.61
C ASP A 264 33.45 -26.65 -22.86
N PHE A 265 32.68 -26.10 -23.80
CA PHE A 265 32.74 -24.66 -24.08
C PHE A 265 32.50 -23.85 -22.82
N ILE A 266 31.45 -24.19 -22.07
CA ILE A 266 31.14 -23.47 -20.84
C ILE A 266 32.30 -23.56 -19.86
N THR A 267 32.91 -24.75 -19.74
CA THR A 267 33.99 -24.92 -18.78
C THR A 267 35.18 -24.05 -19.14
N LYS A 268 35.63 -24.10 -20.40
CA LYS A 268 36.78 -23.29 -20.78
C LYS A 268 36.47 -21.80 -20.69
N THR A 269 35.23 -21.39 -21.01
CA THR A 269 34.88 -19.98 -20.92
C THR A 269 34.87 -19.51 -19.47
N LEU A 270 34.32 -20.32 -18.56
CA LEU A 270 34.33 -19.97 -17.16
C LEU A 270 35.76 -19.87 -16.62
N LYS A 271 36.62 -20.82 -17.01
CA LYS A 271 38.01 -20.76 -16.55
C LYS A 271 38.69 -19.49 -17.03
N ALA A 272 38.52 -19.15 -18.31
CA ALA A 272 39.14 -17.95 -18.86
C ALA A 272 38.63 -16.71 -18.14
N LYS A 273 37.31 -16.58 -18.01
CA LYS A 273 36.74 -15.42 -17.34
C LYS A 273 37.22 -15.33 -15.91
N GLU A 274 37.37 -16.47 -15.23
CA GLU A 274 37.78 -16.47 -13.83
C GLU A 274 39.22 -15.99 -13.68
N VAL A 275 40.14 -16.53 -14.50
CA VAL A 275 41.53 -16.10 -14.38
C VAL A 275 41.67 -14.64 -14.78
N GLU A 276 40.90 -14.19 -15.77
CA GLU A 276 40.93 -12.79 -16.16
C GLU A 276 40.47 -11.89 -15.01
N ALA A 277 39.35 -12.25 -14.38
CA ALA A 277 38.84 -11.45 -13.27
C ALA A 277 39.82 -11.43 -12.11
N TYR A 278 40.48 -12.56 -11.84
CA TYR A 278 41.45 -12.60 -10.75
C TYR A 278 42.62 -11.66 -11.03
N ALA A 279 43.18 -11.74 -12.25
CA ALA A 279 44.28 -10.85 -12.60
C ALA A 279 43.86 -9.39 -12.54
N ASP A 280 42.65 -9.08 -13.01
CA ASP A 280 42.17 -7.71 -12.97
C ASP A 280 42.06 -7.22 -11.52
N LEU A 281 41.50 -8.05 -10.63
CA LEU A 281 41.40 -7.66 -9.23
C LEU A 281 42.78 -7.38 -8.64
N CYS A 282 43.73 -8.30 -8.82
CA CYS A 282 45.06 -8.11 -8.26
C CYS A 282 45.72 -6.85 -8.80
N ASP A 283 45.69 -6.64 -10.11
CA ASP A 283 46.36 -5.48 -10.68
C ASP A 283 45.55 -4.20 -10.61
N SER A 284 44.34 -4.25 -10.05
CA SER A 284 43.55 -3.04 -9.85
C SER A 284 43.43 -2.60 -8.39
N HIS A 285 43.64 -3.50 -7.44
CA HIS A 285 43.56 -3.14 -6.03
C HIS A 285 44.89 -3.21 -5.32
N TYR A 286 46.00 -3.28 -6.07
CA TYR A 286 47.35 -3.19 -5.52
C TYR A 286 47.60 -4.27 -4.47
N LEU A 287 47.53 -5.52 -4.92
CA LEU A 287 47.87 -6.67 -4.09
C LEU A 287 49.28 -7.19 -4.36
N LYS A 288 50.15 -6.35 -4.90
CA LYS A 288 51.48 -6.76 -5.30
C LYS A 288 52.50 -5.69 -4.91
N PRO A 289 53.63 -6.08 -4.30
CA PRO A 289 53.80 -7.47 -3.88
C PRO A 289 53.41 -7.74 -2.43
N GLU A 290 53.68 -6.80 -1.52
CA GLU A 290 53.53 -7.08 -0.10
C GLU A 290 53.05 -5.90 0.73
N LYS A 291 52.72 -4.75 0.15
CA LYS A 291 52.45 -3.55 0.93
C LYS A 291 51.32 -3.78 1.93
N THR A 292 51.40 -3.07 3.06
CA THR A 292 50.34 -3.09 4.05
C THR A 292 49.20 -2.17 3.62
N ILE A 293 48.13 -2.17 4.42
CA ILE A 293 46.91 -1.46 4.06
C ILE A 293 47.19 0.03 3.89
N GLN A 294 47.98 0.62 4.80
CA GLN A 294 48.21 2.06 4.77
C GLN A 294 48.91 2.50 3.50
N GLU A 295 49.87 1.69 3.03
CA GLU A 295 50.59 2.05 1.81
C GLU A 295 49.66 1.99 0.60
N ARG A 296 48.86 0.93 0.50
CA ARG A 296 47.88 0.86 -0.57
C ARG A 296 46.92 2.04 -0.52
N LEU A 297 46.53 2.45 0.69
CA LEU A 297 45.58 3.56 0.81
C LEU A 297 46.21 4.88 0.37
N GLU A 298 47.47 5.14 0.75
CA GLU A 298 48.09 6.37 0.30
C GLU A 298 48.35 6.36 -1.20
N ILE A 299 48.66 5.19 -1.78
CA ILE A 299 48.78 5.10 -3.23
C ILE A 299 47.45 5.41 -3.90
N ASN A 300 46.36 4.87 -3.35
CA ASN A 300 45.03 5.16 -3.88
C ASN A 300 44.73 6.65 -3.78
N ARG A 301 45.12 7.28 -2.67
CA ARG A 301 44.90 8.72 -2.50
C ARG A 301 45.67 9.50 -3.56
N CYS A 302 46.93 9.14 -3.80
CA CYS A 302 47.72 9.81 -4.83
C CYS A 302 47.09 9.65 -6.21
N GLU A 303 46.61 8.44 -6.52
CA GLU A 303 46.00 8.21 -7.83
C GLU A 303 44.72 9.03 -7.98
N ALA A 304 43.89 9.09 -6.94
CA ALA A 304 42.67 9.89 -7.00
C ALA A 304 43.00 11.36 -7.18
N ILE A 305 44.01 11.85 -6.46
CA ILE A 305 44.44 13.24 -6.62
C ILE A 305 44.85 13.51 -8.07
N ASP A 306 45.66 12.62 -8.63
CA ASP A 306 46.09 12.77 -10.02
C ASP A 306 44.89 12.81 -10.97
N LYS A 307 43.92 11.93 -10.76
CA LYS A 307 42.79 11.87 -11.67
C LYS A 307 41.93 13.12 -11.58
N THR A 308 41.65 13.60 -10.36
CA THR A 308 40.87 14.82 -10.21
C THR A 308 41.62 16.02 -10.81
N GLN A 309 42.94 16.04 -10.63
CA GLN A 309 43.77 17.13 -11.19
C GLN A 309 43.65 17.11 -12.71
N ASP A 310 43.76 15.92 -13.32
CA ASP A 310 43.67 15.80 -14.77
C ASP A 310 42.30 16.23 -15.27
N LEU A 311 41.23 15.85 -14.57
CA LEU A 311 39.89 16.26 -14.97
C LEU A 311 39.76 17.78 -14.93
N LEU A 312 40.20 18.40 -13.84
CA LEU A 312 40.12 19.84 -13.71
C LEU A 312 40.88 20.54 -14.83
N ALA A 313 42.10 20.07 -15.12
CA ALA A 313 42.90 20.68 -16.17
C ALA A 313 42.23 20.53 -17.53
N GLY A 314 41.83 19.32 -17.88
CA GLY A 314 41.20 19.09 -19.17
C GLY A 314 39.91 19.85 -19.35
N LEU A 315 39.20 20.14 -18.25
CA LEU A 315 37.98 20.91 -18.37
C LEU A 315 38.27 22.40 -18.52
N HIS A 316 39.19 22.93 -17.69
CA HIS A 316 39.52 24.35 -17.76
C HIS A 316 40.15 24.73 -19.09
N ALA A 317 40.83 23.78 -19.74
CA ALA A 317 41.57 24.09 -20.96
C ALA A 317 40.69 24.57 -22.10
N ARG A 318 39.41 24.21 -22.10
CA ARG A 318 38.48 24.60 -23.17
C ARG A 318 37.35 25.41 -22.56
N SER A 319 37.59 26.71 -22.39
CA SER A 319 36.63 27.65 -21.82
C SER A 319 37.19 29.06 -21.87
N ASN A 320 36.32 30.07 -21.84
CA ASN A 320 36.80 31.44 -21.71
C ASN A 320 37.38 31.60 -20.31
N LYS A 321 38.70 31.66 -20.22
CA LYS A 321 39.40 31.63 -18.93
C LYS A 321 39.15 32.96 -18.21
N GLN A 322 38.25 32.93 -17.23
CA GLN A 322 37.93 34.09 -16.41
C GLN A 322 38.22 33.78 -14.96
N THR A 323 38.37 34.84 -14.16
CA THR A 323 38.59 34.72 -12.73
C THR A 323 37.53 35.40 -11.89
N SER A 324 36.61 36.14 -12.50
CA SER A 324 35.54 36.81 -11.76
C SER A 324 34.43 37.13 -12.74
N LEU A 325 33.23 36.65 -12.47
CA LEU A 325 32.08 36.80 -13.36
C LEU A 325 30.95 37.46 -12.57
N ASN A 326 30.84 38.79 -12.68
CA ASN A 326 29.78 39.51 -11.99
C ASN A 326 28.43 39.14 -12.58
N ARG A 327 27.66 38.35 -11.84
CA ARG A 327 26.31 37.94 -12.24
C ARG A 327 25.55 37.54 -10.99
N GLY A 328 24.38 36.92 -11.18
CA GLY A 328 23.58 36.47 -10.07
C GLY A 328 23.08 35.06 -10.29
N THR A 329 22.45 34.51 -9.24
CA THR A 329 21.86 33.19 -9.29
C THR A 329 20.35 33.24 -9.13
N VAL A 330 19.86 33.99 -8.14
CA VAL A 330 18.42 34.23 -8.00
C VAL A 330 18.03 35.37 -8.93
N LYS A 331 17.21 35.06 -9.93
CA LYS A 331 16.82 36.05 -10.92
C LYS A 331 15.79 37.05 -10.40
N LEU A 332 15.36 36.94 -9.15
CA LEU A 332 14.38 37.85 -8.61
C LEU A 332 14.99 38.72 -7.52
N PRO A 333 14.56 39.97 -7.41
CA PRO A 333 15.15 40.88 -6.42
C PRO A 333 14.65 40.56 -5.02
N PRO A 334 15.50 40.70 -4.01
CA PRO A 334 15.08 40.44 -2.63
C PRO A 334 14.29 41.61 -2.06
N TRP A 335 12.98 41.41 -1.93
CA TRP A 335 12.10 42.42 -1.35
C TRP A 335 11.15 41.74 -0.37
N LEU A 336 10.96 42.37 0.79
CA LEU A 336 10.06 41.88 1.82
C LEU A 336 9.19 43.02 2.30
N PRO A 337 8.14 43.35 1.55
CA PRO A 337 7.19 44.37 2.01
C PRO A 337 6.34 43.83 3.15
N LYS A 338 5.64 44.75 3.81
CA LYS A 338 4.64 44.38 4.81
C LYS A 338 3.29 44.38 4.13
N PRO A 339 2.70 43.23 3.82
CA PRO A 339 1.47 43.21 3.03
C PRO A 339 0.35 44.02 3.68
N SER A 340 -0.34 44.79 2.86
CA SER A 340 -1.40 45.68 3.30
C SER A 340 -2.75 45.04 3.02
N SER A 341 -3.82 45.83 3.21
CA SER A 341 -5.16 45.35 2.90
C SER A 341 -5.25 44.91 1.44
N GLU A 342 -5.93 43.80 1.22
CA GLU A 342 -5.99 43.23 -0.12
C GLU A 342 -6.76 44.14 -1.07
N SER A 343 -6.29 44.19 -2.32
CA SER A 343 -6.93 44.97 -3.37
C SER A 343 -6.23 44.64 -4.68
N ILE A 344 -6.99 44.67 -5.77
CA ILE A 344 -6.46 44.45 -7.11
C ILE A 344 -6.82 45.69 -7.93
N ASP A 345 -5.91 46.66 -7.92
CA ASP A 345 -6.07 47.93 -8.61
C ASP A 345 -4.78 48.71 -8.47
N ILE A 346 -4.46 49.50 -9.50
CA ILE A 346 -3.23 50.29 -9.52
C ILE A 346 -3.50 51.62 -8.85
N LYS A 347 -2.81 51.87 -7.73
CA LYS A 347 -2.91 53.17 -7.07
C LYS A 347 -2.38 54.26 -7.98
N THR A 348 -3.02 55.42 -7.95
CA THR A 348 -2.80 56.47 -8.93
C THR A 348 -2.02 57.67 -8.41
N ASP A 349 -2.23 58.06 -7.16
CA ASP A 349 -1.73 59.32 -6.62
C ASP A 349 -0.21 59.38 -6.51
N SER A 350 0.52 58.35 -6.96
CA SER A 350 1.97 58.39 -6.87
C SER A 350 2.54 59.51 -7.73
N GLY A 351 3.64 60.09 -7.27
CA GLY A 351 4.27 61.18 -7.98
C GLY A 351 5.19 60.71 -9.09
N PHE A 352 5.70 61.69 -9.85
CA PHE A 352 6.58 61.40 -10.98
C PHE A 352 7.78 62.34 -11.03
N GLY A 353 8.13 62.98 -9.91
CA GLY A 353 9.23 63.94 -9.90
C GLY A 353 10.60 63.36 -10.19
N SER A 354 10.72 62.04 -10.27
CA SER A 354 12.01 61.42 -10.55
C SER A 354 11.94 60.29 -11.57
N LEU A 355 10.78 60.05 -12.19
CA LEU A 355 10.62 58.96 -13.13
C LEU A 355 11.19 59.26 -14.51
N MET A 356 11.96 60.35 -14.66
CA MET A 356 12.63 60.66 -15.92
C MET A 356 14.12 60.84 -15.73
N ASP A 357 14.68 60.38 -14.60
CA ASP A 357 16.11 60.50 -14.37
C ASP A 357 16.90 59.68 -15.39
N HIS A 358 16.62 58.38 -15.47
CA HIS A 358 17.29 57.53 -16.45
C HIS A 358 16.58 57.55 -17.79
N GLY A 359 15.25 57.38 -17.78
CA GLY A 359 14.47 57.46 -18.99
C GLY A 359 14.24 56.13 -19.69
N ALA A 360 15.30 55.55 -20.28
CA ALA A 360 15.14 54.36 -21.11
C ALA A 360 14.46 53.21 -20.38
N TYR A 361 14.35 53.27 -19.05
CA TYR A 361 13.49 52.40 -18.27
C TYR A 361 12.51 53.17 -17.40
N GLY A 362 12.94 54.30 -16.83
CA GLY A 362 12.04 55.08 -16.00
C GLY A 362 10.91 55.73 -16.77
N GLU A 363 11.21 56.21 -17.99
CA GLU A 363 10.16 56.82 -18.80
C GLU A 363 9.07 55.82 -19.17
N LEU A 364 9.43 54.55 -19.34
CA LEU A 364 8.42 53.52 -19.61
C LEU A 364 7.43 53.42 -18.46
N TRP A 365 7.93 53.35 -17.23
CA TRP A 365 7.04 53.24 -16.07
C TRP A 365 6.26 54.53 -15.85
N ALA A 366 6.89 55.69 -16.11
CA ALA A 366 6.18 56.96 -16.00
C ALA A 366 5.02 57.03 -16.98
N LYS A 367 5.26 56.66 -18.24
CA LYS A 367 4.20 56.61 -19.22
C LYS A 367 3.13 55.60 -18.83
N CYS A 368 3.54 54.45 -18.30
CA CYS A 368 2.58 53.44 -17.86
C CYS A 368 1.64 53.99 -16.79
N LEU A 369 2.21 54.64 -15.78
CA LEU A 369 1.39 55.16 -14.68
C LEU A 369 0.51 56.31 -15.16
N LEU A 370 1.05 57.19 -16.00
CA LEU A 370 0.25 58.29 -16.53
C LEU A 370 -0.92 57.77 -17.36
N ASP A 371 -0.68 56.72 -18.16
CA ASP A 371 -1.73 56.18 -19.02
C ASP A 371 -2.79 55.46 -18.22
N VAL A 372 -2.38 54.58 -17.30
CA VAL A 372 -3.35 53.90 -16.46
C VAL A 372 -4.07 54.89 -15.56
N SER A 373 -3.50 56.07 -15.36
CA SER A 373 -4.13 57.07 -14.49
C SER A 373 -5.44 57.56 -15.08
N LEU A 374 -5.42 58.09 -16.30
CA LEU A 374 -6.61 58.79 -16.82
C LEU A 374 -7.52 57.91 -17.66
N GLY A 375 -7.07 57.52 -18.85
CA GLY A 375 -8.00 56.83 -19.75
C GLY A 375 -7.46 55.79 -20.72
N ASN A 376 -6.15 55.55 -20.73
CA ASN A 376 -5.56 54.81 -21.84
C ASN A 376 -5.80 53.29 -21.74
N VAL A 377 -6.21 52.79 -20.58
CA VAL A 377 -6.41 51.36 -20.45
C VAL A 377 -7.56 50.88 -21.33
N GLU A 378 -7.56 49.58 -21.61
CA GLU A 378 -8.62 48.93 -22.36
C GLU A 378 -9.08 47.70 -21.59
N GLY A 379 -10.04 46.98 -22.17
CA GLY A 379 -10.66 45.83 -21.52
C GLY A 379 -10.20 44.53 -22.14
N VAL A 380 -9.68 43.64 -21.29
CA VAL A 380 -9.29 42.29 -21.69
C VAL A 380 -9.82 41.36 -20.61
N VAL A 381 -10.88 40.63 -20.92
CA VAL A 381 -11.51 39.72 -19.97
C VAL A 381 -10.95 38.33 -20.16
N SER A 382 -10.36 37.78 -19.09
CA SER A 382 -9.86 36.40 -19.07
C SER A 382 -10.70 35.66 -18.04
N ASP A 383 -11.83 35.11 -18.50
CA ASP A 383 -12.86 34.58 -17.63
C ASP A 383 -12.85 33.06 -17.67
N PRO A 384 -13.01 32.42 -16.50
CA PRO A 384 -12.76 30.96 -16.39
C PRO A 384 -13.49 30.11 -17.42
N ALA A 385 -14.76 30.42 -17.68
CA ALA A 385 -15.57 29.60 -18.57
C ALA A 385 -14.97 29.46 -19.96
N LYS A 386 -14.09 30.38 -20.37
CA LYS A 386 -13.45 30.26 -21.68
C LYS A 386 -12.39 29.16 -21.68
N GLU A 387 -11.53 29.15 -20.66
CA GLU A 387 -10.35 28.29 -20.69
C GLU A 387 -10.74 26.81 -20.62
N LEU A 388 -11.79 26.48 -19.87
CA LEU A 388 -12.27 25.11 -19.82
C LEU A 388 -12.94 24.69 -21.12
N ASP A 389 -13.13 25.62 -22.07
CA ASP A 389 -13.75 25.35 -23.36
C ASP A 389 -15.14 24.72 -23.18
N ILE A 390 -16.02 25.51 -22.54
CA ILE A 390 -17.38 25.04 -22.33
C ILE A 390 -18.21 25.18 -23.60
N LYS A 402 -20.87 35.74 -14.22
CA LYS A 402 -21.41 37.00 -13.65
C LYS A 402 -20.29 38.03 -13.40
N GLU A 403 -20.11 38.40 -12.13
CA GLU A 403 -19.09 39.40 -11.69
C GLU A 403 -17.76 38.69 -11.42
N ALA A 404 -17.70 37.39 -11.74
CA ALA A 404 -16.48 36.55 -11.59
C ALA A 404 -15.43 36.92 -12.65
N LYS A 405 -15.86 37.54 -13.75
CA LYS A 405 -14.98 37.93 -14.88
C LYS A 405 -13.88 38.88 -14.42
N ILE A 406 -12.66 38.70 -14.94
CA ILE A 406 -11.48 39.54 -14.58
C ILE A 406 -11.35 40.67 -15.60
N THR A 407 -10.61 41.73 -15.24
CA THR A 407 -10.42 42.90 -16.09
C THR A 407 -8.93 43.17 -16.22
N TYR A 408 -8.40 42.97 -17.42
CA TYR A 408 -7.00 43.25 -17.71
C TYR A 408 -6.93 44.40 -18.71
N ARG A 409 -5.81 45.11 -18.68
CA ARG A 409 -5.63 46.35 -19.44
C ARG A 409 -4.53 46.16 -20.48
N ARG A 410 -4.84 46.50 -21.73
CA ARG A 410 -3.85 46.49 -22.80
C ARG A 410 -3.00 47.75 -22.71
N PHE A 411 -2.17 48.01 -23.72
CA PHE A 411 -1.30 49.16 -23.70
C PHE A 411 -0.85 49.50 -25.10
N LYS A 412 -0.52 50.76 -25.29
CA LYS A 412 0.13 51.26 -26.51
C LYS A 412 0.89 52.54 -26.21
N PRO A 413 1.91 52.49 -25.35
CA PRO A 413 2.69 53.70 -25.08
C PRO A 413 3.81 53.89 -26.08
N ALA A 414 3.80 55.01 -26.79
CA ALA A 414 4.83 55.29 -27.78
C ALA A 414 6.12 55.71 -27.07
N LEU A 415 7.15 54.88 -27.18
CA LEU A 415 8.42 55.13 -26.52
C LEU A 415 9.39 55.85 -27.46
N SER A 416 10.38 56.48 -26.86
CA SER A 416 11.43 57.14 -27.62
C SER A 416 12.22 56.11 -28.43
N SER A 417 12.92 56.61 -29.46
CA SER A 417 13.64 55.71 -30.35
C SER A 417 14.73 54.94 -29.60
N SER A 418 15.39 55.58 -28.64
CA SER A 418 16.48 54.92 -27.91
C SER A 418 15.95 53.77 -27.06
N ALA A 419 14.93 54.05 -26.23
CA ALA A 419 14.37 53.00 -25.38
C ALA A 419 13.70 51.91 -26.21
N ARG A 420 13.04 52.29 -27.29
CA ARG A 420 12.43 51.30 -28.18
C ARG A 420 13.49 50.39 -28.79
N GLN A 421 14.61 50.97 -29.23
CA GLN A 421 15.69 50.16 -29.78
C GLN A 421 16.29 49.24 -28.72
N GLU A 422 16.45 49.74 -27.50
CA GLU A 422 17.00 48.92 -26.43
C GLU A 422 16.09 47.74 -26.11
N PHE A 423 14.78 48.00 -26.00
CA PHE A 423 13.82 46.93 -25.72
C PHE A 423 13.78 45.92 -26.86
N SER A 424 13.76 46.39 -28.10
CA SER A 424 13.80 45.48 -29.24
C SER A 424 15.10 44.69 -29.30
N LEU A 425 16.18 45.23 -28.73
CA LEU A 425 17.42 44.49 -28.64
C LEU A 425 17.31 43.38 -27.60
N GLN A 426 16.79 43.69 -26.42
CA GLN A 426 16.60 42.66 -25.40
C GLN A 426 15.44 41.76 -25.75
N GLY A 427 14.25 42.32 -25.88
CA GLY A 427 13.06 41.53 -26.20
C GLY A 427 11.99 42.29 -26.94
N ASP A 448 28.65 30.44 -23.38
CA ASP A 448 30.10 30.22 -23.15
C ASP A 448 30.29 29.48 -21.83
N ALA A 449 30.99 28.34 -21.87
CA ALA A 449 31.22 27.50 -20.67
C ALA A 449 32.15 28.24 -19.70
N LEU A 450 31.89 28.13 -18.40
CA LEU A 450 32.70 28.81 -17.36
C LEU A 450 33.91 27.94 -17.01
N SER A 451 34.80 28.44 -16.15
CA SER A 451 36.00 27.72 -15.76
C SER A 451 35.86 27.17 -14.34
N PRO A 452 36.47 26.02 -14.04
CA PRO A 452 36.37 25.47 -12.68
C PRO A 452 37.00 26.37 -11.62
N PHE A 453 37.95 27.23 -11.99
CA PHE A 453 38.50 28.22 -11.07
C PHE A 453 37.83 29.55 -11.37
N LEU A 454 36.91 29.96 -10.50
CA LEU A 454 36.16 31.18 -10.72
C LEU A 454 36.00 32.04 -9.48
N ASP A 455 36.52 31.61 -8.33
CA ASP A 455 36.37 32.31 -7.06
C ASP A 455 34.89 32.55 -6.75
N VAL A 456 34.15 31.44 -6.63
CA VAL A 456 32.74 31.49 -6.27
C VAL A 456 32.68 31.41 -4.75
N GLU A 457 32.86 32.58 -4.12
CA GLU A 457 32.79 32.67 -2.67
C GLU A 457 31.53 33.34 -2.16
N ASP A 458 30.81 34.05 -3.03
CA ASP A 458 29.50 34.57 -2.66
C ASP A 458 28.57 33.44 -2.22
N ILE A 459 28.49 32.38 -3.03
CA ILE A 459 27.72 31.20 -2.65
C ILE A 459 28.28 30.60 -1.38
N GLY A 460 29.61 30.59 -1.24
CA GLY A 460 30.26 30.10 -0.04
C GLY A 460 29.78 30.76 1.23
N ASP A 461 30.04 32.07 1.38
CA ASP A 461 29.61 32.76 2.59
C ASP A 461 28.12 33.04 2.62
N PHE A 462 27.37 32.69 1.58
CA PHE A 462 25.92 32.80 1.66
C PHE A 462 25.31 31.67 2.47
N LEU A 463 25.86 30.46 2.33
CA LEU A 463 25.39 29.31 3.08
C LEU A 463 25.87 29.29 4.53
N THR A 464 26.65 30.27 4.94
CA THR A 464 27.15 30.33 6.32
C THR A 464 26.35 31.31 7.17
N PHE A 465 26.27 32.57 6.76
CA PHE A 465 25.52 33.60 7.48
C PHE A 465 24.52 34.23 6.52
N ASN A 466 23.24 34.05 6.80
CA ASN A 466 22.18 34.60 5.96
C ASN A 466 20.90 34.65 6.76
N ASN A 467 20.25 35.81 6.78
CA ASN A 467 18.96 35.94 7.45
C ASN A 467 17.92 35.28 6.56
N LEU A 468 17.78 33.97 6.74
CA LEU A 468 16.81 33.16 6.01
C LEU A 468 15.78 32.52 6.90
N LEU A 469 16.12 32.22 8.16
CA LEU A 469 15.19 31.61 9.09
C LEU A 469 14.75 32.54 10.22
N ALA A 470 15.34 33.72 10.33
CA ALA A 470 14.92 34.67 11.35
C ALA A 470 13.47 35.09 11.11
N ASP A 471 12.77 35.39 12.19
CA ASP A 471 11.34 35.64 12.13
C ASP A 471 11.06 37.02 11.53
N SER A 472 10.27 37.05 10.48
CA SER A 472 9.74 38.31 9.97
C SER A 472 8.71 38.84 10.95
N ARG A 473 8.93 40.06 11.45
CA ARG A 473 8.17 40.56 12.59
C ARG A 473 6.68 40.70 12.30
N TYR A 474 6.25 40.60 11.05
CA TYR A 474 4.82 40.64 10.71
C TYR A 474 4.31 39.22 10.63
N GLY A 475 3.67 38.76 11.70
CA GLY A 475 3.12 37.42 11.75
C GLY A 475 1.61 37.40 11.83
N ASP A 476 1.02 38.58 12.01
CA ASP A 476 -0.44 38.75 12.09
C ASP A 476 -0.82 39.82 11.07
N GLU A 477 -1.07 39.38 9.84
CA GLU A 477 -1.40 40.29 8.74
C GLU A 477 -2.51 39.65 7.92
N SER A 478 -2.77 40.23 6.74
CA SER A 478 -3.91 39.84 5.93
C SER A 478 -3.87 38.35 5.56
N VAL A 479 -2.82 37.95 4.83
CA VAL A 479 -2.77 36.58 4.29
C VAL A 479 -2.69 35.57 5.43
N GLN A 480 -1.87 35.84 6.43
CA GLN A 480 -1.74 34.92 7.56
C GLN A 480 -3.07 34.78 8.29
N ARG A 481 -3.84 35.86 8.39
CA ARG A 481 -5.17 35.76 8.98
C ARG A 481 -6.09 34.90 8.11
N ALA A 482 -6.09 35.16 6.80
CA ALA A 482 -6.96 34.41 5.89
C ALA A 482 -6.66 32.92 5.91
N VAL A 483 -5.41 32.55 6.20
CA VAL A 483 -5.07 31.13 6.31
C VAL A 483 -5.38 30.59 7.70
N SER A 484 -4.98 31.31 8.75
CA SER A 484 -5.14 30.83 10.11
C SER A 484 -6.60 30.67 10.50
N ILE A 485 -7.49 31.48 9.93
CA ILE A 485 -8.91 31.33 10.25
C ILE A 485 -9.43 29.98 9.75
N LEU A 486 -9.14 29.66 8.49
CA LEU A 486 -9.53 28.35 7.96
C LEU A 486 -8.84 27.23 8.72
N LEU A 487 -7.58 27.44 9.10
CA LEU A 487 -6.85 26.41 9.85
C LEU A 487 -7.51 26.12 11.19
N GLU A 488 -7.84 27.17 11.93
CA GLU A 488 -8.50 26.99 13.23
C GLU A 488 -9.89 26.38 13.06
N LYS A 489 -10.63 26.79 12.04
CA LYS A 489 -11.94 26.19 11.80
C LYS A 489 -11.82 24.70 11.52
N ALA A 490 -10.84 24.31 10.71
CA ALA A 490 -10.63 22.89 10.43
C ALA A 490 -10.22 22.13 11.68
N SER A 491 -9.33 22.72 12.48
CA SER A 491 -8.81 22.05 13.67
C SER A 491 -9.78 22.05 14.84
N ALA A 492 -10.85 22.83 14.78
CA ALA A 492 -11.81 22.89 15.87
C ALA A 492 -12.38 21.53 16.27
N MET A 493 -12.25 20.52 15.42
CA MET A 493 -12.76 19.20 15.76
C MET A 493 -11.97 18.57 16.90
N GLN A 494 -10.68 18.89 17.01
CA GLN A 494 -9.81 18.37 18.08
C GLN A 494 -9.13 19.58 18.73
N ASP A 495 -9.75 20.11 19.78
CA ASP A 495 -9.29 21.34 20.43
C ASP A 495 -8.36 21.05 21.61
N THR A 496 -7.64 19.93 21.59
CA THR A 496 -6.71 19.59 22.65
C THR A 496 -5.52 20.54 22.70
N GLU A 497 -4.65 20.37 23.69
CA GLU A 497 -3.45 21.21 23.77
C GLU A 497 -2.46 20.86 22.69
N LEU A 498 -2.43 19.57 22.30
CA LEU A 498 -1.49 19.08 21.26
C LEU A 498 -1.75 19.83 19.94
N THR A 499 -3.02 19.93 19.54
CA THR A 499 -3.38 20.60 18.29
C THR A 499 -3.02 22.08 18.34
N HIS A 500 -3.27 22.73 19.47
CA HIS A 500 -2.93 24.14 19.60
C HIS A 500 -1.43 24.36 19.50
N ALA A 501 -0.65 23.51 20.17
CA ALA A 501 0.80 23.65 20.12
C ALA A 501 1.32 23.45 18.70
N LEU A 502 0.81 22.41 18.01
CA LEU A 502 1.30 22.14 16.67
C LEU A 502 0.88 23.22 15.68
N ASN A 503 -0.32 23.78 15.85
CA ASN A 503 -0.75 24.88 14.99
C ASN A 503 0.08 26.12 15.24
N ASP A 504 0.41 26.40 16.51
CA ASP A 504 1.27 27.54 16.80
C ASP A 504 2.66 27.35 16.20
N SER A 505 3.18 26.11 16.23
CA SER A 505 4.47 25.84 15.62
C SER A 505 4.41 26.04 14.10
N PHE A 506 3.34 25.57 13.47
CA PHE A 506 3.20 25.75 12.02
C PHE A 506 3.11 27.23 11.66
N LYS A 507 2.36 28.01 12.45
CA LYS A 507 2.27 29.43 12.17
C LYS A 507 3.60 30.13 12.39
N ARG A 508 4.33 29.75 13.45
CA ARG A 508 5.67 30.28 13.66
C ARG A 508 6.57 29.98 12.47
N ASN A 509 6.46 28.77 11.92
CA ASN A 509 7.21 28.45 10.71
C ASN A 509 6.80 29.32 9.53
N LEU A 510 5.50 29.52 9.36
CA LEU A 510 4.99 30.39 8.32
C LEU A 510 5.39 31.85 8.51
N SER A 511 5.83 32.23 9.70
CA SER A 511 6.22 33.61 9.97
C SER A 511 7.65 33.93 9.55
N SER A 512 8.45 32.92 9.25
CA SER A 512 9.82 33.14 8.83
C SER A 512 9.85 33.91 7.51
N ASN A 513 10.93 34.69 7.32
CA ASN A 513 11.00 35.58 6.17
C ASN A 513 11.18 34.84 4.85
N VAL A 514 11.63 33.59 4.87
CA VAL A 514 11.88 32.87 3.62
C VAL A 514 10.55 32.55 2.93
N VAL A 515 9.58 32.01 3.68
CA VAL A 515 8.28 31.74 3.08
C VAL A 515 7.55 33.04 2.78
N GLN A 516 7.81 34.08 3.57
CA GLN A 516 7.23 35.39 3.28
C GLN A 516 7.72 35.91 1.92
N TRP A 517 8.99 35.68 1.60
CA TRP A 517 9.50 36.04 0.29
C TRP A 517 8.93 35.13 -0.79
N SER A 518 8.79 33.85 -0.48
CA SER A 518 8.34 32.88 -1.49
C SER A 518 6.87 33.07 -1.84
N LEU A 519 6.07 33.62 -0.92
CA LEU A 519 4.64 33.74 -1.15
C LEU A 519 4.32 34.64 -2.34
N TRP A 520 4.87 35.86 -2.34
CA TRP A 520 4.61 36.76 -3.46
C TRP A 520 5.29 36.31 -4.74
N VAL A 521 6.39 35.56 -4.64
CA VAL A 521 6.96 34.91 -5.82
C VAL A 521 5.96 33.94 -6.43
N SER A 522 5.31 33.13 -5.58
CA SER A 522 4.30 32.20 -6.07
C SER A 522 3.12 32.94 -6.68
N CYS A 523 2.70 34.04 -6.05
CA CYS A 523 1.63 34.86 -6.62
C CYS A 523 2.01 35.37 -8.01
N LEU A 524 3.21 35.92 -8.13
CA LEU A 524 3.71 36.39 -9.42
C LEU A 524 3.70 35.27 -10.45
N ALA A 525 4.14 34.07 -10.05
CA ALA A 525 4.19 32.94 -10.98
C ALA A 525 2.80 32.55 -11.44
N GLN A 526 1.83 32.52 -10.53
CA GLN A 526 0.46 32.22 -10.92
C GLN A 526 -0.07 33.27 -11.90
N GLU A 527 0.19 34.55 -11.62
CA GLU A 527 -0.28 35.62 -12.51
C GLU A 527 0.35 35.49 -13.89
N LEU A 528 1.64 35.17 -13.95
CA LEU A 528 2.31 35.01 -15.23
C LEU A 528 1.75 33.81 -16.00
N ALA A 529 1.54 32.69 -15.30
CA ALA A 529 0.96 31.53 -15.95
C ALA A 529 -0.42 31.84 -16.49
N SER A 530 -1.20 32.63 -15.77
CA SER A 530 -2.50 33.06 -16.27
C SER A 530 -2.35 33.90 -17.54
N ALA A 531 -1.51 34.93 -17.47
CA ALA A 531 -1.30 35.83 -18.61
C ALA A 531 -0.45 35.22 -19.72
N LEU A 532 -0.11 33.93 -19.63
CA LEU A 532 0.77 33.31 -20.62
C LEU A 532 0.21 33.40 -22.03
N LYS A 533 -1.11 33.21 -22.20
CA LYS A 533 -1.71 33.11 -23.53
C LYS A 533 -2.80 34.16 -23.69
N GLN A 534 -2.40 35.35 -24.12
CA GLN A 534 -3.31 36.42 -24.49
C GLN A 534 -3.07 36.80 -25.95
N HIS A 535 -3.73 37.86 -26.39
CA HIS A 535 -3.52 38.42 -27.72
C HIS A 535 -2.49 39.53 -27.64
N CYS A 536 -1.50 39.49 -28.53
CA CYS A 536 -0.38 40.41 -28.50
C CYS A 536 -0.55 41.48 -29.56
N ARG A 537 -0.71 42.73 -29.12
CA ARG A 537 -0.65 43.87 -30.01
C ARG A 537 0.80 44.35 -30.14
N ALA A 538 1.09 45.01 -31.25
CA ALA A 538 2.42 45.58 -31.43
C ALA A 538 2.69 46.64 -30.37
N GLY A 539 3.80 46.47 -29.65
CA GLY A 539 4.14 47.40 -28.59
C GLY A 539 3.19 47.39 -27.41
N GLU A 540 2.47 46.30 -27.20
CA GLU A 540 1.52 46.20 -26.11
C GLU A 540 2.22 45.78 -24.82
N PHE A 541 1.58 46.12 -23.70
CA PHE A 541 2.05 45.72 -22.37
C PHE A 541 0.83 45.54 -21.47
N ILE A 542 1.06 44.92 -20.31
CA ILE A 542 0.00 44.69 -19.34
C ILE A 542 0.54 45.00 -17.95
N ILE A 543 -0.16 45.86 -17.21
CA ILE A 543 0.25 46.25 -15.87
C ILE A 543 -0.69 45.60 -14.86
N LYS A 544 -0.12 44.96 -13.84
CA LYS A 544 -0.90 44.23 -12.87
C LYS A 544 -0.32 44.40 -11.47
N LYS A 545 -1.19 44.25 -10.48
CA LYS A 545 -0.84 44.25 -9.07
C LYS A 545 -1.06 42.85 -8.49
N LEU A 546 -0.35 42.54 -7.41
CA LEU A 546 -0.29 41.18 -6.89
C LEU A 546 -1.31 40.91 -5.78
N LYS A 547 -2.28 41.80 -5.58
CA LYS A 547 -3.47 41.55 -4.78
C LYS A 547 -3.20 41.49 -3.28
N PHE A 548 -1.92 41.44 -2.88
CA PHE A 548 -1.60 41.48 -1.46
C PHE A 548 -0.40 42.33 -1.12
N TRP A 549 0.42 42.73 -2.09
CA TRP A 549 1.66 43.43 -1.81
C TRP A 549 1.80 44.64 -2.73
N PRO A 550 2.39 45.73 -2.24
CA PRO A 550 2.60 46.89 -3.12
C PRO A 550 3.67 46.62 -4.16
N ILE A 551 3.34 45.80 -5.16
CA ILE A 551 4.26 45.42 -6.22
C ILE A 551 3.49 45.49 -7.54
N TYR A 552 4.15 45.97 -8.58
CA TYR A 552 3.51 46.11 -9.89
C TYR A 552 4.37 45.41 -10.93
N VAL A 553 3.72 44.75 -11.88
CA VAL A 553 4.41 43.97 -12.90
C VAL A 553 3.92 44.40 -14.27
N ILE A 554 4.87 44.61 -15.19
CA ILE A 554 4.58 44.90 -16.59
C ILE A 554 4.96 43.67 -17.40
N ILE A 555 4.04 43.23 -18.27
CA ILE A 555 4.13 41.97 -18.98
C ILE A 555 4.05 42.24 -20.48
N LYS A 556 4.86 41.51 -21.25
CA LYS A 556 4.80 41.54 -22.71
C LYS A 556 4.78 40.11 -23.21
N PRO A 557 3.61 39.57 -23.50
CA PRO A 557 3.53 38.19 -24.00
C PRO A 557 4.11 38.07 -25.40
N THR A 558 4.27 36.83 -25.84
CA THR A 558 4.80 36.50 -27.16
C THR A 558 3.82 35.59 -27.88
N LYS A 559 4.21 35.17 -29.09
CA LYS A 559 3.41 34.25 -29.90
C LYS A 559 3.86 32.80 -29.77
N SER A 560 5.16 32.56 -29.58
CA SER A 560 5.64 31.19 -29.44
C SER A 560 5.05 30.49 -28.24
N SER A 561 4.61 31.25 -27.23
CA SER A 561 4.07 30.70 -26.00
C SER A 561 5.04 29.69 -25.37
N SER A 562 6.29 30.13 -25.24
CA SER A 562 7.32 29.34 -24.59
C SER A 562 8.09 30.10 -23.51
N HIS A 563 8.05 31.42 -23.52
CA HIS A 563 8.60 32.23 -22.44
C HIS A 563 7.74 33.48 -22.32
N ILE A 564 8.23 34.45 -21.55
CA ILE A 564 7.48 35.68 -21.31
C ILE A 564 8.45 36.73 -20.80
N PHE A 565 8.08 37.99 -20.94
CA PHE A 565 8.90 39.11 -20.52
C PHE A 565 8.14 39.93 -19.49
N TYR A 566 8.81 40.26 -18.39
CA TYR A 566 8.17 40.96 -17.29
C TYR A 566 9.18 41.86 -16.60
N SER A 567 8.65 42.89 -15.94
CA SER A 567 9.46 43.84 -15.19
C SER A 567 8.71 44.27 -13.95
N LEU A 568 9.41 44.31 -12.82
CA LEU A 568 8.81 44.59 -11.53
C LEU A 568 9.07 46.02 -11.09
N GLY A 569 8.19 46.53 -10.24
CA GLY A 569 8.32 47.85 -9.67
C GLY A 569 7.72 47.95 -8.28
N ILE A 570 8.37 48.71 -7.40
CA ILE A 570 7.93 48.88 -6.03
C ILE A 570 8.15 50.34 -5.62
N ARG A 571 7.36 50.78 -4.64
CA ARG A 571 7.34 52.18 -4.25
C ARG A 571 8.60 52.65 -3.53
N LYS A 572 9.53 51.74 -3.21
CA LYS A 572 10.83 52.09 -2.64
C LYS A 572 10.69 52.66 -1.23
N ALA A 573 9.46 52.84 -0.75
CA ALA A 573 9.20 53.30 0.59
C ALA A 573 8.51 52.26 1.45
N ASP A 574 8.07 51.14 0.87
CA ASP A 574 7.45 50.06 1.60
C ASP A 574 8.32 48.81 1.63
N VAL A 575 9.53 48.87 1.11
CA VAL A 575 10.47 47.75 1.22
C VAL A 575 11.00 47.71 2.64
N THR A 576 10.42 46.83 3.45
CA THR A 576 10.75 46.80 4.87
C THR A 576 12.08 46.11 5.11
N ARG A 577 12.24 44.89 4.59
CA ARG A 577 13.45 44.11 4.81
C ARG A 577 13.91 43.49 3.50
N ARG A 578 15.15 43.02 3.51
CA ARG A 578 15.72 42.29 2.40
C ARG A 578 16.33 41.00 2.94
N LEU A 579 16.48 40.01 2.05
CA LEU A 579 17.04 38.72 2.45
C LEU A 579 18.54 38.78 2.76
N THR A 580 19.09 39.99 2.74
CA THR A 580 20.51 40.28 3.03
C THR A 580 21.44 39.19 2.51
N GLY A 581 21.20 38.78 1.27
CA GLY A 581 22.13 37.96 0.53
C GLY A 581 22.89 38.76 -0.50
N ARG A 582 23.66 38.06 -1.32
CA ARG A 582 24.34 38.71 -2.43
C ARG A 582 24.19 37.98 -3.75
N VAL A 583 23.65 36.77 -3.79
CA VAL A 583 23.31 36.11 -5.06
C VAL A 583 21.87 36.52 -5.37
N PHE A 584 21.73 37.70 -5.97
CA PHE A 584 20.42 38.26 -6.28
C PHE A 584 20.59 39.23 -7.44
N SER A 585 19.63 39.20 -8.36
CA SER A 585 19.66 40.09 -9.52
C SER A 585 19.69 41.55 -9.06
N GLU A 586 20.72 42.28 -9.48
CA GLU A 586 20.84 43.67 -9.09
C GLU A 586 19.82 44.53 -9.84
N THR A 587 19.05 45.31 -9.09
CA THR A 587 18.04 46.18 -9.66
C THR A 587 18.65 47.55 -9.98
N ILE A 588 17.81 48.51 -10.33
CA ILE A 588 18.25 49.85 -10.66
C ILE A 588 17.46 50.85 -9.84
N ASP A 589 18.03 52.03 -9.63
CA ASP A 589 17.39 53.08 -8.86
C ASP A 589 16.63 54.03 -9.78
N ALA A 590 15.49 54.53 -9.27
CA ALA A 590 14.69 55.49 -10.01
C ALA A 590 14.17 56.59 -9.08
N GLY A 591 14.92 56.91 -8.02
CA GLY A 591 14.47 57.89 -7.06
C GLY A 591 13.58 57.27 -6.01
N GLU A 592 12.26 57.45 -6.17
CA GLU A 592 11.27 56.83 -5.30
C GLU A 592 10.75 55.51 -5.84
N TRP A 593 11.54 54.79 -6.64
CA TRP A 593 11.12 53.51 -7.19
C TRP A 593 12.34 52.58 -7.26
N GLU A 594 12.08 51.34 -7.67
CA GLU A 594 13.13 50.34 -7.80
C GLU A 594 12.61 49.28 -8.77
N LEU A 595 13.21 49.19 -9.95
CA LEU A 595 12.65 48.44 -11.07
C LEU A 595 13.61 47.34 -11.51
N THR A 596 13.17 46.57 -12.50
CA THR A 596 13.93 45.45 -13.06
C THR A 596 14.18 45.71 -14.55
N GLU A 597 14.76 44.72 -15.22
CA GLU A 597 15.31 44.91 -16.56
C GLU A 597 14.86 43.79 -17.51
N PHE A 598 13.57 43.46 -17.48
CA PHE A 598 12.94 42.59 -18.48
C PHE A 598 13.64 41.22 -18.57
N LYS A 599 13.47 40.45 -17.49
CA LYS A 599 13.94 39.07 -17.50
C LYS A 599 13.03 38.23 -18.40
N SER A 600 13.39 36.95 -18.54
CA SER A 600 12.61 36.02 -19.34
C SER A 600 12.56 34.67 -18.62
N LEU A 601 11.36 34.16 -18.42
CA LEU A 601 11.14 32.90 -17.72
C LEU A 601 10.40 31.94 -18.64
N LYS A 602 11.05 30.83 -18.98
CA LYS A 602 10.41 29.84 -19.82
C LYS A 602 9.17 29.26 -19.14
N THR A 603 8.22 28.82 -19.95
CA THR A 603 6.98 28.27 -19.41
C THR A 603 7.21 26.97 -18.64
N CYS A 604 8.32 26.29 -18.88
CA CYS A 604 8.59 25.04 -18.17
C CYS A 604 8.97 25.30 -16.72
N LYS A 605 9.64 26.41 -16.43
CA LYS A 605 10.08 26.74 -15.07
C LYS A 605 9.04 27.62 -14.37
N LEU A 606 7.81 27.10 -14.30
CA LEU A 606 6.72 27.82 -13.66
C LEU A 606 6.15 27.08 -12.46
N THR A 607 5.83 25.79 -12.60
CA THR A 607 5.27 25.03 -11.49
C THR A 607 6.21 25.03 -10.29
N ASN A 608 7.52 24.92 -10.53
CA ASN A 608 8.48 24.97 -9.45
C ASN A 608 8.46 26.32 -8.73
N LEU A 609 8.02 27.37 -9.39
CA LEU A 609 7.86 28.66 -8.71
C LEU A 609 6.54 28.74 -7.95
N VAL A 610 5.50 28.09 -8.46
CA VAL A 610 4.22 28.10 -7.75
C VAL A 610 4.32 27.29 -6.46
N ASN A 611 5.00 26.15 -6.50
CA ASN A 611 5.09 25.25 -5.36
C ASN A 611 6.19 25.62 -4.38
N LEU A 612 6.70 26.86 -4.42
CA LEU A 612 7.85 27.20 -3.59
C LEU A 612 7.53 27.23 -2.10
N PRO A 613 6.44 27.85 -1.63
CA PRO A 613 6.20 27.87 -0.18
C PRO A 613 5.99 26.48 0.40
N CYS A 614 5.22 25.64 -0.29
CA CYS A 614 4.88 24.32 0.21
C CYS A 614 6.01 23.31 0.07
N THR A 615 7.18 23.73 -0.44
CA THR A 615 8.38 22.92 -0.29
C THR A 615 9.39 23.54 0.66
N MET A 616 9.44 24.87 0.74
CA MET A 616 10.28 25.50 1.76
C MET A 616 9.79 25.13 3.16
N LEU A 617 8.48 25.11 3.37
CA LEU A 617 7.94 24.72 4.67
C LEU A 617 8.30 23.27 5.00
N ASN A 618 8.12 22.37 4.02
CA ASN A 618 8.43 20.96 4.26
C ASN A 618 9.91 20.78 4.58
N SER A 619 10.78 21.45 3.83
CA SER A 619 12.22 21.34 4.08
C SER A 619 12.56 21.85 5.48
N ILE A 620 12.03 23.02 5.84
CA ILE A 620 12.29 23.59 7.17
C ILE A 620 11.88 22.60 8.25
N ALA A 621 10.64 22.11 8.18
CA ALA A 621 10.13 21.23 9.23
C ALA A 621 10.93 19.93 9.30
N PHE A 622 11.15 19.29 8.14
CA PHE A 622 11.83 18.00 8.12
C PHE A 622 13.25 18.12 8.66
N TRP A 623 14.00 19.15 8.22
CA TRP A 623 15.37 19.28 8.67
C TRP A 623 15.44 19.71 10.13
N ARG A 624 14.49 20.54 10.58
CA ARG A 624 14.45 20.90 12.00
C ARG A 624 14.16 19.69 12.87
N GLU A 625 13.40 18.72 12.35
CA GLU A 625 13.11 17.53 13.14
C GLU A 625 14.26 16.53 13.10
N LYS A 626 14.86 16.34 11.93
CA LYS A 626 15.90 15.33 11.80
C LYS A 626 17.11 15.66 12.66
N LEU A 627 17.41 16.95 12.82
CA LEU A 627 18.54 17.35 13.66
C LEU A 627 18.31 16.96 15.12
N GLY A 628 17.05 16.83 15.53
CA GLY A 628 16.74 16.47 16.89
C GLY A 628 16.29 17.65 17.74
N VAL A 629 15.45 18.50 17.17
CA VAL A 629 14.91 19.65 17.88
C VAL A 629 13.43 19.40 18.14
N ALA A 630 12.93 19.96 19.23
CA ALA A 630 11.54 19.75 19.62
C ALA A 630 10.62 20.61 18.78
N PRO A 631 9.60 20.04 18.14
CA PRO A 631 8.67 20.84 17.34
C PRO A 631 7.83 21.82 18.14
N TRP A 632 8.02 21.90 19.46
CA TRP A 632 7.25 22.81 20.30
C TRP A 632 8.16 23.59 21.24
N LEU A 633 9.36 23.91 20.79
CA LEU A 633 10.32 24.63 21.63
C LEU A 633 11.17 25.50 20.72
N VAL A 634 11.01 26.81 20.85
CA VAL A 634 11.72 27.75 20.00
C VAL A 634 13.18 27.83 20.43
N ARG A 635 14.09 27.77 19.47
CA ARG A 635 15.51 27.89 19.73
C ARG A 635 16.13 28.72 18.61
N LYS A 636 17.45 28.76 18.57
CA LYS A 636 18.18 29.46 17.54
C LYS A 636 18.53 28.52 16.38
N PRO A 637 18.75 29.04 15.19
CA PRO A 637 19.30 28.22 14.12
C PRO A 637 20.64 27.62 14.52
N CYS A 638 20.74 26.30 14.38
CA CYS A 638 21.88 25.55 14.91
C CYS A 638 23.18 25.86 14.19
N SER A 639 23.13 26.59 13.06
CA SER A 639 24.27 26.93 12.22
C SER A 639 24.81 25.70 11.51
N GLU A 640 24.24 24.53 11.81
CA GLU A 640 24.35 23.35 10.96
C GLU A 640 23.08 23.13 10.17
N LEU A 641 22.02 23.86 10.47
CA LEU A 641 20.74 23.76 9.78
C LEU A 641 20.61 24.78 8.66
N ARG A 642 21.24 25.95 8.81
CA ARG A 642 21.17 26.97 7.77
C ARG A 642 21.73 26.46 6.45
N GLU A 643 22.74 25.59 6.50
CA GLU A 643 23.35 25.10 5.27
C GLU A 643 22.34 24.29 4.45
N GLN A 644 21.62 23.37 5.10
CA GLN A 644 20.70 22.51 4.39
C GLN A 644 19.55 23.33 3.78
N VAL A 645 18.99 24.25 4.56
CA VAL A 645 17.87 25.05 4.06
C VAL A 645 18.33 25.95 2.92
N GLY A 646 19.47 26.62 3.08
CA GLY A 646 19.99 27.45 2.02
C GLY A 646 20.29 26.68 0.75
N LEU A 647 20.83 25.47 0.90
CA LEU A 647 21.14 24.65 -0.28
C LEU A 647 19.86 24.22 -0.97
N THR A 648 18.84 23.82 -0.20
CA THR A 648 17.54 23.47 -0.79
C THR A 648 16.97 24.66 -1.54
N PHE A 649 17.02 25.85 -0.92
CA PHE A 649 16.52 27.07 -1.55
C PHE A 649 17.22 27.32 -2.88
N LEU A 650 18.55 27.26 -2.89
CA LEU A 650 19.30 27.53 -4.12
C LEU A 650 18.98 26.52 -5.20
N ILE A 651 19.08 25.23 -4.87
CA ILE A 651 18.82 24.19 -5.87
C ILE A 651 17.39 24.25 -6.38
N SER A 652 16.45 24.71 -5.53
CA SER A 652 15.07 24.81 -5.97
C SER A 652 14.87 25.98 -6.92
N LEU A 653 15.35 27.16 -6.54
CA LEU A 653 15.17 28.33 -7.40
C LEU A 653 15.88 28.16 -8.73
N GLU A 654 17.20 28.02 -8.71
CA GLU A 654 17.94 27.70 -9.92
C GLU A 654 17.58 26.28 -10.34
N ASP A 655 16.74 26.16 -11.37
CA ASP A 655 16.17 24.88 -11.76
C ASP A 655 16.69 24.49 -13.14
N LYS A 656 17.67 23.60 -13.16
CA LYS A 656 18.19 23.01 -14.39
C LYS A 656 18.58 21.58 -14.12
N SER A 657 18.89 20.85 -15.19
CA SER A 657 19.63 19.61 -15.04
C SER A 657 21.12 19.94 -14.92
N LYS A 658 21.94 18.91 -14.74
CA LYS A 658 23.38 19.06 -14.71
C LYS A 658 23.85 19.94 -13.55
N THR A 659 22.93 20.38 -12.71
CA THR A 659 23.26 21.10 -11.49
C THR A 659 22.78 20.36 -10.25
N GLU A 660 21.54 19.91 -10.23
CA GLU A 660 21.10 18.98 -9.20
C GLU A 660 21.57 17.56 -9.49
N GLU A 661 21.97 17.31 -10.75
CA GLU A 661 22.49 16.00 -11.10
C GLU A 661 23.75 15.67 -10.31
N ILE A 662 24.57 16.68 -10.01
CA ILE A 662 25.76 16.45 -9.19
C ILE A 662 25.36 15.97 -7.80
N ILE A 663 24.33 16.56 -7.22
CA ILE A 663 23.89 16.14 -5.89
C ILE A 663 23.28 14.74 -5.93
N THR A 664 22.40 14.48 -6.89
CA THR A 664 21.85 13.12 -6.94
C THR A 664 22.88 12.09 -7.37
N LEU A 665 24.05 12.52 -7.84
CA LEU A 665 25.13 11.60 -8.18
C LEU A 665 26.13 11.39 -7.04
N THR A 666 26.25 12.35 -6.12
CA THR A 666 27.18 12.18 -5.01
C THR A 666 26.88 10.94 -4.16
N ARG A 667 25.71 10.34 -4.33
CA ARG A 667 25.40 9.12 -3.59
C ARG A 667 26.30 7.96 -4.01
N TYR A 668 26.39 7.70 -5.32
CA TYR A 668 27.25 6.64 -5.81
C TYR A 668 28.71 6.86 -5.42
N THR A 669 29.10 8.12 -5.22
CA THR A 669 30.45 8.41 -4.73
C THR A 669 30.56 8.09 -3.25
N GLN A 670 29.61 8.59 -2.45
CA GLN A 670 29.62 8.37 -0.98
C GLN A 670 29.28 6.91 -0.65
N MET A 671 28.65 6.18 -1.59
CA MET A 671 28.29 4.80 -1.32
C MET A 671 29.50 3.89 -1.18
N GLU A 672 30.69 4.39 -1.46
CA GLU A 672 31.92 3.68 -1.15
C GLU A 672 32.24 3.87 0.33
N GLY A 673 33.43 3.47 0.75
CA GLY A 673 33.77 3.45 2.15
C GLY A 673 33.07 2.38 2.95
N PHE A 674 32.11 1.67 2.36
CA PHE A 674 31.52 0.47 2.93
C PHE A 674 32.14 -0.79 2.36
N VAL A 675 33.35 -0.69 1.82
CA VAL A 675 34.03 -1.79 1.17
C VAL A 675 34.95 -2.48 2.17
N SER A 676 35.06 -3.77 2.04
CA SER A 676 35.73 -4.75 2.88
C SER A 676 37.22 -4.81 2.55
N PRO A 677 38.04 -5.19 3.54
CA PRO A 677 39.51 -5.06 3.42
C PRO A 677 40.09 -5.60 2.11
N PRO A 678 39.65 -6.78 1.62
CA PRO A 678 40.23 -7.28 0.36
C PRO A 678 40.21 -6.29 -0.79
N MET A 679 39.27 -5.35 -0.79
CA MET A 679 39.21 -4.31 -1.80
C MET A 679 39.42 -2.95 -1.15
N LEU A 680 39.46 -1.91 -1.97
CA LEU A 680 39.63 -0.55 -1.53
C LEU A 680 38.53 0.33 -2.09
N PRO A 681 38.10 1.35 -1.36
CA PRO A 681 37.07 2.26 -1.89
C PRO A 681 37.62 3.05 -3.06
N LYS A 682 36.93 2.95 -4.20
CA LYS A 682 37.37 3.55 -5.46
C LYS A 682 36.25 4.41 -6.04
N PRO A 683 36.08 5.63 -5.54
CA PRO A 683 35.07 6.53 -6.11
C PRO A 683 35.47 7.10 -7.46
N GLN A 684 36.74 6.97 -7.88
CA GLN A 684 37.18 7.53 -9.16
C GLN A 684 36.41 6.97 -10.35
N LYS A 685 35.63 5.92 -10.17
CA LYS A 685 34.78 5.42 -11.24
C LYS A 685 33.73 6.43 -11.64
N MET A 686 33.45 7.43 -10.80
CA MET A 686 32.44 8.44 -11.11
C MET A 686 32.99 9.61 -11.91
N LEU A 687 34.31 9.66 -12.14
CA LEU A 687 34.84 10.60 -13.12
C LEU A 687 34.39 10.15 -14.50
N GLY A 688 33.88 11.08 -15.29
CA GLY A 688 33.06 10.71 -16.42
C GLY A 688 31.64 10.61 -15.92
N LYS A 689 30.69 11.22 -16.63
CA LYS A 689 29.36 11.64 -16.19
C LYS A 689 29.45 12.92 -15.36
N LEU A 690 30.66 13.42 -15.12
CA LEU A 690 30.87 14.72 -14.50
C LEU A 690 31.45 15.76 -15.45
N ASP A 691 31.99 15.34 -16.58
CA ASP A 691 32.54 16.27 -17.54
C ASP A 691 31.42 17.06 -18.23
N GLY A 692 31.82 17.95 -19.12
CA GLY A 692 30.87 18.78 -19.83
C GLY A 692 31.00 20.24 -19.45
N PRO A 693 30.24 21.09 -20.13
CA PRO A 693 30.34 22.53 -19.87
C PRO A 693 29.68 22.91 -18.55
N LEU A 694 30.11 24.06 -18.03
CA LEU A 694 29.53 24.66 -16.85
C LEU A 694 28.99 26.04 -17.20
N ARG A 695 27.80 26.37 -16.71
CA ARG A 695 27.13 27.59 -17.13
C ARG A 695 26.56 28.40 -15.97
N THR A 696 26.79 27.99 -14.73
CA THR A 696 26.36 28.76 -13.57
C THR A 696 27.48 28.82 -12.55
N LYS A 697 27.42 29.85 -11.70
CA LYS A 697 28.36 29.93 -10.58
C LYS A 697 28.10 28.84 -9.55
N LEU A 698 26.92 28.21 -9.57
CA LEU A 698 26.59 27.21 -8.57
C LEU A 698 27.18 25.85 -8.92
N GLN A 699 27.13 25.47 -10.19
CA GLN A 699 27.69 24.19 -10.61
C GLN A 699 29.17 24.10 -10.29
N VAL A 700 29.90 25.20 -10.41
CA VAL A 700 31.34 25.18 -10.12
C VAL A 700 31.58 24.86 -8.65
N TYR A 701 30.85 25.54 -7.76
CA TYR A 701 30.98 25.28 -6.32
C TYR A 701 30.61 23.84 -5.99
N LEU A 702 29.50 23.35 -6.57
CA LEU A 702 29.07 21.99 -6.30
C LEU A 702 30.11 20.98 -6.79
N LEU A 703 30.70 21.22 -7.96
CA LEU A 703 31.70 20.30 -8.50
C LEU A 703 32.95 20.29 -7.65
N ARG A 704 33.43 21.47 -7.22
CA ARG A 704 34.61 21.52 -6.36
C ARG A 704 34.36 20.79 -5.05
N LYS A 705 33.20 21.03 -4.43
CA LYS A 705 32.90 20.35 -3.17
C LYS A 705 32.77 18.84 -3.37
N HIS A 706 32.18 18.41 -4.49
CA HIS A 706 32.05 16.99 -4.77
C HIS A 706 33.42 16.34 -4.94
N LEU A 707 34.32 16.99 -5.69
CA LEU A 707 35.65 16.44 -5.87
C LEU A 707 36.42 16.38 -4.55
N ASP A 708 36.25 17.40 -3.70
CA ASP A 708 36.90 17.36 -2.40
C ASP A 708 36.34 16.22 -1.54
N CYS A 709 35.04 15.99 -1.59
CA CYS A 709 34.46 14.86 -0.87
C CYS A 709 35.00 13.54 -1.39
N MET A 710 35.15 13.43 -2.70
CA MET A 710 35.69 12.20 -3.29
C MET A 710 37.12 11.95 -2.83
N VAL A 711 37.97 12.97 -2.87
CA VAL A 711 39.37 12.78 -2.48
C VAL A 711 39.48 12.55 -0.98
N ARG A 712 38.56 13.11 -0.19
CA ARG A 712 38.56 12.83 1.24
C ARG A 712 38.16 11.38 1.52
N ILE A 713 37.15 10.88 0.80
CA ILE A 713 36.68 9.52 1.02
C ILE A 713 37.75 8.52 0.59
N ALA A 714 38.38 8.74 -0.57
CA ALA A 714 39.28 7.75 -1.14
C ALA A 714 40.52 7.51 -0.30
N SER A 715 40.69 8.25 0.79
CA SER A 715 41.87 8.10 1.63
C SER A 715 41.68 7.11 2.77
N GLN A 716 40.47 7.01 3.32
CA GLN A 716 40.21 6.10 4.42
C GLN A 716 38.74 5.68 4.40
N PRO A 717 38.45 4.39 4.54
CA PRO A 717 37.05 3.95 4.49
C PRO A 717 36.31 4.28 5.78
N PHE A 718 35.04 3.86 5.86
CA PHE A 718 34.27 4.05 7.07
C PHE A 718 34.61 2.96 8.08
N SER A 719 34.87 3.36 9.32
CA SER A 719 35.23 2.39 10.35
C SER A 719 34.07 1.45 10.64
N LEU A 720 34.40 0.34 11.30
CA LEU A 720 33.43 -0.73 11.54
C LEU A 720 33.72 -1.30 12.92
N ILE A 721 32.94 -0.89 13.92
CA ILE A 721 33.20 -1.28 15.31
C ILE A 721 31.96 -1.94 15.91
N PRO A 722 31.94 -3.26 16.06
CA PRO A 722 30.86 -3.97 16.77
C PRO A 722 31.08 -4.06 18.27
N ARG A 723 30.78 -2.98 18.98
CA ARG A 723 31.05 -2.90 20.41
C ARG A 723 30.28 -3.98 21.18
N GLU A 724 28.96 -3.91 21.17
CA GLU A 724 28.12 -4.96 21.71
C GLU A 724 27.72 -5.91 20.58
N GLY A 725 26.74 -6.78 20.82
CA GLY A 725 26.24 -7.67 19.78
C GLY A 725 25.74 -6.97 18.53
N ARG A 726 25.67 -5.64 18.54
CA ARG A 726 25.25 -4.89 17.36
C ARG A 726 26.46 -4.30 16.65
N VAL A 727 26.20 -3.73 15.47
CA VAL A 727 27.24 -3.20 14.61
C VAL A 727 26.86 -1.78 14.19
N GLU A 728 27.87 -0.95 13.97
CA GLU A 728 27.67 0.44 13.56
C GLU A 728 28.75 0.80 12.54
N TRP A 729 28.81 2.09 12.20
CA TRP A 729 29.84 2.62 11.31
C TRP A 729 30.22 4.00 11.83
N GLY A 730 31.51 4.19 12.08
CA GLY A 730 31.97 5.34 12.83
C GLY A 730 31.87 6.70 12.14
N GLY A 731 32.67 6.90 11.09
CA GLY A 731 32.81 8.23 10.54
C GLY A 731 32.03 8.52 9.27
N THR A 732 30.94 9.26 9.39
CA THR A 732 30.17 9.72 8.25
C THR A 732 30.12 11.23 8.24
N PHE A 733 29.71 11.80 7.10
CA PHE A 733 29.72 13.24 6.93
C PHE A 733 28.87 13.61 5.73
N HIS A 734 28.30 14.82 5.78
CA HIS A 734 27.51 15.34 4.68
C HIS A 734 28.39 15.48 3.43
N ALA A 735 27.76 15.26 2.27
CA ALA A 735 28.51 15.25 1.02
C ALA A 735 29.02 16.64 0.65
N ILE A 736 28.13 17.58 0.38
CA ILE A 736 28.55 18.94 0.12
C ILE A 736 28.53 19.73 1.42
N SER A 737 29.55 19.50 2.25
CA SER A 737 29.77 20.24 3.49
C SER A 737 30.98 19.66 4.21
N GLY A 738 31.41 20.30 5.29
CA GLY A 738 32.31 19.65 6.23
C GLY A 738 31.60 19.41 7.55
N ARG A 739 31.08 18.20 7.74
CA ARG A 739 30.26 17.91 8.91
C ARG A 739 30.60 16.53 9.44
N SER A 740 29.82 16.07 10.42
CA SER A 740 29.93 14.72 10.94
C SER A 740 28.57 14.37 11.56
N THR A 741 27.79 13.57 10.83
CA THR A 741 26.44 13.24 11.24
C THR A 741 26.21 11.74 11.12
N ASN A 742 25.22 11.25 11.87
CA ASN A 742 24.88 9.85 11.84
C ASN A 742 24.35 9.45 10.46
N LEU A 743 24.13 8.14 10.30
CA LEU A 743 23.73 7.60 8.99
C LEU A 743 22.45 8.25 8.49
N GLU A 744 21.37 8.18 9.28
CA GLU A 744 20.06 8.63 8.81
C GLU A 744 20.09 10.09 8.35
N ASN A 745 21.02 10.87 8.90
CA ASN A 745 21.16 12.30 8.52
C ASN A 745 21.85 12.40 7.16
N MET A 746 22.66 11.39 6.79
CA MET A 746 23.39 11.42 5.52
C MET A 746 22.58 10.78 4.40
N VAL A 747 21.88 9.68 4.69
CA VAL A 747 21.25 8.89 3.63
C VAL A 747 20.25 9.73 2.83
N ASN A 748 19.33 10.40 3.52
CA ASN A 748 18.36 11.24 2.84
C ASN A 748 18.86 12.66 2.64
N SER A 749 20.18 12.86 2.63
CA SER A 749 20.78 14.09 2.15
C SER A 749 21.19 13.99 0.69
N TRP A 750 21.15 12.79 0.11
CA TRP A 750 21.40 12.58 -1.31
C TRP A 750 20.18 12.90 -2.17
N TYR A 751 19.09 13.35 -1.57
CA TYR A 751 17.81 13.55 -2.25
C TYR A 751 17.32 14.98 -2.05
N ILE A 752 18.21 15.94 -2.23
CA ILE A 752 17.87 17.34 -1.93
C ILE A 752 16.98 17.92 -3.02
N GLY A 753 17.34 17.70 -4.28
CA GLY A 753 16.63 18.34 -5.38
C GLY A 753 15.70 17.41 -6.14
N TYR A 754 14.94 16.59 -5.41
CA TYR A 754 14.04 15.64 -6.03
C TYR A 754 12.63 16.21 -6.12
N TYR A 755 11.96 15.94 -7.25
CA TYR A 755 10.56 16.29 -7.43
C TYR A 755 10.02 15.49 -8.60
N LYS A 756 8.71 15.53 -8.76
CA LYS A 756 8.01 14.78 -9.81
C LYS A 756 7.07 15.69 -10.57
N ASN A 757 6.63 15.22 -11.73
CA ASN A 757 5.72 15.97 -12.59
C ASN A 757 5.26 15.06 -13.73
N LYS A 758 4.20 15.49 -14.41
CA LYS A 758 3.71 14.82 -15.61
C LYS A 758 3.29 15.83 -16.67
N GLU A 759 3.87 17.03 -16.66
CA GLU A 759 3.36 18.16 -17.44
C GLU A 759 3.66 18.06 -18.93
N GLU A 760 4.46 17.09 -19.36
CA GLU A 760 4.86 16.96 -20.76
C GLU A 760 5.55 18.25 -21.25
N SER A 761 6.73 18.48 -20.67
CA SER A 761 7.55 19.59 -21.13
C SER A 761 7.84 19.46 -22.62
N THR A 762 8.02 20.61 -23.28
CA THR A 762 8.25 20.61 -24.72
C THR A 762 9.43 21.50 -25.12
N GLU A 763 10.31 21.80 -24.18
CA GLU A 763 11.53 22.54 -24.51
C GLU A 763 12.36 21.75 -25.50
N LEU A 764 12.91 22.45 -26.50
CA LEU A 764 13.61 21.76 -27.58
C LEU A 764 14.89 21.10 -27.10
N ASN A 765 15.53 21.66 -26.08
CA ASN A 765 16.81 21.12 -25.61
C ASN A 765 16.63 19.73 -25.01
N ALA A 766 15.77 19.62 -24.00
CA ALA A 766 15.54 18.33 -23.36
C ALA A 766 15.02 17.30 -24.34
N LEU A 767 14.16 17.72 -25.27
CA LEU A 767 13.63 16.79 -26.26
C LEU A 767 14.75 16.32 -27.21
N GLY A 768 15.70 17.20 -27.52
CA GLY A 768 16.85 16.78 -28.30
C GLY A 768 17.72 15.79 -27.56
N GLU A 769 17.95 16.03 -26.27
CA GLU A 769 18.69 15.07 -25.47
C GLU A 769 17.98 13.72 -25.44
N MET A 770 16.65 13.74 -25.36
CA MET A 770 15.89 12.49 -25.41
C MET A 770 16.08 11.78 -26.74
N TYR A 771 15.95 12.51 -27.85
CA TYR A 771 16.15 11.91 -29.16
C TYR A 771 17.56 11.33 -29.30
N LYS A 772 18.55 12.00 -28.71
CA LYS A 772 19.91 11.47 -28.72
C LYS A 772 19.99 10.17 -27.94
N LYS A 773 19.44 10.16 -26.72
CA LYS A 773 19.50 8.96 -25.89
C LYS A 773 18.82 7.77 -26.57
N ILE A 774 17.72 8.02 -27.27
CA ILE A 774 17.00 6.93 -27.92
C ILE A 774 17.88 6.23 -28.94
N VAL A 775 18.61 7.00 -29.75
CA VAL A 775 19.52 6.41 -30.73
C VAL A 775 20.95 6.63 -30.31
N GLU A 776 21.51 5.67 -29.57
CA GLU A 776 22.91 5.69 -29.17
C GLU A 776 23.67 4.47 -29.66
N MET A 777 23.11 3.28 -29.48
CA MET A 777 23.75 2.04 -29.89
C MET A 777 23.17 1.48 -31.17
N GLU A 778 22.52 2.33 -31.98
CA GLU A 778 21.94 1.86 -33.24
C GLU A 778 23.03 1.47 -34.23
N GLU A 779 23.95 2.39 -34.51
CA GLU A 779 25.02 2.12 -35.46
C GLU A 779 25.93 0.98 -35.03
N ASP A 780 25.85 0.53 -33.78
CA ASP A 780 26.65 -0.58 -33.28
C ASP A 780 26.05 -1.94 -33.60
N LYS A 781 25.13 -2.00 -34.57
CA LYS A 781 24.58 -3.28 -34.99
C LYS A 781 25.72 -4.20 -35.45
N PRO A 782 25.65 -5.49 -35.13
CA PRO A 782 26.73 -6.40 -35.54
C PRO A 782 26.83 -6.61 -37.04
N SER A 783 25.84 -6.20 -37.81
CA SER A 783 25.82 -6.36 -39.27
C SER A 783 26.06 -7.80 -39.68
N SER A 784 25.66 -8.74 -38.83
CA SER A 784 25.82 -10.16 -39.11
C SER A 784 24.79 -10.95 -38.32
N PRO A 785 23.84 -11.61 -38.99
CA PRO A 785 22.81 -12.40 -38.30
C PRO A 785 23.30 -13.77 -37.85
N GLU A 786 24.46 -13.79 -37.19
CA GLU A 786 25.10 -15.04 -36.77
C GLU A 786 25.19 -15.17 -35.26
N PHE A 787 25.73 -14.18 -34.57
CA PHE A 787 25.86 -14.24 -33.12
C PHE A 787 24.67 -13.64 -32.38
N LEU A 788 23.50 -13.61 -33.01
CA LEU A 788 22.27 -13.13 -32.39
C LEU A 788 21.31 -14.27 -32.11
N GLY A 789 21.84 -15.44 -31.75
CA GLY A 789 21.01 -16.57 -31.42
C GLY A 789 21.24 -17.78 -32.30
N TRP A 790 22.45 -17.94 -32.84
CA TRP A 790 22.78 -19.10 -33.65
C TRP A 790 23.97 -19.89 -33.11
N GLY A 791 24.99 -19.18 -32.61
CA GLY A 791 26.19 -19.86 -32.09
C GLY A 791 26.79 -19.19 -30.86
N ASP A 792 27.70 -19.90 -30.18
CA ASP A 792 28.38 -19.43 -28.94
C ASP A 792 29.51 -18.46 -29.29
N THR A 793 29.97 -17.68 -28.31
CA THR A 793 31.07 -16.69 -28.54
C THR A 793 31.76 -16.34 -27.20
N ASP A 794 33.08 -16.51 -27.13
CA ASP A 794 33.85 -16.20 -25.93
C ASP A 794 33.76 -14.71 -25.60
N SER A 795 34.21 -13.86 -26.52
CA SER A 795 34.17 -12.42 -26.35
C SER A 795 33.02 -11.86 -27.17
N PRO A 796 31.87 -11.56 -26.57
CA PRO A 796 30.74 -11.08 -27.35
C PRO A 796 30.82 -9.59 -27.64
N LYS A 797 30.25 -9.20 -28.77
CA LYS A 797 30.27 -7.82 -29.20
C LYS A 797 29.14 -7.04 -28.52
N LYS A 798 28.88 -5.83 -28.99
CA LYS A 798 27.99 -4.90 -28.30
C LYS A 798 26.54 -5.35 -28.26
N HIS A 799 26.12 -6.29 -29.11
CA HIS A 799 24.74 -6.73 -29.11
C HIS A 799 24.57 -8.24 -29.19
N GLU A 800 25.61 -9.02 -28.95
CA GLU A 800 25.55 -10.47 -29.11
C GLU A 800 25.40 -11.16 -27.76
N PHE A 801 25.11 -12.47 -27.83
CA PHE A 801 24.89 -13.26 -26.64
C PHE A 801 25.04 -14.74 -26.99
N SER A 802 25.70 -15.49 -26.11
CA SER A 802 25.90 -16.91 -26.34
C SER A 802 24.60 -17.67 -26.09
N ARG A 803 24.26 -18.57 -27.01
CA ARG A 803 23.00 -19.30 -26.91
C ARG A 803 23.04 -20.34 -25.80
N SER A 804 24.12 -21.12 -25.73
CA SER A 804 24.21 -22.19 -24.76
C SER A 804 24.06 -21.69 -23.33
N PHE A 805 24.61 -20.50 -23.03
CA PHE A 805 24.45 -19.94 -21.70
C PHE A 805 23.00 -19.58 -21.42
N LEU A 806 22.30 -19.05 -22.43
CA LEU A 806 20.87 -18.79 -22.28
C LEU A 806 20.11 -20.07 -21.97
N ARG A 807 20.42 -21.15 -22.69
CA ARG A 807 19.73 -22.42 -22.44
C ARG A 807 20.03 -22.93 -21.03
N ALA A 808 21.29 -22.78 -20.59
CA ALA A 808 21.63 -23.20 -19.23
C ALA A 808 20.85 -22.42 -18.19
N ALA A 809 20.73 -21.10 -18.38
CA ALA A 809 19.99 -20.29 -17.42
C ALA A 809 18.51 -20.65 -17.40
N CYS A 810 17.90 -20.83 -18.57
CA CYS A 810 16.51 -21.25 -18.62
C CYS A 810 16.32 -22.60 -17.94
N SER A 811 17.23 -23.54 -18.16
CA SER A 811 17.11 -24.84 -17.52
C SER A 811 17.21 -24.71 -16.01
N SER A 812 18.13 -23.88 -15.52
CA SER A 812 18.26 -23.68 -14.08
C SER A 812 16.99 -23.11 -13.48
N LEU A 813 16.46 -22.05 -14.08
CA LEU A 813 15.24 -21.45 -13.54
C LEU A 813 14.06 -22.42 -13.60
N GLU A 814 13.96 -23.18 -14.70
CA GLU A 814 12.85 -24.13 -14.82
C GLU A 814 12.95 -25.23 -13.78
N ARG A 815 14.17 -25.70 -13.49
CA ARG A 815 14.32 -26.70 -12.44
C ARG A 815 13.98 -26.12 -11.08
N GLU A 816 14.38 -24.87 -10.81
CA GLU A 816 14.02 -24.25 -9.53
C GLU A 816 12.51 -24.14 -9.39
N ILE A 817 11.82 -23.72 -10.45
CA ILE A 817 10.37 -23.61 -10.42
C ILE A 817 9.74 -24.98 -10.19
N ALA A 818 10.17 -25.97 -10.97
CA ALA A 818 9.60 -27.31 -10.87
C ALA A 818 9.93 -27.99 -9.56
N GLN A 819 10.91 -27.48 -8.80
CA GLN A 819 11.15 -28.03 -7.48
C GLN A 819 10.39 -27.29 -6.39
N ARG A 820 10.25 -25.97 -6.50
CA ARG A 820 9.43 -25.24 -5.53
C ARG A 820 7.99 -25.71 -5.59
N HIS A 821 7.33 -25.52 -6.72
CA HIS A 821 6.04 -26.12 -6.95
C HIS A 821 6.21 -27.58 -7.41
N GLY A 822 5.12 -28.33 -7.36
CA GLY A 822 5.16 -29.69 -7.86
C GLY A 822 5.23 -29.73 -9.37
N ARG A 823 5.80 -30.81 -9.89
CA ARG A 823 5.89 -30.97 -11.33
C ARG A 823 4.49 -31.13 -11.92
N GLN A 824 4.44 -31.21 -13.25
CA GLN A 824 3.20 -31.07 -14.00
C GLN A 824 2.53 -29.74 -13.67
N TRP A 825 3.30 -28.67 -13.87
CA TRP A 825 2.85 -27.30 -13.64
C TRP A 825 2.49 -26.57 -14.91
N LYS A 826 3.09 -26.96 -16.04
CA LYS A 826 2.79 -26.31 -17.32
C LYS A 826 1.30 -26.34 -17.63
N GLN A 827 0.62 -27.42 -17.24
CA GLN A 827 -0.80 -27.55 -17.52
C GLN A 827 -1.61 -26.49 -16.78
N ASN A 828 -1.32 -26.34 -15.49
CA ASN A 828 -2.01 -25.34 -14.64
C ASN A 828 -1.78 -23.95 -15.25
N LEU A 829 -0.54 -23.69 -15.68
CA LEU A 829 -0.20 -22.39 -16.26
C LEU A 829 -0.98 -22.15 -17.55
N GLU A 830 -1.03 -23.15 -18.42
CA GLU A 830 -1.75 -22.99 -19.68
C GLU A 830 -3.23 -22.73 -19.45
N GLU A 831 -3.84 -23.48 -18.52
CA GLU A 831 -5.25 -23.25 -18.23
C GLU A 831 -5.48 -21.88 -17.62
N ARG A 832 -4.56 -21.45 -16.74
CA ARG A 832 -4.67 -20.12 -16.11
C ARG A 832 -4.62 -19.02 -17.19
N VAL A 833 -3.70 -19.16 -18.14
CA VAL A 833 -3.54 -18.16 -19.20
C VAL A 833 -4.76 -18.14 -20.11
N LEU A 834 -5.20 -19.33 -20.52
CA LEU A 834 -6.39 -19.42 -21.38
C LEU A 834 -7.60 -18.79 -20.71
N ARG A 835 -7.79 -19.06 -19.42
CA ARG A 835 -8.88 -18.46 -18.67
C ARG A 835 -8.76 -16.94 -18.66
N GLU A 836 -7.62 -16.43 -18.18
CA GLU A 836 -7.45 -15.00 -18.01
C GLU A 836 -7.53 -14.25 -19.33
N ILE A 837 -7.29 -14.92 -20.45
CA ILE A 837 -7.44 -14.27 -21.75
C ILE A 837 -8.87 -14.35 -22.25
N GLY A 838 -9.53 -15.50 -22.09
CA GLY A 838 -10.85 -15.72 -22.66
C GLY A 838 -11.97 -14.92 -22.02
N THR A 839 -11.70 -14.20 -20.94
CA THR A 839 -12.74 -13.44 -20.25
C THR A 839 -12.65 -11.94 -20.50
N LYS A 840 -11.68 -11.48 -21.26
CA LYS A 840 -11.51 -10.04 -21.52
C LYS A 840 -12.56 -9.60 -22.52
N ASN A 841 -13.60 -8.92 -22.03
CA ASN A 841 -14.55 -8.28 -22.93
C ASN A 841 -13.88 -7.08 -23.61
N ILE A 842 -14.47 -6.66 -24.73
CA ILE A 842 -13.90 -5.53 -25.47
C ILE A 842 -14.27 -4.19 -24.84
N LEU A 843 -15.30 -4.16 -23.99
CA LEU A 843 -15.70 -2.90 -23.38
C LEU A 843 -14.80 -2.53 -22.20
N ASP A 844 -14.53 -3.50 -21.32
CA ASP A 844 -13.73 -3.21 -20.13
C ASP A 844 -12.25 -3.24 -20.45
N LEU A 845 -11.84 -2.48 -21.47
CA LEU A 845 -10.43 -2.34 -21.81
C LEU A 845 -9.83 -1.23 -20.95
N ALA A 846 -8.62 -0.80 -21.29
CA ALA A 846 -7.95 0.30 -20.58
C ALA A 846 -8.35 1.62 -21.23
N SER A 847 -9.58 2.03 -20.96
CA SER A 847 -10.11 3.26 -21.50
C SER A 847 -9.36 4.46 -20.94
N MET A 848 -9.49 5.60 -21.64
CA MET A 848 -8.84 6.85 -21.28
C MET A 848 -7.33 6.78 -21.31
N LYS A 849 -6.77 5.82 -22.05
CA LYS A 849 -5.33 5.75 -22.24
C LYS A 849 -4.94 6.63 -23.42
N ALA A 850 -3.69 6.53 -23.86
CA ALA A 850 -3.18 7.35 -24.94
C ALA A 850 -2.88 6.49 -26.17
N THR A 851 -3.17 7.05 -27.34
CA THR A 851 -2.89 6.40 -28.61
C THR A 851 -2.16 7.40 -29.51
N SER A 852 -1.90 6.99 -30.75
CA SER A 852 -1.11 7.79 -31.68
C SER A 852 -1.82 7.82 -33.03
N ASN A 853 -2.12 9.03 -33.52
CA ASN A 853 -2.66 9.21 -34.85
C ASN A 853 -1.55 9.45 -35.87
N PHE A 854 -0.58 8.54 -35.90
CA PHE A 854 0.57 8.63 -36.79
C PHE A 854 0.46 7.50 -37.83
N SER A 855 0.14 7.85 -39.06
CA SER A 855 -0.02 6.89 -40.14
C SER A 855 1.01 7.19 -41.23
N LYS A 856 0.87 6.48 -42.36
CA LYS A 856 1.81 6.63 -43.46
C LYS A 856 1.83 8.05 -44.02
N ASP A 857 0.70 8.77 -43.91
CA ASP A 857 0.62 10.09 -44.51
C ASP A 857 1.54 11.09 -43.80
N TRP A 858 1.69 10.95 -42.49
CA TRP A 858 2.55 11.88 -41.75
C TRP A 858 4.01 11.46 -41.84
N GLU A 859 4.52 11.27 -43.06
CA GLU A 859 5.87 10.79 -43.27
C GLU A 859 6.71 11.71 -44.15
N LEU A 860 6.14 12.84 -44.58
CA LEU A 860 6.82 13.78 -45.47
C LEU A 860 6.75 15.17 -44.87
N TYR A 861 7.84 15.60 -44.23
CA TYR A 861 7.88 16.94 -43.67
C TYR A 861 7.71 17.99 -44.77
N SER A 862 7.02 19.08 -44.42
CA SER A 862 6.67 20.21 -45.28
C SER A 862 5.65 19.82 -46.34
N GLU A 863 5.27 18.54 -46.42
CA GLU A 863 4.13 18.12 -47.21
C GLU A 863 2.87 17.95 -46.36
N VAL A 864 3.05 17.58 -45.10
CA VAL A 864 2.00 17.69 -44.09
C VAL A 864 2.61 18.45 -42.91
N GLN A 865 2.51 19.78 -42.94
CA GLN A 865 2.98 20.63 -41.85
C GLN A 865 1.99 21.79 -41.73
N THR A 866 2.36 22.77 -40.91
CA THR A 866 1.44 23.84 -40.50
C THR A 866 0.17 23.26 -39.89
N LYS A 867 0.30 22.10 -39.24
CA LYS A 867 -0.83 21.39 -38.65
C LYS A 867 -0.48 21.03 -37.21
N GLU A 868 -1.34 20.22 -36.59
CA GLU A 868 -1.12 19.73 -35.23
C GLU A 868 -1.32 18.23 -35.19
N TYR A 869 -0.44 17.53 -34.47
CA TYR A 869 -0.55 16.08 -34.39
C TYR A 869 -1.74 15.67 -33.53
N HIS A 870 -1.75 16.09 -32.26
CA HIS A 870 -2.89 15.90 -31.36
C HIS A 870 -3.24 14.42 -31.22
N ARG A 871 -2.31 13.69 -30.61
CA ARG A 871 -2.55 12.31 -30.22
C ARG A 871 -3.87 12.19 -29.46
N SER A 872 -4.51 11.03 -29.56
CA SER A 872 -5.85 10.87 -29.02
C SER A 872 -5.95 9.68 -28.06
N LYS A 873 -7.17 9.39 -27.62
CA LYS A 873 -7.43 8.35 -26.63
C LYS A 873 -7.62 7.00 -27.33
N LEU A 874 -7.84 5.96 -26.53
CA LEU A 874 -8.10 4.62 -27.03
C LEU A 874 -9.58 4.30 -27.14
N LEU A 875 -10.42 5.03 -26.40
CA LEU A 875 -11.85 4.78 -26.40
C LEU A 875 -12.45 4.82 -27.80
N GLU A 876 -11.91 5.69 -28.67
CA GLU A 876 -12.41 5.76 -30.03
C GLU A 876 -12.23 4.45 -30.77
N LYS A 877 -11.14 3.73 -30.48
CA LYS A 877 -10.90 2.45 -31.14
C LYS A 877 -11.92 1.41 -30.71
N MET A 878 -12.14 1.29 -29.40
CA MET A 878 -13.15 0.34 -28.93
C MET A 878 -14.54 0.72 -29.43
N ALA A 879 -14.80 2.01 -29.62
CA ALA A 879 -16.08 2.44 -30.19
C ALA A 879 -16.23 1.96 -31.62
N THR A 880 -15.27 2.33 -32.48
CA THR A 880 -15.33 1.92 -33.88
C THR A 880 -15.18 0.42 -34.06
N LEU A 881 -14.78 -0.31 -33.01
CA LEU A 881 -14.79 -1.76 -33.05
C LEU A 881 -16.14 -2.33 -32.68
N ILE A 882 -16.70 -1.91 -31.54
CA ILE A 882 -18.05 -2.31 -31.16
C ILE A 882 -19.04 -2.04 -32.28
N GLU A 883 -18.81 -0.96 -33.04
CA GLU A 883 -19.64 -0.71 -34.21
C GLU A 883 -19.58 -1.87 -35.20
N LYS A 884 -18.40 -2.46 -35.38
CA LYS A 884 -18.21 -3.52 -36.35
C LYS A 884 -18.67 -4.89 -35.85
N GLY A 885 -19.42 -4.95 -34.76
CA GLY A 885 -19.95 -6.20 -34.27
C GLY A 885 -18.90 -7.15 -33.72
N VAL A 886 -18.20 -6.73 -32.67
CA VAL A 886 -17.25 -7.56 -31.96
C VAL A 886 -17.46 -7.36 -30.46
N MET A 887 -17.41 -8.43 -29.70
CA MET A 887 -17.71 -8.40 -28.28
C MET A 887 -16.54 -8.83 -27.40
N TRP A 888 -15.78 -9.82 -27.83
CA TRP A 888 -14.70 -10.39 -27.02
C TRP A 888 -13.35 -9.95 -27.57
N TYR A 889 -12.41 -9.68 -26.66
CA TYR A 889 -11.08 -9.23 -27.06
C TYR A 889 -10.39 -10.23 -27.96
N ILE A 890 -10.71 -11.52 -27.82
CA ILE A 890 -10.03 -12.57 -28.56
C ILE A 890 -10.47 -12.56 -30.02
N ASP A 891 -11.39 -11.66 -30.36
CA ASP A 891 -11.89 -11.56 -31.73
C ASP A 891 -11.27 -10.41 -32.51
N ALA A 892 -10.85 -9.34 -31.83
CA ALA A 892 -10.29 -8.19 -32.53
C ALA A 892 -8.89 -8.46 -33.05
N VAL A 893 -8.12 -9.28 -32.33
CA VAL A 893 -6.72 -9.50 -32.70
C VAL A 893 -6.61 -10.19 -34.05
N GLY A 894 -7.57 -11.05 -34.39
CA GLY A 894 -7.51 -11.77 -35.65
C GLY A 894 -7.44 -10.87 -36.87
N GLN A 895 -7.99 -9.65 -36.75
CA GLN A 895 -7.88 -8.66 -37.82
C GLN A 895 -6.88 -7.56 -37.50
N ALA A 896 -6.62 -7.29 -36.21
CA ALA A 896 -5.61 -6.30 -35.87
C ALA A 896 -4.22 -6.74 -36.33
N TRP A 897 -3.91 -8.02 -36.17
CA TRP A 897 -2.62 -8.52 -36.62
C TRP A 897 -2.45 -8.36 -38.13
N LYS A 898 -3.50 -8.71 -38.88
CA LYS A 898 -3.45 -8.55 -40.34
C LYS A 898 -3.31 -7.08 -40.72
N ALA A 899 -4.03 -6.19 -40.03
CA ALA A 899 -3.91 -4.77 -40.32
C ALA A 899 -2.50 -4.26 -40.04
N VAL A 900 -1.84 -4.79 -39.00
CA VAL A 900 -0.47 -4.39 -38.71
C VAL A 900 0.48 -4.93 -39.77
N LEU A 901 0.31 -6.20 -40.14
CA LEU A 901 1.25 -6.84 -41.07
C LEU A 901 1.20 -6.20 -42.44
N ASP A 902 0.06 -5.64 -42.84
CA ASP A 902 0.00 -4.92 -44.11
C ASP A 902 0.82 -3.63 -44.07
N ASP A 903 1.16 -3.15 -42.89
CA ASP A 903 2.11 -2.06 -42.73
C ASP A 903 3.50 -2.65 -42.56
N GLY A 904 4.47 -1.81 -42.21
CA GLY A 904 5.83 -2.31 -42.01
C GLY A 904 6.53 -1.71 -40.81
N CYS A 905 5.77 -1.36 -39.77
CA CYS A 905 6.34 -0.67 -38.62
C CYS A 905 5.40 -0.82 -37.44
N MET A 906 5.67 -0.06 -36.37
CA MET A 906 4.84 -0.04 -35.19
C MET A 906 4.12 1.29 -34.97
N ARG A 907 4.58 2.38 -35.59
CA ARG A 907 3.99 3.71 -35.45
C ARG A 907 3.97 4.15 -33.98
N ILE A 908 5.17 4.28 -33.43
CA ILE A 908 5.37 4.69 -32.05
C ILE A 908 5.54 6.21 -32.01
N CYS A 909 4.93 6.84 -31.00
CA CYS A 909 5.10 8.26 -30.76
C CYS A 909 5.71 8.45 -29.36
N LEU A 910 6.40 9.57 -29.18
CA LEU A 910 7.18 9.80 -27.98
C LEU A 910 6.49 10.82 -27.07
N PHE A 911 6.93 10.84 -25.82
CA PHE A 911 6.34 11.69 -24.80
C PHE A 911 7.38 11.86 -23.70
N LYS A 912 7.47 13.07 -23.14
CA LYS A 912 8.49 13.35 -22.14
C LYS A 912 7.95 14.33 -21.11
N LYS A 913 8.05 13.95 -19.83
CA LYS A 913 7.71 14.83 -18.74
C LYS A 913 8.97 15.52 -18.23
N ASN A 914 8.80 16.42 -17.25
CA ASN A 914 9.89 17.23 -16.73
C ASN A 914 10.02 16.99 -15.23
N GLN A 915 10.98 16.13 -14.86
CA GLN A 915 11.25 15.77 -13.44
C GLN A 915 12.76 15.65 -13.18
N HIS A 916 13.59 16.11 -14.13
CA HIS A 916 15.05 16.13 -14.03
C HIS A 916 15.65 14.75 -13.79
N GLY A 917 14.85 13.69 -13.72
CA GLY A 917 15.38 12.37 -13.43
C GLY A 917 14.33 11.42 -12.91
N GLY A 918 14.43 10.16 -13.33
CA GLY A 918 13.46 9.15 -12.95
C GLY A 918 13.05 8.31 -14.14
N LEU A 919 11.74 8.18 -14.36
CA LEU A 919 11.20 7.55 -15.56
C LEU A 919 10.54 8.66 -16.37
N ARG A 920 11.35 9.35 -17.18
CA ARG A 920 10.90 10.52 -17.91
C ARG A 920 10.26 10.17 -19.25
N GLU A 921 10.87 9.26 -19.99
CA GLU A 921 10.36 8.93 -21.31
C GLU A 921 9.07 8.13 -21.21
N ILE A 922 8.23 8.26 -22.23
CA ILE A 922 7.02 7.47 -22.39
C ILE A 922 6.81 7.24 -23.87
N TYR A 923 6.58 5.99 -24.25
CA TYR A 923 6.38 5.63 -25.65
C TYR A 923 4.92 5.23 -25.83
N VAL A 924 4.13 6.09 -26.43
CA VAL A 924 2.73 5.78 -26.72
C VAL A 924 2.68 5.07 -28.06
N MET A 925 1.82 4.07 -28.15
CA MET A 925 1.68 3.28 -29.37
C MET A 925 0.33 3.56 -30.00
N ASP A 926 0.06 2.87 -31.10
CA ASP A 926 -1.25 2.92 -31.74
C ASP A 926 -2.07 1.70 -31.31
N ALA A 927 -3.39 1.82 -31.48
CA ALA A 927 -4.30 0.81 -30.96
C ALA A 927 -4.00 -0.57 -31.53
N ASN A 928 -3.65 -0.63 -32.83
CA ASN A 928 -3.37 -1.92 -33.46
C ASN A 928 -2.14 -2.60 -32.87
N ALA A 929 -1.26 -1.84 -32.19
CA ALA A 929 -0.13 -2.43 -31.50
C ALA A 929 -0.47 -2.81 -30.07
N ARG A 930 -1.24 -1.97 -29.37
CA ARG A 930 -1.68 -2.32 -28.03
C ARG A 930 -2.51 -3.59 -28.02
N LEU A 931 -3.36 -3.77 -29.03
CA LEU A 931 -4.23 -4.93 -29.07
C LEU A 931 -3.47 -6.23 -29.23
N VAL A 932 -2.24 -6.20 -29.74
CA VAL A 932 -1.48 -7.42 -29.94
C VAL A 932 -0.44 -7.55 -28.83
N GLN A 933 -0.06 -6.43 -28.22
CA GLN A 933 0.89 -6.50 -27.12
C GLN A 933 0.23 -6.93 -25.82
N PHE A 934 -1.05 -6.58 -25.65
CA PHE A 934 -1.76 -6.94 -24.42
C PHE A 934 -1.96 -8.44 -24.31
N GLY A 935 -2.08 -9.13 -25.45
CA GLY A 935 -2.24 -10.57 -25.44
C GLY A 935 -0.97 -11.34 -25.12
N VAL A 936 0.19 -10.70 -25.18
CA VAL A 936 1.46 -11.34 -24.89
C VAL A 936 1.99 -10.94 -23.52
N GLU A 937 1.76 -9.68 -23.11
CA GLU A 937 2.23 -9.27 -21.79
C GLU A 937 1.52 -10.04 -20.69
N THR A 938 0.28 -10.48 -20.92
CA THR A 938 -0.41 -11.27 -19.92
C THR A 938 0.25 -12.63 -19.74
N MET A 939 0.62 -13.29 -20.85
CA MET A 939 1.37 -14.55 -20.74
C MET A 939 2.70 -14.32 -20.02
N ALA A 940 3.39 -13.24 -20.37
CA ALA A 940 4.66 -12.94 -19.71
C ALA A 940 4.47 -12.80 -18.20
N ARG A 941 3.48 -12.01 -17.79
CA ARG A 941 3.25 -11.78 -16.37
C ARG A 941 2.82 -13.06 -15.66
N CYS A 942 2.03 -13.91 -16.33
CA CYS A 942 1.62 -15.16 -15.74
C CYS A 942 2.82 -16.07 -15.51
N VAL A 943 3.70 -16.20 -16.52
CA VAL A 943 4.89 -17.02 -16.36
C VAL A 943 5.81 -16.45 -15.28
N CYS A 944 5.82 -15.12 -15.14
CA CYS A 944 6.72 -14.49 -14.17
C CYS A 944 6.18 -14.56 -12.75
N GLU A 945 4.87 -14.66 -12.58
CA GLU A 945 4.28 -14.55 -11.25
C GLU A 945 4.69 -15.70 -10.33
N LEU A 946 4.99 -16.87 -10.90
CA LEU A 946 5.32 -18.05 -10.10
C LEU A 946 6.82 -18.27 -10.00
N SER A 947 7.60 -17.18 -9.95
CA SER A 947 9.03 -17.25 -9.73
C SER A 947 9.39 -16.88 -8.30
N PRO A 948 10.46 -17.43 -7.74
CA PRO A 948 10.83 -17.15 -6.36
C PRO A 948 11.70 -15.92 -6.15
N HIS A 949 12.22 -15.32 -7.22
CA HIS A 949 13.12 -14.17 -7.10
C HIS A 949 12.45 -12.86 -7.49
N GLU A 950 11.71 -12.85 -8.59
CA GLU A 950 11.18 -11.61 -9.17
C GLU A 950 10.33 -10.84 -8.15
N THR A 951 10.46 -9.52 -8.18
CA THR A 951 9.77 -8.63 -7.24
C THR A 951 9.01 -7.53 -7.97
N VAL A 952 8.36 -7.85 -9.09
CA VAL A 952 7.42 -6.93 -9.71
C VAL A 952 6.05 -7.54 -9.94
N ALA A 953 5.93 -8.87 -9.98
CA ALA A 953 4.64 -9.53 -9.98
C ALA A 953 4.22 -9.99 -8.58
N ASN A 954 5.19 -10.36 -7.74
CA ASN A 954 4.97 -10.66 -6.33
C ASN A 954 5.53 -9.50 -5.52
N PRO A 955 4.73 -8.47 -5.24
CA PRO A 955 5.30 -7.26 -4.62
C PRO A 955 5.73 -7.46 -3.17
N ARG A 956 5.04 -8.29 -2.41
CA ARG A 956 5.38 -8.46 -0.99
C ARG A 956 6.78 -8.99 -0.81
N LEU A 957 7.26 -9.84 -1.74
CA LEU A 957 8.62 -10.34 -1.67
C LEU A 957 9.66 -9.24 -1.66
N LYS A 958 9.27 -8.00 -1.99
CA LYS A 958 10.16 -6.86 -1.85
C LYS A 958 10.74 -6.76 -0.44
N ASN A 959 10.00 -7.22 0.56
CA ASN A 959 10.44 -7.07 1.95
C ASN A 959 10.50 -8.41 2.67
N SER A 960 10.76 -9.48 1.94
CA SER A 960 10.84 -10.79 2.57
C SER A 960 12.13 -11.53 2.28
N ILE A 961 12.65 -11.45 1.06
CA ILE A 961 13.83 -12.22 0.67
C ILE A 961 15.12 -11.67 1.26
N ILE A 962 15.06 -10.52 1.93
CA ILE A 962 16.24 -9.92 2.55
C ILE A 962 16.22 -10.10 4.07
N GLU A 963 15.11 -9.77 4.72
CA GLU A 963 15.05 -9.89 6.17
C GLU A 963 15.18 -11.34 6.61
N ASN A 964 14.20 -12.18 6.23
CA ASN A 964 14.15 -13.58 6.60
C ASN A 964 15.45 -14.32 6.33
N HIS A 965 16.21 -13.89 5.32
CA HIS A 965 17.52 -14.48 5.05
C HIS A 965 18.33 -14.67 6.33
N GLY A 966 18.37 -13.64 7.18
CA GLY A 966 19.05 -13.76 8.46
C GLY A 966 18.69 -15.04 9.19
N LEU A 967 17.39 -15.22 9.45
CA LEU A 967 16.94 -16.45 10.12
C LEU A 967 17.44 -17.68 9.37
N LYS A 968 17.26 -17.70 8.05
CA LYS A 968 17.77 -18.82 7.24
C LYS A 968 19.25 -19.05 7.52
N SER A 969 20.04 -17.98 7.48
CA SER A 969 21.46 -18.10 7.78
C SER A 969 21.67 -18.74 9.16
N ALA A 970 20.92 -18.28 10.15
CA ALA A 970 21.07 -18.84 11.49
C ALA A 970 20.62 -20.30 11.54
N ARG A 971 19.69 -20.70 10.67
CA ARG A 971 19.11 -22.03 10.78
C ARG A 971 20.14 -23.12 10.52
N SER A 972 20.59 -23.26 9.28
CA SER A 972 21.59 -24.29 8.96
C SER A 972 23.01 -23.73 8.96
N LEU A 973 23.37 -22.96 9.98
CA LEU A 973 24.76 -22.60 10.20
C LEU A 973 25.20 -22.60 11.66
N GLY A 974 24.29 -22.46 12.62
CA GLY A 974 24.66 -22.09 13.96
C GLY A 974 24.83 -20.58 14.05
N PRO A 975 24.33 -20.00 15.13
CA PRO A 975 24.33 -18.53 15.24
C PRO A 975 25.74 -17.95 15.20
N GLY A 976 25.84 -16.73 14.66
CA GLY A 976 27.11 -16.03 14.60
C GLY A 976 27.78 -16.05 13.24
N SER A 977 27.00 -15.85 12.18
CA SER A 977 27.54 -15.86 10.83
C SER A 977 27.97 -14.46 10.41
N ILE A 978 28.56 -14.37 9.22
CA ILE A 978 29.05 -13.12 8.66
C ILE A 978 28.48 -12.98 7.26
N ASN A 979 28.04 -11.77 6.91
CA ASN A 979 27.44 -11.48 5.62
C ASN A 979 28.47 -10.89 4.66
N ILE A 980 28.23 -11.11 3.37
CA ILE A 980 29.00 -10.52 2.28
C ILE A 980 28.00 -10.21 1.16
N ASN A 981 27.81 -8.94 0.87
CA ASN A 981 26.73 -8.51 0.00
C ASN A 981 27.26 -7.64 -1.13
N SER A 982 26.53 -7.65 -2.25
CA SER A 982 26.84 -6.82 -3.40
C SER A 982 25.55 -6.39 -4.06
N SER A 983 25.38 -5.08 -4.26
CA SER A 983 24.19 -4.52 -4.87
C SER A 983 24.55 -4.08 -6.30
N ASN A 984 24.11 -4.86 -7.28
CA ASN A 984 24.51 -4.64 -8.66
C ASN A 984 23.47 -3.80 -9.39
N ASP A 985 23.67 -3.62 -10.69
CA ASP A 985 22.76 -2.89 -11.57
C ASP A 985 23.15 -3.19 -13.00
N ALA A 986 22.56 -2.47 -13.95
CA ALA A 986 22.89 -2.60 -15.36
C ALA A 986 23.00 -1.23 -15.98
N LYS A 987 23.90 -1.10 -16.95
CA LYS A 987 24.21 0.21 -17.52
C LYS A 987 23.09 0.71 -18.41
N LYS A 988 22.81 -0.02 -19.50
CA LYS A 988 21.78 0.37 -20.45
C LYS A 988 20.82 -0.80 -20.58
N TRP A 989 19.81 -0.83 -19.72
CA TRP A 989 18.83 -1.91 -19.75
C TRP A 989 17.99 -1.87 -21.02
N ASN A 990 17.84 -0.71 -21.63
CA ASN A 990 17.23 -0.58 -22.94
C ASN A 990 18.30 -0.34 -23.99
N GLN A 991 17.87 -0.37 -25.26
CA GLN A 991 18.75 -0.18 -26.41
C GLN A 991 19.91 -1.17 -26.44
N GLY A 992 19.83 -2.23 -25.64
CA GLY A 992 20.90 -3.21 -25.59
C GLY A 992 20.40 -4.63 -25.62
N HIS A 993 19.07 -4.79 -25.60
CA HIS A 993 18.43 -6.11 -25.62
C HIS A 993 17.83 -6.32 -27.01
N TYR A 994 18.59 -6.98 -27.88
CA TYR A 994 18.05 -7.41 -29.15
C TYR A 994 16.86 -8.32 -28.91
N THR A 995 15.74 -8.03 -29.57
CA THR A 995 14.46 -8.61 -29.16
C THR A 995 14.33 -10.11 -29.45
N THR A 996 15.34 -10.86 -29.88
CA THR A 996 15.18 -12.30 -30.07
C THR A 996 15.35 -13.09 -28.78
N LYS A 997 16.23 -12.63 -27.88
CA LYS A 997 16.43 -13.33 -26.62
C LYS A 997 15.14 -13.39 -25.81
N LEU A 998 14.36 -12.31 -25.83
CA LEU A 998 13.08 -12.31 -25.12
C LEU A 998 12.14 -13.36 -25.70
N ALA A 999 12.05 -13.43 -27.02
CA ALA A 999 11.19 -14.42 -27.66
C ALA A 999 11.63 -15.84 -27.30
N LEU A 1000 12.94 -16.10 -27.31
CA LEU A 1000 13.43 -17.43 -26.97
C LEU A 1000 13.12 -17.78 -25.51
N VAL A 1001 13.46 -16.88 -24.59
CA VAL A 1001 13.27 -17.15 -23.17
C VAL A 1001 11.79 -17.20 -22.81
N LEU A 1002 10.92 -16.65 -23.64
CA LEU A 1002 9.49 -16.80 -23.38
C LEU A 1002 8.96 -18.11 -23.95
N CYS A 1003 9.28 -18.40 -25.22
CA CYS A 1003 8.83 -19.64 -25.84
C CYS A 1003 9.39 -20.87 -25.16
N TRP A 1004 10.46 -20.72 -24.37
CA TRP A 1004 10.93 -21.85 -23.58
C TRP A 1004 9.95 -22.26 -22.49
N PHE A 1005 9.05 -21.36 -22.09
CA PHE A 1005 8.15 -21.60 -20.96
C PHE A 1005 6.71 -21.83 -21.39
N MET A 1006 6.45 -22.09 -22.67
CA MET A 1006 5.09 -22.16 -23.17
C MET A 1006 4.73 -23.57 -23.62
N PRO A 1007 3.44 -23.93 -23.62
CA PRO A 1007 3.04 -25.31 -23.90
C PRO A 1007 3.00 -25.65 -25.39
N ALA A 1008 3.65 -24.85 -26.22
CA ALA A 1008 3.82 -25.04 -27.66
C ALA A 1008 2.55 -24.77 -28.47
N LYS A 1009 1.42 -24.49 -27.82
CA LYS A 1009 0.26 -23.94 -28.52
C LYS A 1009 0.41 -22.44 -28.76
N PHE A 1010 1.50 -21.85 -28.30
CA PHE A 1010 1.70 -20.41 -28.33
C PHE A 1010 2.88 -19.98 -29.18
N HIS A 1011 3.75 -20.92 -29.57
CA HIS A 1011 5.03 -20.58 -30.19
C HIS A 1011 4.86 -19.63 -31.38
N ARG A 1012 3.99 -20.01 -32.33
CA ARG A 1012 3.82 -19.19 -33.52
C ARG A 1012 3.32 -17.79 -33.17
N PHE A 1013 2.36 -17.70 -32.26
CA PHE A 1013 1.78 -16.40 -31.92
C PHE A 1013 2.79 -15.50 -31.24
N ILE A 1014 3.54 -16.03 -30.27
CA ILE A 1014 4.55 -15.22 -29.59
C ILE A 1014 5.64 -14.80 -30.56
N TRP A 1015 6.09 -15.74 -31.40
CA TRP A 1015 7.12 -15.42 -32.38
C TRP A 1015 6.67 -14.27 -33.28
N ALA A 1016 5.45 -14.37 -33.82
CA ALA A 1016 4.92 -13.30 -34.65
C ALA A 1016 4.85 -11.99 -33.89
N ALA A 1017 4.13 -11.98 -32.76
CA ALA A 1017 3.90 -10.77 -32.00
C ALA A 1017 5.17 -10.15 -31.44
N ILE A 1018 6.28 -10.88 -31.43
CA ILE A 1018 7.55 -10.32 -30.97
C ILE A 1018 8.36 -9.86 -32.18
N SER A 1019 8.15 -10.51 -33.32
CA SER A 1019 8.87 -10.15 -34.53
C SER A 1019 8.47 -8.77 -35.05
N MET A 1020 7.52 -8.12 -34.39
CA MET A 1020 7.07 -6.79 -34.81
C MET A 1020 7.87 -5.67 -34.16
N PHE A 1021 8.99 -5.98 -33.51
CA PHE A 1021 9.79 -4.98 -32.83
C PHE A 1021 11.14 -4.75 -33.52
N ARG A 1022 11.36 -5.33 -34.70
CA ARG A 1022 12.63 -5.21 -35.39
C ARG A 1022 12.60 -4.18 -36.51
N ARG A 1023 11.53 -3.41 -36.63
CA ARG A 1023 11.54 -2.20 -37.45
C ARG A 1023 10.44 -1.30 -36.91
N LYS A 1024 10.83 -0.30 -36.12
CA LYS A 1024 9.88 0.64 -35.53
C LYS A 1024 10.21 2.05 -35.96
N LYS A 1025 9.17 2.86 -36.12
CA LYS A 1025 9.30 4.26 -36.51
C LYS A 1025 8.80 5.13 -35.37
N MET A 1026 9.57 6.18 -35.05
CA MET A 1026 9.24 7.07 -33.95
C MET A 1026 8.99 8.47 -34.47
N MET A 1027 7.95 9.11 -33.95
CA MET A 1027 7.63 10.47 -34.35
C MET A 1027 8.54 11.47 -33.65
N VAL A 1028 8.42 12.73 -34.06
CA VAL A 1028 9.19 13.83 -33.49
C VAL A 1028 8.28 15.05 -33.42
N ASP A 1029 8.66 15.99 -32.57
CA ASP A 1029 7.89 17.22 -32.45
C ASP A 1029 7.98 18.01 -33.75
N LEU A 1030 6.86 18.65 -34.12
CA LEU A 1030 6.85 19.43 -35.35
C LEU A 1030 7.63 20.73 -35.18
N ARG A 1031 7.48 21.39 -34.03
CA ARG A 1031 8.29 22.57 -33.75
C ARG A 1031 9.78 22.25 -33.77
N PHE A 1032 10.15 21.04 -33.36
CA PHE A 1032 11.55 20.64 -33.37
C PHE A 1032 12.11 20.70 -34.79
N LEU A 1033 11.48 19.97 -35.71
CA LEU A 1033 11.94 19.98 -37.10
C LEU A 1033 11.83 21.36 -37.72
N ALA A 1034 10.80 22.12 -37.32
CA ALA A 1034 10.65 23.49 -37.81
C ALA A 1034 11.88 24.33 -37.47
N HIS A 1035 12.20 24.42 -36.18
CA HIS A 1035 13.35 25.21 -35.76
C HIS A 1035 14.65 24.63 -36.28
N LEU A 1036 14.71 23.31 -36.48
CA LEU A 1036 15.95 22.68 -36.95
C LEU A 1036 16.19 22.94 -38.43
N SER A 1037 15.13 23.14 -39.22
CA SER A 1037 15.25 23.35 -40.65
C SER A 1037 15.44 24.81 -41.02
N SER A 1038 15.99 25.61 -40.11
CA SER A 1038 16.24 27.03 -40.37
C SER A 1038 17.27 27.21 -41.47
N PRO A 1047 26.79 19.74 -31.93
CA PRO A 1047 27.43 18.42 -31.98
C PRO A 1047 26.53 17.36 -32.60
N PHE A 1048 25.86 16.56 -31.76
CA PHE A 1048 24.94 15.54 -32.27
C PHE A 1048 23.83 16.16 -33.10
N ARG A 1049 23.27 17.29 -32.63
CA ARG A 1049 22.25 17.98 -33.38
C ARG A 1049 22.79 18.43 -34.75
N GLU A 1050 24.05 18.83 -34.78
CA GLU A 1050 24.67 19.24 -36.05
C GLU A 1050 24.78 18.08 -37.02
N ALA A 1051 24.78 16.85 -36.53
CA ALA A 1051 24.73 15.68 -37.41
C ALA A 1051 23.29 15.32 -37.78
N MET A 1052 22.36 15.49 -36.85
CA MET A 1052 20.96 15.22 -37.13
C MET A 1052 20.43 16.13 -38.23
N THR A 1053 20.79 17.42 -38.18
CA THR A 1053 20.29 18.33 -39.21
C THR A 1053 20.85 17.99 -40.58
N ASP A 1054 22.12 17.56 -40.64
CA ASP A 1054 22.70 17.16 -41.91
C ASP A 1054 22.05 15.89 -42.43
N ALA A 1055 21.79 14.92 -41.54
CA ALA A 1055 21.07 13.72 -41.96
C ALA A 1055 19.69 14.07 -42.51
N PHE A 1056 19.00 15.02 -41.86
CA PHE A 1056 17.70 15.47 -42.35
C PHE A 1056 17.82 16.09 -43.74
N HIS A 1057 18.80 16.98 -43.90
CA HIS A 1057 19.01 17.68 -45.17
C HIS A 1057 19.64 16.81 -46.24
N GLY A 1058 20.00 15.57 -45.93
CA GLY A 1058 20.52 14.66 -46.93
C GLY A 1058 21.98 14.79 -47.27
N ASN A 1059 22.73 15.65 -46.56
CA ASN A 1059 24.14 15.79 -46.84
C ASN A 1059 24.94 14.60 -46.30
N ARG A 1060 24.86 14.38 -44.99
CA ARG A 1060 25.56 13.26 -44.35
C ARG A 1060 24.60 12.10 -44.15
N GLU A 1061 24.99 10.92 -44.64
CA GLU A 1061 24.13 9.75 -44.56
C GLU A 1061 24.32 9.07 -43.21
N VAL A 1062 23.21 8.86 -42.50
CA VAL A 1062 23.20 8.12 -41.24
C VAL A 1062 22.16 7.02 -41.36
N SER A 1063 22.37 5.94 -40.62
CA SER A 1063 21.66 4.68 -40.84
C SER A 1063 20.32 4.59 -40.12
N TRP A 1064 19.80 5.69 -39.57
CA TRP A 1064 18.45 5.66 -39.00
C TRP A 1064 17.49 6.62 -39.68
N MET A 1065 17.84 7.88 -39.82
CA MET A 1065 16.92 8.89 -40.32
C MET A 1065 16.95 8.92 -41.85
N ASP A 1066 15.78 8.73 -42.46
CA ASP A 1066 15.65 8.90 -43.90
C ASP A 1066 15.77 10.38 -44.27
N LYS A 1067 16.01 10.63 -45.55
CA LYS A 1067 16.15 11.99 -46.04
C LYS A 1067 14.78 12.65 -46.17
N GLY A 1068 14.62 13.80 -45.54
CA GLY A 1068 13.40 14.57 -45.65
C GLY A 1068 12.21 14.05 -44.87
N ARG A 1069 12.31 12.90 -44.23
CA ARG A 1069 11.17 12.28 -43.58
C ARG A 1069 11.13 12.63 -42.09
N THR A 1070 9.92 12.74 -41.57
CA THR A 1070 9.70 13.21 -40.21
C THR A 1070 9.49 12.04 -39.23
N TYR A 1071 10.53 11.23 -39.06
CA TYR A 1071 10.48 10.14 -38.08
C TYR A 1071 11.91 9.72 -37.76
N ILE A 1072 12.03 8.60 -37.04
CA ILE A 1072 13.31 7.98 -36.73
C ILE A 1072 13.12 6.47 -36.80
N LYS A 1073 13.91 5.81 -37.64
CA LYS A 1073 13.85 4.36 -37.72
C LYS A 1073 14.64 3.74 -36.58
N THR A 1074 14.29 2.50 -36.24
CA THR A 1074 15.02 1.78 -35.21
C THR A 1074 14.83 0.28 -35.44
N GLU A 1075 15.95 -0.46 -35.34
CA GLU A 1075 15.95 -1.90 -35.47
C GLU A 1075 16.33 -2.62 -34.19
N THR A 1076 17.11 -1.99 -33.30
CA THR A 1076 17.61 -2.63 -32.10
C THR A 1076 17.12 -1.88 -30.87
N GLY A 1077 16.73 -2.65 -29.85
CA GLY A 1077 16.35 -2.07 -28.58
C GLY A 1077 14.88 -2.23 -28.24
N MET A 1078 14.60 -2.75 -27.05
CA MET A 1078 13.24 -2.84 -26.57
C MET A 1078 12.78 -1.49 -26.02
N MET A 1079 11.48 -1.23 -26.16
CA MET A 1079 10.92 -0.01 -25.62
C MET A 1079 10.66 -0.15 -24.13
N GLN A 1080 10.71 0.98 -23.42
CA GLN A 1080 10.59 0.98 -21.98
C GLN A 1080 9.12 1.10 -21.57
N GLY A 1081 8.68 0.18 -20.72
CA GLY A 1081 7.30 0.13 -20.27
C GLY A 1081 6.44 -0.84 -21.05
N ILE A 1082 6.77 -1.08 -22.31
CA ILE A 1082 5.96 -1.99 -23.13
C ILE A 1082 6.23 -3.44 -22.74
N LEU A 1083 7.48 -3.88 -22.90
CA LEU A 1083 7.89 -5.23 -22.52
C LEU A 1083 8.45 -5.20 -21.09
N HIS A 1084 7.53 -5.01 -20.14
CA HIS A 1084 7.94 -4.80 -18.76
C HIS A 1084 8.31 -6.08 -18.04
N PHE A 1085 7.66 -7.20 -18.36
CA PHE A 1085 7.82 -8.42 -17.60
C PHE A 1085 8.77 -9.42 -18.24
N THR A 1086 8.91 -9.41 -19.57
CA THR A 1086 9.85 -10.32 -20.22
C THR A 1086 11.29 -10.02 -19.80
N SER A 1087 11.62 -8.75 -19.64
CA SER A 1087 12.95 -8.37 -19.15
C SER A 1087 13.17 -8.89 -17.74
N SER A 1088 12.18 -8.75 -16.87
CA SER A 1088 12.30 -9.28 -15.51
C SER A 1088 12.47 -10.79 -15.53
N LEU A 1089 11.78 -11.48 -16.44
CA LEU A 1089 11.92 -12.93 -16.54
C LEU A 1089 13.34 -13.31 -16.96
N LEU A 1090 13.88 -12.62 -17.96
CA LEU A 1090 15.25 -12.88 -18.41
C LEU A 1090 16.25 -12.63 -17.28
N HIS A 1091 16.07 -11.52 -16.55
CA HIS A 1091 16.95 -11.22 -15.43
C HIS A 1091 16.84 -12.28 -14.35
N SER A 1092 15.64 -12.82 -14.15
CA SER A 1092 15.46 -13.90 -13.19
C SER A 1092 16.23 -15.15 -13.62
N CYS A 1093 16.18 -15.48 -14.90
CA CYS A 1093 16.95 -16.62 -15.40
C CYS A 1093 18.45 -16.41 -15.15
N VAL A 1094 18.95 -15.23 -15.48
CA VAL A 1094 20.37 -14.95 -15.32
C VAL A 1094 20.77 -15.03 -13.85
N GLN A 1095 19.96 -14.45 -12.98
CA GLN A 1095 20.28 -14.45 -11.55
C GLN A 1095 20.21 -15.86 -10.96
N SER A 1096 19.27 -16.68 -11.44
CA SER A 1096 19.21 -18.06 -10.98
C SER A 1096 20.46 -18.83 -11.40
N PHE A 1097 20.92 -18.62 -12.63
CA PHE A 1097 22.17 -19.25 -13.06
C PHE A 1097 23.33 -18.80 -12.19
N TYR A 1098 23.38 -17.51 -11.87
CA TYR A 1098 24.44 -17.00 -11.00
C TYR A 1098 24.40 -17.66 -9.63
N LYS A 1099 23.20 -17.80 -9.06
CA LYS A 1099 23.06 -18.43 -7.76
C LYS A 1099 23.53 -19.88 -7.79
N SER A 1100 23.14 -20.61 -8.83
CA SER A 1100 23.58 -22.00 -8.95
C SER A 1100 25.09 -22.09 -9.08
N TYR A 1101 25.68 -21.22 -9.89
CA TYR A 1101 27.14 -21.25 -10.06
C TYR A 1101 27.85 -20.92 -8.76
N PHE A 1102 27.32 -19.97 -7.98
CA PHE A 1102 27.97 -19.62 -6.72
C PHE A 1102 27.85 -20.76 -5.70
N VAL A 1103 26.68 -21.40 -5.63
CA VAL A 1103 26.53 -22.56 -4.76
C VAL A 1103 27.53 -23.64 -5.15
N SER A 1104 27.69 -23.86 -6.46
CA SER A 1104 28.66 -24.82 -6.95
C SER A 1104 30.07 -24.48 -6.46
N LYS A 1105 30.54 -23.27 -6.77
CA LYS A 1105 31.89 -22.89 -6.41
C LYS A 1105 32.10 -22.94 -4.90
N LEU A 1106 31.06 -22.73 -4.11
CA LEU A 1106 31.19 -22.82 -2.66
C LEU A 1106 31.21 -24.26 -2.16
N LYS A 1107 30.56 -25.17 -2.89
CA LYS A 1107 30.48 -26.57 -2.43
C LYS A 1107 31.87 -27.18 -2.27
N GLU A 1108 32.80 -26.84 -3.15
CA GLU A 1108 34.16 -27.34 -3.07
C GLU A 1108 35.11 -26.16 -2.90
N GLY A 1109 35.96 -26.23 -1.89
CA GLY A 1109 36.91 -25.17 -1.62
C GLY A 1109 37.97 -25.06 -2.69
N TYR A 1110 38.89 -24.11 -2.46
CA TYR A 1110 39.95 -23.87 -3.43
C TYR A 1110 40.92 -25.04 -3.51
N MET A 1111 41.04 -25.83 -2.45
CA MET A 1111 41.96 -26.97 -2.39
C MET A 1111 41.25 -28.19 -1.82
N GLY A 1112 40.09 -28.51 -2.40
CA GLY A 1112 39.37 -29.71 -2.03
C GLY A 1112 38.57 -29.63 -0.75
N GLU A 1113 38.70 -28.55 0.02
CA GLU A 1113 37.91 -28.38 1.23
C GLU A 1113 36.50 -27.92 0.85
N SER A 1114 35.71 -27.50 1.83
CA SER A 1114 34.34 -27.08 1.56
C SER A 1114 33.95 -26.00 2.56
N ILE A 1115 34.01 -24.74 2.13
CA ILE A 1115 33.44 -23.66 2.92
C ILE A 1115 31.92 -23.82 2.92
N SER A 1116 31.29 -23.48 4.05
CA SER A 1116 29.85 -23.62 4.20
C SER A 1116 29.20 -22.24 4.21
N GLY A 1117 28.08 -22.13 3.51
CA GLY A 1117 27.39 -20.87 3.41
C GLY A 1117 26.15 -20.92 2.53
N VAL A 1118 25.18 -20.06 2.81
CA VAL A 1118 23.94 -19.98 2.04
C VAL A 1118 23.99 -18.74 1.17
N VAL A 1119 23.43 -18.85 -0.03
CA VAL A 1119 23.38 -17.74 -0.98
C VAL A 1119 21.94 -17.31 -1.15
N ASP A 1120 21.74 -16.04 -1.46
CA ASP A 1120 20.42 -15.50 -1.72
C ASP A 1120 20.50 -14.53 -2.88
N VAL A 1121 19.45 -14.50 -3.69
CA VAL A 1121 19.42 -13.71 -4.91
C VAL A 1121 18.05 -13.05 -5.02
N ILE A 1122 18.03 -11.72 -5.02
CA ILE A 1122 16.82 -10.94 -5.23
C ILE A 1122 17.07 -9.99 -6.38
N GLU A 1123 16.04 -9.78 -7.21
CA GLU A 1123 16.20 -8.98 -8.41
C GLU A 1123 14.83 -8.57 -8.93
N GLY A 1124 14.74 -7.33 -9.42
CA GLY A 1124 13.53 -6.86 -10.04
C GLY A 1124 13.72 -6.64 -11.52
N SER A 1125 13.31 -5.46 -12.02
CA SER A 1125 13.52 -5.15 -13.43
C SER A 1125 15.00 -4.94 -13.72
N ASP A 1126 15.61 -3.95 -13.05
CA ASP A 1126 17.01 -3.63 -13.29
C ASP A 1126 17.88 -3.90 -12.07
N ASP A 1127 17.55 -3.34 -10.91
CA ASP A 1127 18.42 -3.46 -9.75
C ASP A 1127 18.32 -4.86 -9.15
N SER A 1128 19.42 -5.31 -8.56
CA SER A 1128 19.51 -6.66 -8.02
C SER A 1128 20.57 -6.70 -6.94
N ALA A 1129 20.52 -7.76 -6.13
CA ALA A 1129 21.44 -7.90 -5.01
C ALA A 1129 21.88 -9.35 -4.87
N ILE A 1130 22.97 -9.54 -4.15
CA ILE A 1130 23.49 -10.86 -3.77
C ILE A 1130 23.96 -10.77 -2.34
N MET A 1131 23.60 -11.77 -1.53
CA MET A 1131 23.66 -11.67 -0.07
C MET A 1131 24.30 -12.91 0.54
N ILE A 1132 25.48 -13.30 0.06
CA ILE A 1132 26.10 -14.52 0.56
C ILE A 1132 26.41 -14.36 2.05
N SER A 1133 26.56 -15.50 2.73
CA SER A 1133 26.88 -15.48 4.16
C SER A 1133 27.61 -16.76 4.51
N ILE A 1134 28.63 -16.64 5.36
CA ILE A 1134 29.48 -17.76 5.74
C ILE A 1134 29.65 -17.78 7.25
N ARG A 1135 30.27 -18.87 7.73
CA ARG A 1135 30.60 -19.02 9.14
C ARG A 1135 31.96 -19.69 9.27
N PRO A 1136 32.99 -18.96 9.67
CA PRO A 1136 34.30 -19.56 9.91
C PRO A 1136 34.48 -19.98 11.37
N LYS A 1137 35.50 -20.80 11.60
CA LYS A 1137 35.78 -21.36 12.92
C LYS A 1137 37.08 -20.84 13.49
N SER A 1138 38.20 -21.01 12.76
CA SER A 1138 39.49 -20.49 13.20
C SER A 1138 39.66 -19.04 12.82
N ASP A 1139 40.87 -18.53 12.91
CA ASP A 1139 41.17 -17.18 12.42
C ASP A 1139 41.56 -17.20 10.94
N MET A 1140 42.44 -18.12 10.54
CA MET A 1140 42.95 -18.12 9.17
C MET A 1140 41.88 -18.49 8.16
N ASP A 1141 41.04 -19.48 8.49
CA ASP A 1141 39.99 -19.91 7.56
C ASP A 1141 39.06 -18.76 7.22
N GLU A 1142 38.80 -17.87 8.19
CA GLU A 1142 38.02 -16.68 7.91
C GLU A 1142 38.66 -15.86 6.81
N VAL A 1143 39.99 -15.68 6.87
CA VAL A 1143 40.69 -14.88 5.87
C VAL A 1143 40.61 -15.54 4.51
N ARG A 1144 40.90 -16.84 4.45
CA ARG A 1144 40.82 -17.57 3.19
C ARG A 1144 39.43 -17.46 2.58
N SER A 1145 38.39 -17.68 3.39
CA SER A 1145 37.03 -17.65 2.88
C SER A 1145 36.62 -16.26 2.43
N ARG A 1146 37.07 -15.23 3.14
CA ARG A 1146 36.75 -13.86 2.74
C ARG A 1146 37.38 -13.53 1.39
N PHE A 1147 38.65 -13.91 1.20
CA PHE A 1147 39.28 -13.70 -0.11
C PHE A 1147 38.55 -14.47 -1.20
N PHE A 1148 38.18 -15.71 -0.93
CA PHE A 1148 37.49 -16.54 -1.91
C PHE A 1148 36.16 -15.93 -2.31
N VAL A 1149 35.35 -15.53 -1.33
CA VAL A 1149 34.04 -14.97 -1.63
C VAL A 1149 34.18 -13.60 -2.29
N ALA A 1150 35.24 -12.86 -1.98
CA ALA A 1150 35.48 -11.60 -2.67
C ALA A 1150 35.70 -11.82 -4.16
N ASN A 1151 36.60 -12.75 -4.50
CA ASN A 1151 36.82 -13.06 -5.91
C ASN A 1151 35.53 -13.56 -6.57
N LEU A 1152 34.80 -14.45 -5.89
CA LEU A 1152 33.57 -14.99 -6.43
C LEU A 1152 32.57 -13.88 -6.75
N LEU A 1153 32.37 -12.95 -5.83
CA LEU A 1153 31.42 -11.87 -6.05
C LEU A 1153 31.91 -10.91 -7.12
N HIS A 1154 33.23 -10.71 -7.22
CA HIS A 1154 33.75 -9.77 -8.21
C HIS A 1154 33.65 -10.32 -9.63
N SER A 1155 33.64 -11.65 -9.78
CA SER A 1155 33.60 -12.23 -11.13
C SER A 1155 32.33 -11.92 -11.90
N VAL A 1156 31.31 -11.35 -11.26
CA VAL A 1156 30.03 -11.11 -11.92
C VAL A 1156 30.17 -10.09 -13.05
N LYS A 1157 30.98 -9.04 -12.84
CA LYS A 1157 31.12 -8.01 -13.86
C LYS A 1157 31.62 -8.59 -15.18
N PHE A 1158 32.50 -9.58 -15.11
CA PHE A 1158 33.02 -10.19 -16.33
C PHE A 1158 32.14 -11.33 -16.83
N LEU A 1159 31.39 -11.97 -15.94
CA LEU A 1159 30.48 -13.01 -16.40
C LEU A 1159 29.21 -12.46 -17.04
N ASN A 1160 28.87 -11.19 -16.78
CA ASN A 1160 27.63 -10.62 -17.30
C ASN A 1160 27.56 -10.52 -18.83
N PRO A 1161 28.58 -9.99 -19.53
CA PRO A 1161 28.39 -9.70 -20.96
C PRO A 1161 27.96 -10.89 -21.81
N LEU A 1162 28.10 -12.12 -21.31
CA LEU A 1162 27.68 -13.28 -22.10
C LEU A 1162 26.18 -13.31 -22.33
N PHE A 1163 25.38 -12.85 -21.36
CA PHE A 1163 23.93 -12.84 -21.47
C PHE A 1163 23.39 -11.57 -22.09
N GLY A 1164 24.25 -10.75 -22.69
CA GLY A 1164 23.82 -9.46 -23.22
C GLY A 1164 23.36 -8.54 -22.11
N ILE A 1165 24.19 -8.38 -21.09
CA ILE A 1165 23.91 -7.55 -19.94
C ILE A 1165 25.20 -6.87 -19.52
N TYR A 1166 25.22 -5.55 -19.53
CA TYR A 1166 26.42 -4.76 -19.28
C TYR A 1166 26.29 -4.07 -17.92
N SER A 1167 27.04 -4.57 -16.94
CA SER A 1167 27.03 -3.97 -15.62
C SER A 1167 27.71 -2.61 -15.65
N SER A 1168 27.08 -1.63 -15.03
CA SER A 1168 27.59 -0.26 -15.04
C SER A 1168 28.68 -0.10 -13.98
N GLU A 1169 29.08 1.14 -13.74
CA GLU A 1169 30.00 1.49 -12.67
C GLU A 1169 29.27 2.13 -11.49
N LYS A 1170 27.95 1.98 -11.43
CA LYS A 1170 27.13 2.54 -10.37
C LYS A 1170 26.79 1.52 -9.29
N SER A 1171 27.51 0.40 -9.25
CA SER A 1171 27.21 -0.69 -8.34
C SER A 1171 28.38 -0.94 -7.42
N THR A 1172 28.12 -0.92 -6.11
CA THR A 1172 29.13 -1.33 -5.15
C THR A 1172 29.29 -2.84 -5.16
N VAL A 1173 30.38 -3.31 -4.56
CA VAL A 1173 30.71 -4.74 -4.58
C VAL A 1173 31.42 -5.08 -3.29
N ASN A 1174 31.02 -6.19 -2.68
CA ASN A 1174 31.68 -6.77 -1.52
C ASN A 1174 31.64 -5.81 -0.33
N THR A 1175 30.42 -5.51 0.12
CA THR A 1175 30.18 -4.78 1.35
C THR A 1175 29.84 -5.76 2.47
N VAL A 1176 30.24 -5.40 3.69
CA VAL A 1176 30.24 -6.37 4.78
C VAL A 1176 28.82 -6.61 5.30
N TYR A 1177 28.20 -5.57 5.86
CA TYR A 1177 26.95 -5.72 6.59
C TYR A 1177 25.93 -4.69 6.12
N CYS A 1178 25.80 -4.53 4.80
CA CYS A 1178 24.83 -3.58 4.27
C CYS A 1178 24.53 -3.92 2.82
N VAL A 1179 23.27 -3.75 2.44
CA VAL A 1179 22.80 -3.98 1.08
C VAL A 1179 21.93 -2.80 0.68
N GLU A 1180 21.44 -2.82 -0.56
CA GLU A 1180 20.48 -1.82 -1.04
C GLU A 1180 19.81 -2.41 -2.27
N TYR A 1181 18.51 -2.65 -2.20
CA TYR A 1181 17.80 -3.28 -3.31
C TYR A 1181 17.15 -2.28 -4.24
N ASN A 1182 16.20 -1.48 -3.74
CA ASN A 1182 15.52 -0.50 -4.58
C ASN A 1182 15.80 0.93 -4.14
N SER A 1183 15.41 1.28 -2.93
CA SER A 1183 15.85 2.53 -2.32
C SER A 1183 16.08 2.42 -0.82
N GLU A 1184 15.88 1.25 -0.22
CA GLU A 1184 16.02 1.07 1.22
C GLU A 1184 17.33 0.37 1.52
N PHE A 1185 18.03 0.86 2.54
CA PHE A 1185 19.35 0.37 2.89
C PHE A 1185 19.27 -0.39 4.19
N HIS A 1186 19.60 -1.68 4.14
CA HIS A 1186 19.59 -2.54 5.33
C HIS A 1186 20.95 -2.45 5.98
N PHE A 1187 21.10 -1.52 6.93
CA PHE A 1187 22.38 -1.39 7.67
C PHE A 1187 22.30 -2.35 8.87
N HIS A 1188 22.71 -3.60 8.64
CA HIS A 1188 22.62 -4.66 9.68
C HIS A 1188 21.16 -4.79 10.10
N ARG A 1189 20.89 -4.71 11.40
CA ARG A 1189 19.53 -4.85 11.99
C ARG A 1189 18.79 -3.51 11.89
N HIS A 1190 19.40 -2.51 11.25
CA HIS A 1190 18.77 -1.18 11.11
C HIS A 1190 18.41 -0.92 9.65
N LEU A 1191 17.15 -0.57 9.37
CA LEU A 1191 16.69 -0.30 7.99
C LEU A 1191 16.47 1.21 7.82
N VAL A 1192 17.16 1.82 6.85
CA VAL A 1192 17.05 3.28 6.59
C VAL A 1192 16.37 3.52 5.25
N ARG A 1193 15.32 4.35 5.24
CA ARG A 1193 14.57 4.68 4.00
C ARG A 1193 14.65 6.19 3.75
N PRO A 1194 14.97 6.66 2.53
CA PRO A 1194 15.03 8.10 2.25
C PRO A 1194 13.61 8.67 2.29
N THR A 1195 13.27 9.41 3.34
CA THR A 1195 11.94 9.97 3.50
C THR A 1195 11.80 11.34 2.85
N LEU A 1196 12.90 11.97 2.44
CA LEU A 1196 12.82 13.26 1.77
C LEU A 1196 12.21 13.12 0.38
N ARG A 1197 12.30 11.93 -0.21
CA ARG A 1197 11.74 11.71 -1.54
C ARG A 1197 10.24 11.98 -1.56
N TRP A 1198 9.48 11.24 -0.76
CA TRP A 1198 8.03 11.42 -0.76
C TRP A 1198 7.62 12.74 -0.12
N ILE A 1199 8.38 13.22 0.86
CA ILE A 1199 8.12 14.53 1.44
C ILE A 1199 8.14 15.60 0.36
N ALA A 1200 9.18 15.58 -0.49
CA ALA A 1200 9.25 16.53 -1.59
C ALA A 1200 8.14 16.28 -2.61
N ALA A 1201 7.90 15.02 -2.97
CA ALA A 1201 6.83 14.68 -3.89
C ALA A 1201 5.54 14.33 -3.14
N SER A 1202 5.15 15.19 -2.21
CA SER A 1202 3.92 15.02 -1.44
C SER A 1202 2.80 15.96 -1.86
N HIS A 1203 3.09 16.98 -2.67
CA HIS A 1203 2.08 17.91 -3.17
C HIS A 1203 2.29 18.08 -4.67
N GLN A 1204 1.65 17.23 -5.45
CA GLN A 1204 1.71 17.31 -6.90
C GLN A 1204 0.37 17.81 -7.42
N ILE A 1205 0.41 18.79 -8.32
CA ILE A 1205 -0.81 19.29 -8.92
C ILE A 1205 -1.43 18.19 -9.77
N SER A 1206 -2.71 17.92 -9.54
CA SER A 1206 -3.43 16.86 -10.24
C SER A 1206 -4.75 17.41 -10.75
N GLU A 1207 -4.99 17.23 -12.04
CA GLU A 1207 -6.20 17.75 -12.68
C GLU A 1207 -7.26 16.66 -12.69
N THR A 1208 -8.23 16.76 -11.79
CA THR A 1208 -9.39 15.90 -11.78
C THR A 1208 -10.64 16.77 -11.84
N GLU A 1209 -11.64 16.31 -12.57
CA GLU A 1209 -12.77 17.19 -12.91
C GLU A 1209 -13.72 17.42 -11.75
N ALA A 1210 -13.50 16.95 -10.53
CA ALA A 1210 -14.45 17.15 -9.46
C ALA A 1210 -13.71 17.41 -8.15
N LEU A 1211 -14.29 18.27 -7.32
CA LEU A 1211 -13.77 18.46 -5.97
C LEU A 1211 -14.06 17.22 -5.13
N ALA A 1212 -13.49 17.22 -3.92
CA ALA A 1212 -13.55 16.08 -2.99
C ALA A 1212 -12.84 14.87 -3.56
N SER A 1213 -12.22 15.03 -4.74
CA SER A 1213 -11.33 14.04 -5.29
C SER A 1213 -9.87 14.45 -5.21
N ARG A 1214 -9.61 15.71 -4.86
CA ARG A 1214 -8.24 16.16 -4.64
C ARG A 1214 -7.74 15.75 -3.27
N GLN A 1215 -8.59 15.90 -2.25
CA GLN A 1215 -8.22 15.50 -0.89
C GLN A 1215 -7.89 14.01 -0.83
N GLU A 1216 -8.52 13.20 -1.68
CA GLU A 1216 -8.17 11.78 -1.73
C GLU A 1216 -6.69 11.59 -2.04
N ASP A 1217 -6.19 12.30 -3.06
CA ASP A 1217 -4.79 12.17 -3.43
C ASP A 1217 -3.88 12.85 -2.41
N TYR A 1218 -4.31 13.98 -1.85
CA TYR A 1218 -3.54 14.63 -0.80
C TYR A 1218 -3.40 13.73 0.42
N SER A 1219 -4.36 12.83 0.65
CA SER A 1219 -4.24 11.89 1.76
C SER A 1219 -3.45 10.66 1.34
N ASN A 1220 -3.56 10.25 0.08
CA ASN A 1220 -2.79 9.12 -0.41
C ASN A 1220 -1.29 9.40 -0.31
N LEU A 1221 -0.87 10.57 -0.77
CA LEU A 1221 0.56 10.91 -0.71
C LEU A 1221 1.03 11.01 0.73
N LEU A 1222 0.19 11.51 1.63
CA LEU A 1222 0.57 11.59 3.03
C LEU A 1222 0.73 10.21 3.64
N THR A 1223 -0.19 9.29 3.31
CA THR A 1223 -0.05 7.91 3.77
C THR A 1223 1.21 7.27 3.23
N GLN A 1224 1.56 7.57 1.97
CA GLN A 1224 2.80 7.05 1.41
C GLN A 1224 4.01 7.59 2.15
N CYS A 1225 3.99 8.87 2.51
CA CYS A 1225 5.08 9.44 3.29
C CYS A 1225 5.19 8.77 4.65
N LEU A 1226 4.05 8.53 5.31
CA LEU A 1226 4.08 7.84 6.60
C LEU A 1226 4.67 6.45 6.46
N GLU A 1227 4.25 5.71 5.43
CA GLU A 1227 4.86 4.42 5.12
C GLU A 1227 6.37 4.55 4.98
N GLY A 1228 6.82 5.55 4.21
CA GLY A 1228 8.24 5.85 4.11
C GLY A 1228 8.90 6.15 5.44
N GLY A 1229 8.12 6.56 6.43
CA GLY A 1229 8.63 6.67 7.79
C GLY A 1229 8.85 8.07 8.28
N ALA A 1230 7.93 8.56 9.11
CA ALA A 1230 8.03 9.90 9.67
C ALA A 1230 7.14 9.97 10.90
N SER A 1231 7.69 10.50 11.99
CA SER A 1231 6.90 10.69 13.20
C SER A 1231 5.64 11.51 12.89
N PHE A 1232 4.55 11.19 13.59
CA PHE A 1232 3.28 11.86 13.34
C PHE A 1232 3.38 13.36 13.50
N SER A 1233 4.24 13.84 14.40
CA SER A 1233 4.40 15.26 14.61
C SER A 1233 4.93 15.98 13.37
N LEU A 1234 5.52 15.24 12.43
CA LEU A 1234 5.96 15.83 11.17
C LEU A 1234 4.91 15.61 10.07
N THR A 1235 4.22 14.48 10.11
CA THR A 1235 3.14 14.23 9.16
C THR A 1235 2.04 15.28 9.30
N TYR A 1236 1.76 15.72 10.53
CA TYR A 1236 0.73 16.75 10.72
C TYR A 1236 1.15 18.07 10.10
N LEU A 1237 2.41 18.47 10.27
CA LEU A 1237 2.89 19.70 9.64
C LEU A 1237 2.85 19.58 8.12
N ILE A 1238 3.21 18.41 7.60
CA ILE A 1238 3.12 18.19 6.15
C ILE A 1238 1.68 18.34 5.69
N GLN A 1239 0.73 17.86 6.50
CA GLN A 1239 -0.68 18.00 6.14
C GLN A 1239 -1.11 19.46 6.18
N CYS A 1240 -0.61 20.23 7.13
CA CYS A 1240 -0.92 21.67 7.18
C CYS A 1240 -0.42 22.36 5.92
N ALA A 1241 0.82 22.06 5.53
CA ALA A 1241 1.35 22.61 4.28
C ALA A 1241 0.53 22.16 3.08
N GLN A 1242 0.06 20.92 3.10
CA GLN A 1242 -0.80 20.42 2.02
C GLN A 1242 -2.10 21.21 1.94
N LEU A 1243 -2.68 21.53 3.10
CA LEU A 1243 -3.89 22.35 3.11
C LEU A 1243 -3.61 23.74 2.55
N LEU A 1244 -2.48 24.33 2.95
CA LEU A 1244 -2.11 25.64 2.40
C LEU A 1244 -2.01 25.57 0.88
N HIS A 1245 -1.37 24.51 0.35
CA HIS A 1245 -1.27 24.34 -1.09
C HIS A 1245 -2.65 24.21 -1.73
N HIS A 1246 -3.53 23.42 -1.12
CA HIS A 1246 -4.85 23.18 -1.69
C HIS A 1246 -5.67 24.47 -1.74
N TYR A 1247 -5.49 25.34 -0.75
CA TYR A 1247 -6.24 26.59 -0.78
C TYR A 1247 -5.60 27.62 -1.71
N MET A 1248 -4.26 27.62 -1.80
CA MET A 1248 -3.60 28.53 -2.75
C MET A 1248 -3.90 28.14 -4.18
N LEU A 1249 -4.19 26.86 -4.44
CA LEU A 1249 -4.57 26.39 -5.76
C LEU A 1249 -6.08 26.49 -5.98
N LEU A 1250 -6.77 27.33 -5.22
CA LEU A 1250 -8.21 27.51 -5.36
C LEU A 1250 -8.58 28.98 -5.51
N GLY A 1251 -7.65 29.81 -5.98
CA GLY A 1251 -7.91 31.22 -6.11
C GLY A 1251 -7.73 32.02 -4.85
N LEU A 1252 -6.77 31.63 -4.00
CA LEU A 1252 -6.50 32.40 -2.78
C LEU A 1252 -5.87 33.74 -3.10
N CYS A 1253 -5.04 33.80 -4.14
CA CYS A 1253 -4.33 35.03 -4.48
C CYS A 1253 -4.61 35.51 -5.90
N LEU A 1254 -5.61 34.94 -6.57
CA LEU A 1254 -5.94 35.34 -7.93
C LEU A 1254 -7.34 35.94 -8.04
N HIS A 1255 -8.36 35.25 -7.55
CA HIS A 1255 -9.64 35.91 -7.77
C HIS A 1255 -9.97 36.82 -6.58
N PRO A 1256 -10.51 38.01 -6.86
CA PRO A 1256 -10.78 38.96 -5.76
C PRO A 1256 -11.98 38.60 -4.92
N LEU A 1257 -12.88 37.74 -5.41
CA LEU A 1257 -14.06 37.35 -4.67
C LEU A 1257 -13.81 36.10 -3.82
N PHE A 1258 -12.74 36.13 -3.03
CA PHE A 1258 -12.44 35.02 -2.13
C PHE A 1258 -13.07 35.20 -0.76
N GLY A 1259 -13.37 36.42 -0.35
CA GLY A 1259 -14.02 36.63 0.93
C GLY A 1259 -15.40 35.97 1.00
N THR A 1260 -16.17 36.08 -0.08
CA THR A 1260 -17.49 35.47 -0.11
C THR A 1260 -17.39 33.95 -0.04
N PHE A 1261 -16.45 33.36 -0.78
CA PHE A 1261 -16.27 31.91 -0.73
C PHE A 1261 -15.83 31.47 0.66
N MET A 1262 -14.95 32.24 1.29
CA MET A 1262 -14.51 31.94 2.65
C MET A 1262 -15.67 31.98 3.63
N GLY A 1263 -16.49 33.03 3.54
CA GLY A 1263 -17.66 33.12 4.39
C GLY A 1263 -18.65 32.00 4.16
N MET A 1264 -18.79 31.55 2.91
CA MET A 1264 -19.67 30.43 2.61
C MET A 1264 -19.14 29.13 3.23
N LEU A 1265 -17.84 28.87 3.05
CA LEU A 1265 -17.26 27.64 3.56
C LEU A 1265 -17.20 27.62 5.08
N ILE A 1266 -17.10 28.79 5.71
CA ILE A 1266 -17.09 28.85 7.17
C ILE A 1266 -18.40 28.32 7.73
N SER A 1267 -19.52 28.70 7.14
CA SER A 1267 -20.83 28.24 7.57
C SER A 1267 -21.21 26.90 6.96
N ASP A 1268 -20.28 26.20 6.32
CA ASP A 1268 -20.58 24.91 5.71
C ASP A 1268 -19.30 24.10 5.62
N PRO A 1269 -19.07 23.17 6.57
CA PRO A 1269 -17.78 22.46 6.60
C PRO A 1269 -17.76 21.21 5.73
N ASP A 1270 -18.75 21.08 4.84
CA ASP A 1270 -18.83 19.90 4.01
C ASP A 1270 -17.70 19.90 2.97
N PRO A 1271 -17.02 18.77 2.79
CA PRO A 1271 -16.15 18.63 1.60
C PRO A 1271 -16.95 18.68 0.32
N ALA A 1272 -16.27 18.61 -0.82
CA ALA A 1272 -16.81 18.82 -2.16
C ALA A 1272 -17.26 20.25 -2.38
N LEU A 1273 -17.12 21.12 -1.39
CA LEU A 1273 -17.31 22.56 -1.56
C LEU A 1273 -16.03 23.33 -1.28
N GLY A 1274 -14.91 22.65 -1.12
CA GLY A 1274 -13.62 23.28 -0.91
C GLY A 1274 -13.05 23.15 0.48
N PHE A 1275 -13.84 22.69 1.46
CA PHE A 1275 -13.31 22.56 2.81
C PHE A 1275 -12.31 21.43 2.90
N PHE A 1276 -11.31 21.60 3.77
CA PHE A 1276 -10.23 20.65 3.94
C PHE A 1276 -10.26 20.10 5.36
N LEU A 1277 -10.29 18.78 5.48
CA LEU A 1277 -10.34 18.10 6.76
C LEU A 1277 -8.93 17.69 7.17
N MET A 1278 -8.58 17.99 8.42
CA MET A 1278 -7.26 17.66 8.96
C MET A 1278 -7.40 16.59 10.04
N ASP A 1279 -6.46 15.64 10.03
CA ASP A 1279 -6.54 14.47 10.89
C ASP A 1279 -6.12 14.81 12.32
N ASN A 1280 -6.13 13.79 13.18
CA ASN A 1280 -5.74 13.97 14.56
C ASN A 1280 -4.22 14.10 14.64
N PRO A 1281 -3.70 14.99 15.52
CA PRO A 1281 -2.25 15.18 15.62
C PRO A 1281 -1.49 13.88 15.83
N ALA A 1282 -1.80 13.16 16.89
CA ALA A 1282 -1.32 11.78 17.01
C ALA A 1282 -2.11 10.90 16.05
N PHE A 1283 -1.42 9.96 15.42
CA PHE A 1283 -2.03 9.11 14.39
C PHE A 1283 -2.60 9.98 13.26
N ALA A 1284 -1.70 10.72 12.61
CA ALA A 1284 -2.12 11.69 11.61
C ALA A 1284 -2.39 11.03 10.26
N GLY A 1285 -1.37 10.44 9.66
CA GLY A 1285 -1.51 9.85 8.35
C GLY A 1285 -1.78 8.35 8.39
N GLY A 1286 -2.24 7.86 9.54
CA GLY A 1286 -2.47 6.45 9.69
C GLY A 1286 -3.60 5.93 8.83
N ALA A 1287 -4.82 6.36 9.11
CA ALA A 1287 -5.97 5.97 8.32
C ALA A 1287 -6.28 7.04 7.28
N GLY A 1288 -6.89 6.62 6.18
CA GLY A 1288 -7.08 7.50 5.04
C GLY A 1288 -8.16 8.55 5.21
N PHE A 1289 -8.72 9.00 4.08
CA PHE A 1289 -9.73 10.05 4.13
C PHE A 1289 -11.03 9.56 4.73
N ARG A 1290 -11.36 8.28 4.52
CA ARG A 1290 -12.60 7.73 5.05
C ARG A 1290 -12.68 7.87 6.56
N PHE A 1291 -11.56 7.72 7.26
CA PHE A 1291 -11.56 7.85 8.71
C PHE A 1291 -11.90 9.26 9.13
N ASN A 1292 -11.29 10.26 8.49
CA ASN A 1292 -11.60 11.65 8.83
C ASN A 1292 -13.04 11.98 8.50
N LEU A 1293 -13.55 11.48 7.37
CA LEU A 1293 -14.95 11.68 7.02
C LEU A 1293 -15.86 11.09 8.11
N TRP A 1294 -15.56 9.87 8.54
CA TRP A 1294 -16.36 9.21 9.57
C TRP A 1294 -16.32 9.99 10.88
N ARG A 1295 -15.14 10.44 11.29
CA ARG A 1295 -15.02 11.19 12.53
C ARG A 1295 -15.72 12.54 12.46
N ALA A 1296 -15.71 13.18 11.28
CA ALA A 1296 -16.39 14.46 11.14
C ALA A 1296 -17.89 14.30 11.00
N CYS A 1297 -18.35 13.15 10.53
CA CYS A 1297 -19.78 12.90 10.33
C CYS A 1297 -20.48 12.56 11.65
N LYS A 1298 -19.80 12.68 12.79
CA LYS A 1298 -20.39 12.42 14.08
C LYS A 1298 -20.22 13.58 15.05
N THR A 1299 -19.64 14.69 14.61
CA THR A 1299 -19.42 15.85 15.48
C THR A 1299 -19.82 17.16 14.86
N THR A 1300 -19.87 17.28 13.54
CA THR A 1300 -20.18 18.52 12.86
C THR A 1300 -21.57 18.45 12.25
N ASP A 1301 -21.98 19.56 11.62
CA ASP A 1301 -23.26 19.63 10.94
C ASP A 1301 -23.35 18.69 9.75
N LEU A 1302 -22.22 18.11 9.31
CA LEU A 1302 -22.24 17.18 8.19
C LEU A 1302 -23.20 16.02 8.43
N GLY A 1303 -23.22 15.51 9.67
CA GLY A 1303 -24.14 14.45 10.01
C GLY A 1303 -25.59 14.78 9.69
N ARG A 1304 -25.95 16.07 9.79
CA ARG A 1304 -27.27 16.48 9.36
C ARG A 1304 -27.40 16.39 7.84
N LYS A 1305 -26.46 16.99 7.11
CA LYS A 1305 -26.55 17.07 5.65
C LYS A 1305 -26.58 15.70 5.00
N TYR A 1306 -25.99 14.69 5.64
CA TYR A 1306 -26.07 13.34 5.10
C TYR A 1306 -27.41 12.69 5.46
N ALA A 1307 -27.92 12.95 6.66
CA ALA A 1307 -29.15 12.32 7.11
C ALA A 1307 -30.31 12.63 6.17
N TYR A 1308 -30.43 13.90 5.77
CA TYR A 1308 -31.46 14.28 4.81
C TYR A 1308 -31.38 13.43 3.55
N TYR A 1309 -30.16 13.14 3.09
CA TYR A 1309 -30.00 12.36 1.87
C TYR A 1309 -30.58 10.96 1.99
N PHE A 1310 -30.78 10.46 3.21
CA PHE A 1310 -31.21 9.08 3.40
C PHE A 1310 -32.59 8.95 4.01
N ASN A 1311 -33.22 10.03 4.44
CA ASN A 1311 -34.51 9.96 5.14
C ASN A 1311 -35.49 10.98 4.58
N GLU A 1312 -35.54 11.13 3.26
CA GLU A 1312 -36.49 12.04 2.62
C GLU A 1312 -37.05 11.36 1.38
N ILE A 1313 -38.37 11.13 1.38
CA ILE A 1313 -39.06 10.60 0.20
C ILE A 1313 -39.43 11.80 -0.66
N GLN A 1314 -38.64 12.02 -1.72
CA GLN A 1314 -38.72 13.24 -2.52
C GLN A 1314 -39.92 13.19 -3.46
N GLY A 1315 -41.10 13.23 -2.88
CA GLY A 1315 -42.30 13.49 -3.65
C GLY A 1315 -42.63 14.96 -3.62
N LYS A 1316 -42.74 15.51 -2.41
CA LYS A 1316 -42.90 16.95 -2.17
C LYS A 1316 -44.05 17.54 -3.00
N THR A 1317 -45.09 16.75 -3.24
CA THR A 1317 -46.24 17.17 -4.04
C THR A 1317 -45.82 17.72 -5.40
N LYS A 1318 -44.71 17.20 -5.93
CA LYS A 1318 -44.12 17.69 -7.18
C LYS A 1318 -43.88 19.20 -7.11
N GLY A 1319 -43.14 19.60 -6.09
CA GLY A 1319 -42.82 21.00 -5.85
C GLY A 1319 -41.59 21.46 -6.59
N ASP A 1320 -40.94 22.48 -6.04
CA ASP A 1320 -39.73 23.05 -6.62
C ASP A 1320 -38.56 22.97 -5.64
N GLU A 1321 -38.63 21.98 -4.74
CA GLU A 1321 -37.57 21.75 -3.72
C GLU A 1321 -37.23 20.26 -3.68
N ASP A 1322 -37.83 19.47 -4.58
CA ASP A 1322 -37.60 18.00 -4.61
C ASP A 1322 -36.21 17.67 -5.17
N TYR A 1323 -35.75 16.45 -4.86
CA TYR A 1323 -34.43 15.88 -5.29
C TYR A 1323 -33.25 16.59 -4.61
N ARG A 1324 -33.38 17.87 -4.24
CA ARG A 1324 -32.27 18.62 -3.60
C ARG A 1324 -31.01 18.46 -4.45
N ALA A 1325 -29.90 18.00 -3.87
CA ALA A 1325 -28.68 17.76 -4.67
C ALA A 1325 -28.81 16.37 -5.31
N LEU A 1326 -28.71 16.30 -6.64
CA LEU A 1326 -28.85 15.01 -7.35
C LEU A 1326 -27.77 14.03 -6.88
N ASP A 1327 -28.17 12.82 -6.46
CA ASP A 1327 -27.20 11.81 -5.98
C ASP A 1327 -26.08 11.62 -7.00
N ALA A 1328 -24.83 11.71 -6.55
CA ALA A 1328 -23.64 11.54 -7.42
C ALA A 1328 -22.42 11.30 -6.54
N THR A 1329 -21.88 10.08 -6.55
CA THR A 1329 -20.71 9.74 -5.75
C THR A 1329 -19.45 9.80 -6.59
N SER A 1330 -18.40 10.39 -6.01
CA SER A 1330 -17.08 10.44 -6.61
C SER A 1330 -16.09 9.83 -5.64
N GLY A 1331 -15.23 8.94 -6.17
CA GLY A 1331 -14.28 8.24 -5.33
C GLY A 1331 -14.98 7.46 -4.23
N GLY A 1332 -14.86 7.95 -3.00
CA GLY A 1332 -15.56 7.35 -1.89
C GLY A 1332 -16.68 8.22 -1.36
N THR A 1333 -16.61 9.52 -1.62
CA THR A 1333 -17.57 10.46 -1.08
C THR A 1333 -18.74 10.66 -2.04
N LEU A 1334 -19.73 11.44 -1.61
CA LEU A 1334 -20.92 11.71 -2.40
C LEU A 1334 -21.26 13.20 -2.29
N SER A 1335 -21.82 13.74 -3.36
CA SER A 1335 -22.07 15.16 -3.48
C SER A 1335 -23.14 15.40 -4.54
N HIS A 1336 -23.27 16.65 -4.98
CA HIS A 1336 -24.26 17.04 -5.96
C HIS A 1336 -23.73 16.81 -7.37
N SER A 1337 -24.61 16.44 -8.28
CA SER A 1337 -24.22 16.15 -9.66
C SER A 1337 -23.87 17.39 -10.46
N VAL A 1338 -23.82 18.58 -9.88
CA VAL A 1338 -23.40 19.76 -10.63
C VAL A 1338 -21.91 19.70 -10.93
N MET A 1339 -21.12 19.12 -10.03
CA MET A 1339 -19.67 19.09 -10.19
C MET A 1339 -19.24 17.95 -11.10
N VAL A 1340 -19.71 16.73 -10.83
CA VAL A 1340 -19.28 15.56 -11.60
C VAL A 1340 -19.76 15.57 -13.04
N TYR A 1341 -20.70 16.45 -13.39
CA TYR A 1341 -21.18 16.54 -14.76
C TYR A 1341 -20.27 17.40 -15.64
N TRP A 1342 -19.36 18.17 -15.06
CA TRP A 1342 -18.51 19.07 -15.83
C TRP A 1342 -17.59 18.29 -16.75
N GLY A 1343 -17.12 18.96 -17.79
CA GLY A 1343 -16.15 18.40 -18.72
C GLY A 1343 -16.72 18.27 -20.11
N ASP A 1344 -15.92 18.62 -21.12
CA ASP A 1344 -16.37 18.55 -22.50
C ASP A 1344 -16.36 17.10 -22.98
N ARG A 1345 -17.46 16.72 -23.64
CA ARG A 1345 -17.57 15.39 -24.22
C ARG A 1345 -18.17 15.41 -25.61
N LYS A 1346 -18.19 16.57 -26.27
CA LYS A 1346 -18.95 16.72 -27.51
C LYS A 1346 -18.42 15.81 -28.61
N LYS A 1347 -17.09 15.68 -28.71
CA LYS A 1347 -16.51 14.74 -29.67
C LYS A 1347 -17.07 13.34 -29.47
N TYR A 1348 -17.18 12.91 -28.21
CA TYR A 1348 -17.57 11.53 -27.92
C TYR A 1348 -19.05 11.29 -28.26
N GLN A 1349 -19.93 12.18 -27.82
CA GLN A 1349 -21.35 11.98 -28.14
C GLN A 1349 -21.61 12.19 -29.62
N ALA A 1350 -20.84 13.05 -30.29
CA ALA A 1350 -20.96 13.15 -31.73
C ALA A 1350 -20.57 11.85 -32.42
N LEU A 1351 -19.46 11.23 -31.97
CA LEU A 1351 -19.06 9.94 -32.51
C LEU A 1351 -20.14 8.88 -32.25
N LEU A 1352 -20.74 8.92 -31.06
CA LEU A 1352 -21.82 7.97 -30.76
C LEU A 1352 -23.03 8.19 -31.65
N ASN A 1353 -23.37 9.46 -31.91
CA ASN A 1353 -24.48 9.76 -32.81
C ASN A 1353 -24.17 9.32 -34.24
N ARG A 1354 -22.90 9.35 -34.64
CA ARG A 1354 -22.52 8.76 -35.92
C ARG A 1354 -22.85 7.27 -35.97
N MET A 1355 -22.88 6.63 -34.82
CA MET A 1355 -23.29 5.24 -34.70
C MET A 1355 -24.77 5.17 -34.33
N GLY A 1356 -25.28 3.94 -34.21
CA GLY A 1356 -26.68 3.75 -33.91
C GLY A 1356 -27.04 3.98 -32.46
N LEU A 1357 -26.93 5.23 -32.00
CA LEU A 1357 -27.34 5.59 -30.64
C LEU A 1357 -28.53 6.54 -30.69
N PRO A 1358 -29.74 6.07 -30.44
CA PRO A 1358 -30.89 6.98 -30.41
C PRO A 1358 -30.82 7.91 -29.21
N GLU A 1359 -31.23 9.16 -29.43
CA GLU A 1359 -31.21 10.16 -28.37
C GLU A 1359 -32.09 9.78 -27.18
N ASP A 1360 -33.05 8.87 -27.39
CA ASP A 1360 -33.92 8.39 -26.32
C ASP A 1360 -33.19 7.46 -25.34
N TRP A 1361 -31.89 7.21 -25.55
CA TRP A 1361 -31.19 6.16 -24.82
C TRP A 1361 -31.35 6.31 -23.31
N VAL A 1362 -31.15 7.52 -22.78
CA VAL A 1362 -31.37 7.76 -21.36
C VAL A 1362 -32.75 7.25 -20.96
N GLU A 1363 -33.79 7.80 -21.58
CA GLU A 1363 -35.14 7.29 -21.37
C GLU A 1363 -35.20 5.79 -21.65
N GLN A 1364 -34.61 5.36 -22.77
CA GLN A 1364 -34.64 3.95 -23.13
C GLN A 1364 -33.90 3.09 -22.12
N ILE A 1365 -33.01 3.69 -21.32
CA ILE A 1365 -32.38 2.94 -20.25
C ILE A 1365 -33.35 2.72 -19.09
N ASP A 1366 -34.15 3.74 -18.76
CA ASP A 1366 -35.06 3.63 -17.63
C ASP A 1366 -36.12 2.57 -17.87
N GLU A 1367 -36.49 2.31 -19.12
CA GLU A 1367 -37.49 1.30 -19.41
C GLU A 1367 -37.03 -0.11 -19.08
N ASN A 1368 -35.71 -0.34 -19.01
CA ASN A 1368 -35.19 -1.67 -18.72
C ASN A 1368 -33.77 -1.55 -18.18
N PRO A 1369 -33.60 -1.40 -16.87
CA PRO A 1369 -32.24 -1.28 -16.30
C PRO A 1369 -31.43 -2.57 -16.32
N GLY A 1370 -32.01 -3.67 -16.79
CA GLY A 1370 -31.29 -4.93 -16.79
C GLY A 1370 -29.99 -4.91 -17.56
N VAL A 1371 -29.84 -3.97 -18.49
CA VAL A 1371 -28.62 -3.86 -19.28
C VAL A 1371 -27.48 -3.19 -18.53
N LEU A 1372 -27.70 -2.79 -17.28
CA LEU A 1372 -26.69 -2.07 -16.52
C LEU A 1372 -25.93 -2.97 -15.54
N TYR A 1373 -26.29 -4.23 -15.44
CA TYR A 1373 -25.57 -5.11 -14.54
C TYR A 1373 -25.10 -6.39 -15.22
N ARG A 1374 -25.86 -6.95 -16.14
CA ARG A 1374 -25.37 -8.05 -16.94
C ARG A 1374 -24.43 -7.53 -18.04
N ARG A 1375 -23.53 -8.39 -18.49
CA ARG A 1375 -22.48 -7.96 -19.41
C ARG A 1375 -23.04 -7.46 -20.74
N ALA A 1376 -23.65 -8.36 -21.51
CA ALA A 1376 -24.15 -8.01 -22.84
C ALA A 1376 -24.87 -9.22 -23.43
N ALA A 1377 -25.75 -8.95 -24.39
CA ALA A 1377 -26.40 -10.00 -25.16
C ALA A 1377 -26.34 -9.71 -26.65
N ASN A 1378 -26.34 -8.42 -27.01
CA ASN A 1378 -26.44 -8.00 -28.41
C ASN A 1378 -25.51 -6.81 -28.60
N LYS A 1379 -25.68 -6.11 -29.73
CA LYS A 1379 -24.89 -4.94 -30.06
C LYS A 1379 -25.48 -3.65 -29.50
N LYS A 1380 -26.80 -3.55 -29.42
CA LYS A 1380 -27.44 -2.29 -29.04
C LYS A 1380 -27.19 -1.96 -27.58
N GLU A 1381 -27.47 -2.92 -26.68
CA GLU A 1381 -27.19 -2.69 -25.27
C GLU A 1381 -25.71 -2.45 -25.03
N LEU A 1382 -24.84 -3.02 -25.87
CA LEU A 1382 -23.42 -2.68 -25.81
C LEU A 1382 -23.21 -1.19 -26.07
N LEU A 1383 -23.93 -0.64 -27.04
CA LEU A 1383 -23.85 0.79 -27.31
C LEU A 1383 -24.38 1.60 -26.13
N LEU A 1384 -25.45 1.11 -25.49
CA LEU A 1384 -25.96 1.79 -24.30
C LEU A 1384 -24.93 1.79 -23.18
N LYS A 1385 -24.24 0.67 -22.99
CA LYS A 1385 -23.20 0.60 -21.96
C LYS A 1385 -22.04 1.52 -22.30
N LEU A 1386 -21.68 1.62 -23.57
CA LEU A 1386 -20.66 2.58 -23.98
C LEU A 1386 -21.10 4.01 -23.66
N ALA A 1387 -22.37 4.33 -23.96
CA ALA A 1387 -22.89 5.67 -23.67
C ALA A 1387 -22.84 5.98 -22.19
N GLU A 1388 -23.18 5.00 -21.35
CA GLU A 1388 -23.09 5.25 -19.90
C GLU A 1388 -21.64 5.35 -19.46
N LYS A 1389 -20.73 4.62 -20.12
CA LYS A 1389 -19.31 4.74 -19.82
C LYS A 1389 -18.76 6.11 -20.16
N VAL A 1390 -19.30 6.76 -21.20
CA VAL A 1390 -18.72 8.01 -21.69
C VAL A 1390 -19.13 9.24 -20.89
N HIS A 1391 -20.05 9.09 -19.94
CA HIS A 1391 -20.56 10.24 -19.19
C HIS A 1391 -20.21 10.23 -17.70
N SER A 1392 -20.22 9.07 -17.06
CA SER A 1392 -20.23 8.98 -15.61
C SER A 1392 -18.94 9.41 -14.92
N PRO A 1393 -17.81 8.74 -15.14
CA PRO A 1393 -16.73 8.82 -14.14
C PRO A 1393 -15.97 10.14 -14.17
N GLY A 1394 -15.80 10.76 -15.33
CA GLY A 1394 -14.90 11.88 -15.44
C GLY A 1394 -14.02 11.80 -16.67
N VAL A 1395 -14.37 10.89 -17.58
CA VAL A 1395 -13.69 10.83 -18.87
C VAL A 1395 -13.84 12.16 -19.59
N THR A 1396 -12.71 12.73 -20.01
CA THR A 1396 -12.68 14.03 -20.67
C THR A 1396 -12.31 13.86 -22.14
N SER A 1397 -12.47 14.96 -22.88
CA SER A 1397 -12.10 15.01 -24.29
C SER A 1397 -11.36 16.28 -24.67
N SER A 1398 -11.33 17.30 -23.83
CA SER A 1398 -10.70 18.56 -24.19
C SER A 1398 -9.18 18.42 -24.26
N LEU A 1399 -8.60 19.00 -25.30
CA LEU A 1399 -7.16 18.96 -25.48
C LEU A 1399 -6.47 19.87 -24.47
N SER A 1400 -5.29 19.44 -23.99
CA SER A 1400 -4.48 20.25 -23.09
C SER A 1400 -3.71 21.31 -23.88
N LYS A 1401 -4.47 22.20 -24.53
CA LYS A 1401 -3.92 23.22 -25.40
C LYS A 1401 -3.17 24.31 -24.65
N GLY A 1402 -3.18 24.30 -23.32
CA GLY A 1402 -2.52 25.34 -22.56
C GLY A 1402 -1.80 24.85 -21.32
N HIS A 1403 -1.70 25.71 -20.31
CA HIS A 1403 -1.04 25.37 -19.07
C HIS A 1403 -1.99 24.55 -18.20
N VAL A 1404 -1.62 24.33 -16.93
CA VAL A 1404 -2.42 23.53 -16.00
C VAL A 1404 -2.91 24.37 -14.83
N VAL A 1405 -1.98 25.07 -14.15
CA VAL A 1405 -2.36 25.90 -13.01
C VAL A 1405 -3.52 26.85 -13.33
N PRO A 1406 -3.48 27.63 -14.42
CA PRO A 1406 -4.64 28.51 -14.71
C PRO A 1406 -5.93 27.74 -14.88
N ARG A 1407 -5.92 26.66 -15.67
CA ARG A 1407 -7.16 25.94 -15.91
C ARG A 1407 -7.62 25.15 -14.70
N VAL A 1408 -6.71 24.79 -13.79
CA VAL A 1408 -7.14 24.17 -12.53
C VAL A 1408 -7.81 25.19 -11.63
N VAL A 1409 -7.21 26.38 -11.51
CA VAL A 1409 -7.83 27.45 -10.73
C VAL A 1409 -9.20 27.79 -11.32
N ALA A 1410 -9.31 27.76 -12.64
CA ALA A 1410 -10.59 27.93 -13.31
C ALA A 1410 -11.57 26.82 -12.90
N ALA A 1411 -11.22 25.57 -13.18
CA ALA A 1411 -12.09 24.45 -12.83
C ALA A 1411 -12.57 24.51 -11.38
N GLY A 1412 -11.77 25.13 -10.50
CA GLY A 1412 -12.22 25.37 -9.15
C GLY A 1412 -13.22 26.50 -9.01
N VAL A 1413 -12.79 27.71 -9.41
CA VAL A 1413 -13.58 28.91 -9.10
C VAL A 1413 -14.86 28.96 -9.92
N TYR A 1414 -14.86 28.38 -11.12
CA TYR A 1414 -16.07 28.31 -11.93
C TYR A 1414 -17.16 27.55 -11.19
N LEU A 1415 -16.87 26.31 -10.78
CA LEU A 1415 -17.85 25.52 -10.04
C LEU A 1415 -18.24 26.20 -8.74
N LEU A 1416 -17.26 26.74 -8.01
CA LEU A 1416 -17.56 27.39 -6.74
C LEU A 1416 -18.56 28.54 -6.92
N SER A 1417 -18.26 29.46 -7.83
CA SER A 1417 -19.16 30.58 -8.08
C SER A 1417 -20.51 30.09 -8.59
N ARG A 1418 -20.51 29.21 -9.60
CA ARG A 1418 -21.76 28.75 -10.18
C ARG A 1418 -22.68 28.11 -9.16
N HIS A 1419 -22.12 27.41 -8.17
CA HIS A 1419 -22.95 26.91 -7.08
C HIS A 1419 -23.34 28.04 -6.14
N CYS A 1420 -22.48 29.05 -5.98
CA CYS A 1420 -22.74 30.09 -4.98
C CYS A 1420 -23.97 30.91 -5.35
N PHE A 1421 -24.16 31.23 -6.63
CA PHE A 1421 -25.21 32.16 -7.02
C PHE A 1421 -26.30 31.50 -7.86
N ARG A 1422 -25.97 30.91 -9.00
CA ARG A 1422 -27.00 30.45 -9.93
C ARG A 1422 -27.24 28.96 -9.80
N PHE A 1423 -28.00 28.41 -10.75
CA PHE A 1423 -28.36 27.00 -10.80
C PHE A 1423 -27.37 26.26 -11.69
N SER A 1424 -27.69 25.00 -12.00
CA SER A 1424 -26.87 24.20 -12.90
C SER A 1424 -27.67 23.77 -14.13
N SER A 1432 -29.01 20.57 -11.53
CA SER A 1432 -30.27 21.21 -11.19
C SER A 1432 -30.31 21.58 -9.72
N THR A 1433 -29.14 21.57 -9.07
CA THR A 1433 -29.07 21.91 -7.66
C THR A 1433 -29.42 23.37 -7.43
N GLN A 1434 -29.70 23.70 -6.17
CA GLN A 1434 -30.13 25.04 -5.80
C GLN A 1434 -28.94 25.86 -5.31
N LYS A 1435 -29.20 27.05 -4.80
CA LYS A 1435 -28.16 27.87 -4.20
C LYS A 1435 -27.66 27.24 -2.91
N ALA A 1436 -26.63 27.86 -2.33
CA ALA A 1436 -26.18 27.48 -1.01
C ALA A 1436 -27.26 27.75 0.04
N SER A 1437 -27.69 29.01 0.15
CA SER A 1437 -28.68 29.36 1.16
C SER A 1437 -30.04 28.75 0.85
N LEU A 1438 -30.33 28.51 -0.42
CA LEU A 1438 -31.59 27.84 -0.77
C LEU A 1438 -31.60 26.41 -0.22
N ILE A 1439 -30.48 25.70 -0.34
CA ILE A 1439 -30.40 24.36 0.23
C ILE A 1439 -30.39 24.43 1.75
N LYS A 1440 -29.74 25.47 2.31
CA LYS A 1440 -29.72 25.63 3.75
C LYS A 1440 -31.12 25.82 4.32
N LEU A 1441 -31.98 26.54 3.60
CA LEU A 1441 -33.36 26.67 4.04
C LEU A 1441 -34.16 25.42 3.72
N LEU A 1442 -33.79 24.69 2.67
CA LEU A 1442 -34.40 23.39 2.39
C LEU A 1442 -34.08 22.38 3.48
N MET A 1443 -33.03 22.63 4.27
CA MET A 1443 -32.71 21.76 5.39
C MET A 1443 -33.89 21.61 6.34
N MET A 1444 -34.47 22.74 6.76
CA MET A 1444 -35.59 22.73 7.68
C MET A 1444 -36.88 22.34 6.97
N SER A 1445 -36.98 21.07 6.58
CA SER A 1445 -38.17 20.57 5.89
C SER A 1445 -39.10 19.84 6.86
N SER A 1455 -29.59 13.29 13.52
CA SER A 1455 -28.69 13.01 12.41
C SER A 1455 -28.70 11.54 12.05
N LEU A 1456 -27.53 10.92 12.02
CA LEU A 1456 -27.40 9.52 11.66
C LEU A 1456 -27.64 8.62 12.86
N ASN A 1457 -28.20 7.45 12.60
CA ASN A 1457 -28.33 6.40 13.58
C ASN A 1457 -27.25 5.34 13.36
N PRO A 1458 -26.85 4.59 14.40
CA PRO A 1458 -25.71 3.69 14.25
C PRO A 1458 -25.88 2.64 13.16
N ASN A 1459 -27.13 2.28 12.88
CA ASN A 1459 -27.44 1.26 11.84
C ASN A 1459 -26.89 1.72 10.49
N GLN A 1460 -27.32 2.91 10.03
CA GLN A 1460 -26.89 3.43 8.74
C GLN A 1460 -25.45 3.90 8.78
N GLU A 1461 -24.97 4.38 9.93
CA GLU A 1461 -23.57 4.72 10.07
C GLU A 1461 -22.68 3.50 9.85
N ARG A 1462 -23.13 2.32 10.28
CA ARG A 1462 -22.37 1.10 10.03
C ARG A 1462 -22.54 0.64 8.58
N MET A 1463 -23.74 0.77 8.03
CA MET A 1463 -23.97 0.37 6.64
C MET A 1463 -23.18 1.23 5.66
N LEU A 1464 -22.88 2.48 6.04
CA LEU A 1464 -22.09 3.34 5.17
C LEU A 1464 -20.61 3.02 5.26
N PHE A 1465 -20.04 3.10 6.45
CA PHE A 1465 -18.64 2.77 6.67
C PHE A 1465 -18.52 1.30 7.07
N PRO A 1466 -18.03 0.43 6.19
CA PRO A 1466 -18.00 -1.01 6.53
C PRO A 1466 -16.86 -1.37 7.47
N GLN A 1467 -16.20 -0.37 8.05
CA GLN A 1467 -15.12 -0.59 9.01
C GLN A 1467 -15.26 0.34 10.21
N ALA A 1468 -16.49 0.47 10.72
CA ALA A 1468 -16.75 1.41 11.82
C ALA A 1468 -16.14 0.92 13.12
N GLN A 1469 -16.16 -0.39 13.36
CA GLN A 1469 -15.67 -0.94 14.62
C GLN A 1469 -14.20 -0.65 14.83
N GLU A 1470 -13.39 -0.80 13.76
CA GLU A 1470 -11.97 -0.49 13.86
C GLU A 1470 -11.74 0.98 14.12
N TYR A 1471 -12.53 1.84 13.47
CA TYR A 1471 -12.45 3.27 13.72
C TYR A 1471 -12.77 3.58 15.18
N ASP A 1472 -13.75 2.87 15.74
CA ASP A 1472 -14.13 3.10 17.13
C ASP A 1472 -13.01 2.65 18.07
N ARG A 1473 -12.42 1.49 17.79
CA ARG A 1473 -11.26 1.04 18.56
C ARG A 1473 -10.15 2.08 18.54
N VAL A 1474 -9.81 2.57 17.35
CA VAL A 1474 -8.75 3.57 17.22
C VAL A 1474 -9.09 4.81 18.02
N CYS A 1475 -10.30 5.35 17.83
CA CYS A 1475 -10.68 6.57 18.53
C CYS A 1475 -10.64 6.40 20.03
N THR A 1476 -11.12 5.24 20.52
CA THR A 1476 -11.05 4.97 21.95
C THR A 1476 -9.61 4.95 22.45
N LEU A 1477 -8.72 4.28 21.71
CA LEU A 1477 -7.31 4.33 22.06
C LEU A 1477 -6.73 5.72 21.88
N LEU A 1478 -7.40 6.58 21.12
CA LEU A 1478 -6.91 7.92 20.82
C LEU A 1478 -7.40 8.97 21.82
N GLU A 1479 -8.47 8.70 22.58
CA GLU A 1479 -8.95 9.67 23.54
C GLU A 1479 -8.27 9.55 24.90
N GLU A 1480 -6.94 9.51 24.90
CA GLU A 1480 -6.17 9.51 26.13
C GLU A 1480 -4.90 10.35 26.05
N VAL A 1481 -4.62 10.97 24.90
CA VAL A 1481 -3.38 11.70 24.69
C VAL A 1481 -3.69 13.17 24.45
N GLU A 1482 -4.76 13.66 25.07
CA GLU A 1482 -5.19 15.04 24.88
C GLU A 1482 -4.29 16.06 25.56
N HIS A 1483 -3.25 15.57 26.26
CA HIS A 1483 -2.30 16.45 26.98
C HIS A 1483 -0.88 16.21 26.47
N LEU A 1484 0.02 17.14 26.76
CA LEU A 1484 1.43 17.06 26.37
C LEU A 1484 2.23 16.66 27.61
N THR A 1485 2.33 15.35 27.85
CA THR A 1485 3.03 14.81 29.00
C THR A 1485 3.92 13.67 28.54
N GLY A 1486 5.22 13.79 28.77
CA GLY A 1486 6.15 12.74 28.38
C GLY A 1486 7.55 13.11 28.84
N LYS A 1487 8.46 12.17 28.63
CA LYS A 1487 9.85 12.34 29.01
C LYS A 1487 10.76 12.17 27.81
N PHE A 1488 11.97 12.71 27.92
CA PHE A 1488 12.95 12.72 26.84
C PHE A 1488 13.98 11.61 27.00
N VAL A 1489 13.55 10.46 27.52
CA VAL A 1489 14.48 9.35 27.75
C VAL A 1489 15.07 8.89 26.42
N VAL A 1490 16.39 8.93 26.34
CA VAL A 1490 17.10 8.40 25.17
C VAL A 1490 17.36 6.92 25.39
N ARG A 1491 16.78 6.09 24.53
CA ARG A 1491 16.88 4.65 24.66
C ARG A 1491 18.23 4.17 24.11
N GLU A 1492 18.35 2.87 23.91
CA GLU A 1492 19.57 2.30 23.35
C GLU A 1492 19.76 2.78 21.91
N ARG A 1493 20.85 2.32 21.29
CA ARG A 1493 21.22 2.78 19.96
C ARG A 1493 20.07 2.63 18.97
N ASN A 1494 19.44 1.47 18.93
CA ASN A 1494 18.34 1.22 18.00
C ASN A 1494 17.36 0.26 18.66
N ILE A 1495 16.16 0.75 18.98
CA ILE A 1495 15.09 -0.14 19.40
C ILE A 1495 14.58 -0.87 18.16
N VAL A 1496 14.91 -2.16 18.04
CA VAL A 1496 14.49 -2.91 16.88
C VAL A 1496 12.97 -3.03 16.90
N ARG A 1497 12.33 -2.35 15.95
CA ARG A 1497 10.88 -2.22 15.96
C ARG A 1497 10.24 -3.49 15.40
N SER A 1498 8.93 -3.45 15.23
CA SER A 1498 8.14 -4.58 14.76
C SER A 1498 7.65 -4.30 13.34
N ARG A 1499 6.81 -5.21 12.83
CA ARG A 1499 6.18 -5.07 11.52
C ARG A 1499 4.67 -5.15 11.74
N ILE A 1500 4.06 -4.02 12.04
CA ILE A 1500 2.63 -3.95 12.35
C ILE A 1500 1.86 -3.64 11.09
N ASP A 1501 0.74 -4.33 10.91
CA ASP A 1501 -0.18 -4.09 9.80
C ASP A 1501 -1.53 -3.69 10.38
N LEU A 1502 -2.04 -2.54 9.92
CA LEU A 1502 -3.36 -2.08 10.34
C LEU A 1502 -4.43 -2.82 9.56
N PHE A 1503 -5.66 -2.31 9.57
CA PHE A 1503 -6.78 -3.00 8.94
C PHE A 1503 -6.46 -3.38 7.50
N GLN A 1504 -6.36 -4.69 7.25
CA GLN A 1504 -5.91 -5.20 5.97
C GLN A 1504 -6.21 -6.69 5.87
N GLU A 1505 -6.88 -7.11 4.81
CA GLU A 1505 -7.23 -8.51 4.60
C GLU A 1505 -6.72 -8.98 3.25
N PRO A 1506 -6.44 -10.27 3.10
CA PRO A 1506 -5.94 -10.79 1.82
C PRO A 1506 -6.88 -10.52 0.66
N VAL A 1507 -8.12 -11.00 0.73
CA VAL A 1507 -9.05 -10.71 -0.37
C VAL A 1507 -10.31 -10.02 0.12
N ASP A 1508 -11.17 -10.73 0.85
CA ASP A 1508 -12.40 -10.18 1.40
C ASP A 1508 -13.15 -11.29 2.13
N LEU A 1509 -14.21 -10.90 2.84
CA LEU A 1509 -15.27 -11.82 3.26
C LEU A 1509 -16.67 -11.25 3.11
N ARG A 1510 -16.83 -9.93 2.96
CA ARG A 1510 -18.13 -9.29 2.97
C ARG A 1510 -18.69 -9.16 1.55
N CYS A 1511 -20.02 -9.10 1.47
CA CYS A 1511 -20.71 -8.80 0.23
C CYS A 1511 -20.86 -7.29 0.08
N LYS A 1512 -20.57 -6.78 -1.12
CA LYS A 1512 -20.63 -5.36 -1.36
C LYS A 1512 -22.08 -4.88 -1.44
N ALA A 1513 -22.30 -3.64 -1.02
CA ALA A 1513 -23.64 -3.09 -0.86
C ALA A 1513 -24.40 -2.94 -2.18
N GLU A 1514 -23.76 -3.30 -3.29
CA GLU A 1514 -24.40 -3.21 -4.59
C GLU A 1514 -24.94 -4.54 -5.10
N ASP A 1515 -24.28 -5.66 -4.78
CA ASP A 1515 -24.69 -6.95 -5.30
C ASP A 1515 -26.06 -7.37 -4.79
N LEU A 1516 -26.39 -7.03 -3.54
CA LEU A 1516 -27.72 -7.35 -3.02
C LEU A 1516 -28.81 -6.76 -3.89
N VAL A 1517 -28.57 -5.57 -4.45
CA VAL A 1517 -29.57 -4.95 -5.33
C VAL A 1517 -29.70 -5.73 -6.62
N SER A 1518 -28.56 -6.11 -7.24
CA SER A 1518 -28.62 -6.90 -8.46
C SER A 1518 -29.34 -8.21 -8.24
N GLU A 1519 -29.18 -8.83 -7.07
CA GLU A 1519 -29.85 -10.09 -6.80
C GLU A 1519 -31.33 -9.89 -6.53
N VAL A 1520 -31.66 -9.03 -5.57
CA VAL A 1520 -33.09 -8.75 -5.23
C VAL A 1520 -33.81 -8.28 -6.51
N TRP A 1521 -33.28 -7.21 -7.13
CA TRP A 1521 -33.88 -6.60 -8.35
C TRP A 1521 -33.85 -7.51 -9.59
N PHE A 1522 -32.74 -8.20 -9.89
CA PHE A 1522 -32.68 -8.95 -11.17
C PHE A 1522 -32.50 -10.47 -11.05
N GLY A 1523 -32.25 -11.01 -9.85
CA GLY A 1523 -32.10 -12.48 -9.72
C GLY A 1523 -30.69 -12.97 -10.01
N LEU A 1524 -29.74 -12.08 -10.31
CA LEU A 1524 -28.33 -12.51 -10.55
C LEU A 1524 -27.67 -12.75 -9.20
N LYS A 1525 -27.27 -14.00 -8.91
CA LYS A 1525 -26.70 -14.32 -7.60
C LYS A 1525 -25.25 -13.84 -7.51
N ARG A 1526 -25.08 -12.52 -7.63
CA ARG A 1526 -23.75 -11.94 -7.48
C ARG A 1526 -23.17 -12.23 -6.10
N THR A 1527 -24.02 -12.36 -5.10
CA THR A 1527 -23.65 -12.91 -3.80
C THR A 1527 -24.31 -14.26 -3.63
N LYS A 1528 -23.78 -15.05 -2.70
CA LYS A 1528 -24.24 -16.42 -2.46
C LYS A 1528 -24.56 -16.62 -0.98
N LEU A 1529 -25.31 -15.67 -0.41
CA LEU A 1529 -25.64 -15.74 1.01
C LEU A 1529 -26.61 -16.88 1.29
N GLY A 1530 -27.78 -16.85 0.66
CA GLY A 1530 -28.82 -17.82 0.93
C GLY A 1530 -30.12 -17.13 1.30
N PRO A 1531 -31.25 -17.76 0.97
CA PRO A 1531 -32.56 -17.08 1.14
C PRO A 1531 -32.76 -16.40 2.48
N ARG A 1532 -32.52 -17.10 3.58
CA ARG A 1532 -32.65 -16.50 4.91
C ARG A 1532 -31.69 -15.32 5.06
N LEU A 1533 -30.40 -15.55 4.83
CA LEU A 1533 -29.41 -14.49 5.02
C LEU A 1533 -29.59 -13.39 3.98
N LEU A 1534 -29.91 -13.75 2.75
CA LEU A 1534 -30.16 -12.74 1.73
C LEU A 1534 -31.30 -11.82 2.15
N LYS A 1535 -32.41 -12.41 2.60
CA LYS A 1535 -33.53 -11.60 3.09
C LYS A 1535 -33.11 -10.72 4.26
N GLU A 1536 -32.32 -11.27 5.19
CA GLU A 1536 -31.91 -10.49 6.36
C GLU A 1536 -31.08 -9.28 5.95
N GLU A 1537 -30.07 -9.49 5.11
CA GLU A 1537 -29.21 -8.37 4.71
C GLU A 1537 -29.95 -7.37 3.84
N TRP A 1538 -30.82 -7.85 2.92
CA TRP A 1538 -31.60 -6.92 2.11
C TRP A 1538 -32.55 -6.10 2.97
N ASP A 1539 -33.11 -6.71 4.01
CA ASP A 1539 -33.98 -5.97 4.92
C ASP A 1539 -33.19 -4.95 5.73
N LYS A 1540 -31.99 -5.31 6.16
CA LYS A 1540 -31.11 -4.34 6.82
C LYS A 1540 -30.82 -3.16 5.90
N LEU A 1541 -30.52 -3.45 4.63
CA LEU A 1541 -30.26 -2.40 3.65
C LEU A 1541 -31.47 -1.49 3.50
N ARG A 1542 -32.67 -2.08 3.37
CA ARG A 1542 -33.88 -1.28 3.27
C ARG A 1542 -34.08 -0.42 4.50
N ALA A 1543 -33.81 -0.96 5.69
CA ALA A 1543 -33.85 -0.17 6.91
C ALA A 1543 -32.77 0.90 6.95
N SER A 1544 -31.75 0.80 6.11
CA SER A 1544 -30.73 1.84 6.06
C SER A 1544 -31.16 3.02 5.18
N PHE A 1545 -31.75 2.73 4.03
CA PHE A 1545 -32.18 3.76 3.07
C PHE A 1545 -33.70 3.78 3.04
N ALA A 1546 -34.28 4.90 3.48
CA ALA A 1546 -35.73 4.99 3.64
C ALA A 1546 -36.46 4.74 2.32
N TRP A 1547 -36.19 5.58 1.32
CA TRP A 1547 -36.93 5.50 0.05
C TRP A 1547 -36.69 4.18 -0.68
N LEU A 1548 -35.62 3.47 -0.36
CA LEU A 1548 -35.26 2.27 -1.10
C LEU A 1548 -36.35 1.20 -0.95
N SER A 1549 -36.83 0.71 -2.08
CA SER A 1549 -37.87 -0.31 -2.12
C SER A 1549 -37.40 -1.48 -2.98
N THR A 1550 -38.20 -2.54 -3.00
CA THR A 1550 -37.90 -3.73 -3.77
C THR A 1550 -38.40 -3.64 -5.21
N ASP A 1551 -38.65 -2.43 -5.71
CA ASP A 1551 -39.12 -2.22 -7.06
C ASP A 1551 -38.11 -1.36 -7.80
N PRO A 1552 -37.50 -1.85 -8.89
CA PRO A 1552 -36.49 -1.04 -9.58
C PRO A 1552 -37.06 0.19 -10.27
N SER A 1553 -38.30 0.12 -10.75
CA SER A 1553 -38.89 1.29 -11.39
C SER A 1553 -39.44 2.28 -10.38
N GLU A 1554 -40.10 1.79 -9.33
CA GLU A 1554 -40.73 2.67 -8.36
C GLU A 1554 -39.70 3.49 -7.58
N THR A 1555 -38.51 2.93 -7.34
CA THR A 1555 -37.53 3.59 -6.48
C THR A 1555 -36.96 4.87 -7.08
N LEU A 1556 -37.42 5.29 -8.27
CA LEU A 1556 -36.97 6.53 -8.88
C LEU A 1556 -37.89 7.71 -8.59
N ARG A 1557 -39.19 7.48 -8.46
CA ARG A 1557 -40.13 8.55 -8.22
C ARG A 1557 -40.22 8.97 -6.75
N ASP A 1558 -39.36 8.42 -5.89
CA ASP A 1558 -39.39 8.79 -4.48
C ASP A 1558 -38.03 9.22 -3.95
N GLY A 1559 -36.95 8.63 -4.44
CA GLY A 1559 -35.62 8.95 -3.95
C GLY A 1559 -34.98 10.04 -4.77
N PRO A 1560 -33.96 10.70 -4.21
CA PRO A 1560 -33.37 11.85 -4.91
C PRO A 1560 -32.55 11.42 -6.12
N PHE A 1561 -33.15 11.52 -7.30
CA PHE A 1561 -32.57 11.16 -8.58
C PHE A 1561 -33.42 11.80 -9.67
N LEU A 1562 -32.90 11.82 -10.88
CA LEU A 1562 -33.69 12.19 -12.05
C LEU A 1562 -33.63 11.18 -13.18
N SER A 1563 -32.60 10.34 -13.23
CA SER A 1563 -32.51 9.27 -14.20
C SER A 1563 -32.11 7.98 -13.49
N HIS A 1564 -32.38 6.85 -14.14
CA HIS A 1564 -32.03 5.57 -13.59
C HIS A 1564 -30.58 5.19 -13.85
N VAL A 1565 -29.75 6.17 -14.19
CA VAL A 1565 -28.31 5.99 -14.36
C VAL A 1565 -27.53 6.61 -13.21
N GLN A 1566 -27.99 7.77 -12.71
CA GLN A 1566 -27.35 8.39 -11.56
C GLN A 1566 -27.32 7.45 -10.37
N PHE A 1567 -28.35 6.64 -10.20
CA PHE A 1567 -28.40 5.71 -9.08
C PHE A 1567 -27.40 4.58 -9.25
N ARG A 1568 -27.21 4.11 -10.49
CA ARG A 1568 -26.24 3.06 -10.75
C ARG A 1568 -24.83 3.52 -10.35
N ASN A 1569 -24.45 4.73 -10.74
CA ASN A 1569 -23.16 5.26 -10.34
C ASN A 1569 -23.11 5.57 -8.85
N PHE A 1570 -24.23 5.99 -8.27
CA PHE A 1570 -24.25 6.33 -6.84
C PHE A 1570 -24.02 5.10 -5.98
N ILE A 1571 -24.62 3.97 -6.33
CA ILE A 1571 -24.57 2.80 -5.46
C ILE A 1571 -23.24 2.07 -5.56
N ALA A 1572 -22.47 2.26 -6.63
CA ALA A 1572 -21.22 1.53 -6.81
C ALA A 1572 -20.05 2.13 -6.05
N HIS A 1573 -20.26 3.26 -5.36
CA HIS A 1573 -19.16 3.89 -4.63
C HIS A 1573 -19.59 4.43 -3.26
N VAL A 1574 -20.78 4.05 -2.77
CA VAL A 1574 -21.27 4.63 -1.53
C VAL A 1574 -20.40 4.19 -0.34
N ASP A 1575 -20.11 2.90 -0.25
CA ASP A 1575 -19.27 2.37 0.81
C ASP A 1575 -17.83 2.24 0.32
N ALA A 1576 -16.88 2.62 1.18
CA ALA A 1576 -15.47 2.53 0.82
C ALA A 1576 -14.65 2.26 2.07
N LYS A 1577 -13.59 1.48 1.91
CA LYS A 1577 -12.68 1.13 3.00
C LYS A 1577 -11.35 1.86 2.81
N SER A 1578 -10.74 2.24 3.93
CA SER A 1578 -9.43 2.88 3.88
C SER A 1578 -8.36 1.88 3.44
N ARG A 1579 -7.17 2.42 3.17
CA ARG A 1579 -6.06 1.63 2.67
C ARG A 1579 -5.26 1.02 3.83
N SER A 1580 -4.41 0.06 3.49
CA SER A 1580 -3.55 -0.58 4.48
C SER A 1580 -2.35 0.30 4.79
N VAL A 1581 -1.67 -0.03 5.89
CA VAL A 1581 -0.51 0.72 6.36
C VAL A 1581 0.47 -0.25 7.00
N ARG A 1582 1.71 -0.27 6.50
CA ARG A 1582 2.79 -1.08 7.06
C ARG A 1582 3.65 -0.18 7.95
N LEU A 1583 3.14 0.11 9.14
CA LEU A 1583 3.81 1.00 10.08
C LEU A 1583 4.64 0.20 11.07
N LEU A 1584 5.80 0.75 11.44
CA LEU A 1584 6.72 0.10 12.36
C LEU A 1584 6.49 0.62 13.78
N GLY A 1585 6.68 -0.25 14.76
CA GLY A 1585 6.47 0.12 16.15
C GLY A 1585 7.40 -0.65 17.07
N ALA A 1586 7.78 0.00 18.17
CA ALA A 1586 8.68 -0.62 19.13
C ALA A 1586 8.00 -1.81 19.80
N PRO A 1587 8.76 -2.85 20.14
CA PRO A 1587 8.16 -4.04 20.75
C PRO A 1587 7.96 -3.91 22.25
N VAL A 1588 7.47 -4.97 22.88
CA VAL A 1588 7.25 -4.97 24.33
C VAL A 1588 8.24 -5.89 25.02
N VAL A 1594 2.87 -9.08 20.42
CA VAL A 1594 4.22 -8.55 20.51
C VAL A 1594 4.18 -7.03 20.56
N THR A 1595 3.14 -6.45 19.98
CA THR A 1595 3.02 -4.99 19.90
C THR A 1595 1.55 -4.62 19.95
N THR A 1596 1.28 -3.33 19.82
CA THR A 1596 -0.08 -2.78 19.80
C THR A 1596 -0.03 -1.43 19.11
N ILE A 1597 -1.14 -0.69 19.20
CA ILE A 1597 -1.21 0.63 18.60
C ILE A 1597 -0.84 1.67 19.65
N SER A 1598 -1.19 1.39 20.91
CA SER A 1598 -0.84 2.30 21.99
C SER A 1598 0.67 2.45 22.12
N GLN A 1599 1.42 1.36 21.92
CA GLN A 1599 2.87 1.45 21.95
C GLN A 1599 3.40 2.36 20.85
N VAL A 1600 2.88 2.19 19.63
CA VAL A 1600 3.31 3.02 18.51
C VAL A 1600 3.04 4.49 18.80
N VAL A 1601 1.82 4.79 19.28
CA VAL A 1601 1.49 6.17 19.62
C VAL A 1601 2.36 6.68 20.77
N ARG A 1602 2.82 5.78 21.65
CA ARG A 1602 3.73 6.20 22.71
C ARG A 1602 5.09 6.60 22.15
N MET A 1603 5.62 5.80 21.23
CA MET A 1603 6.99 6.01 20.76
C MET A 1603 7.04 6.87 19.49
N ASN A 1604 6.32 6.48 18.45
CA ASN A 1604 6.45 7.09 17.12
C ASN A 1604 5.97 8.52 17.05
N PHE A 1605 5.50 9.18 18.12
CA PHE A 1605 5.11 10.57 17.99
C PHE A 1605 6.31 11.48 17.71
N PHE A 1606 7.48 11.12 18.22
CA PHE A 1606 8.69 11.90 18.03
C PHE A 1606 9.89 11.03 18.40
N PRO A 1607 10.94 11.00 17.59
CA PRO A 1607 12.10 10.16 17.92
C PRO A 1607 12.83 10.68 19.15
N GLY A 1608 13.18 9.76 20.05
CA GLY A 1608 13.80 10.15 21.30
C GLY A 1608 12.85 10.77 22.29
N PHE A 1609 11.57 10.40 22.22
CA PHE A 1609 10.55 11.02 23.06
C PHE A 1609 9.36 10.06 23.16
N SER A 1610 8.82 9.92 24.36
CA SER A 1610 7.67 9.07 24.60
C SER A 1610 6.49 9.93 25.05
N LEU A 1611 5.29 9.42 24.81
CA LEU A 1611 4.06 10.12 25.14
C LEU A 1611 3.19 9.21 26.00
N GLU A 1612 2.86 9.66 27.21
CA GLU A 1612 2.09 8.87 28.14
C GLU A 1612 1.16 9.79 28.92
N ALA A 1613 0.20 9.16 29.61
CA ALA A 1613 -0.75 9.91 30.42
C ALA A 1613 -0.26 10.04 31.85
N LEU A 1623 -2.52 -6.12 44.51
CA LEU A 1623 -3.35 -7.11 43.84
C LEU A 1623 -2.80 -8.53 44.05
N GLU A 1624 -2.78 -9.33 42.97
CA GLU A 1624 -2.38 -10.73 42.94
C GLU A 1624 -3.39 -11.65 43.61
N SER A 1625 -4.44 -11.11 44.22
CA SER A 1625 -5.55 -11.93 44.68
C SER A 1625 -6.63 -12.07 43.62
N ILE A 1626 -6.73 -11.10 42.72
CA ILE A 1626 -7.69 -11.20 41.62
C ILE A 1626 -7.34 -12.36 40.70
N SER A 1627 -6.05 -12.60 40.48
CA SER A 1627 -5.63 -13.69 39.60
C SER A 1627 -5.98 -15.04 40.20
N ILE A 1628 -5.63 -15.25 41.48
CA ILE A 1628 -5.95 -16.52 42.12
C ILE A 1628 -7.46 -16.70 42.23
N LEU A 1629 -8.19 -15.60 42.43
CA LEU A 1629 -9.65 -15.69 42.50
C LEU A 1629 -10.24 -16.10 41.16
N LYS A 1630 -9.76 -15.50 40.06
CA LYS A 1630 -10.22 -15.90 38.74
C LYS A 1630 -9.90 -17.37 38.48
N HIS A 1631 -8.68 -17.80 38.84
CA HIS A 1631 -8.30 -19.19 38.61
C HIS A 1631 -9.21 -20.14 39.37
N VAL A 1632 -9.42 -19.90 40.66
CA VAL A 1632 -10.23 -20.82 41.44
C VAL A 1632 -11.68 -20.78 40.99
N LEU A 1633 -12.19 -19.59 40.61
CA LEU A 1633 -13.55 -19.49 40.10
C LEU A 1633 -13.73 -20.33 38.84
N PHE A 1634 -12.80 -20.20 37.90
CA PHE A 1634 -12.88 -20.97 36.68
C PHE A 1634 -12.76 -22.47 36.95
N MET A 1635 -11.89 -22.85 37.90
CA MET A 1635 -11.68 -24.27 38.17
C MET A 1635 -12.84 -24.90 38.92
N VAL A 1636 -13.59 -24.13 39.71
CA VAL A 1636 -14.75 -24.67 40.39
C VAL A 1636 -15.97 -24.70 39.47
N LEU A 1637 -16.23 -23.59 38.78
CA LEU A 1637 -17.44 -23.52 37.94
C LEU A 1637 -17.42 -24.60 36.86
N ASN A 1638 -16.34 -24.68 36.09
CA ASN A 1638 -16.22 -25.73 35.08
C ASN A 1638 -15.82 -27.07 35.67
N GLY A 1639 -15.34 -27.10 36.91
CA GLY A 1639 -14.94 -28.33 37.54
C GLY A 1639 -16.12 -29.25 37.82
N PRO A 1640 -15.86 -30.57 37.84
CA PRO A 1640 -16.96 -31.51 38.08
C PRO A 1640 -17.43 -31.48 39.53
N TYR A 1641 -18.60 -30.89 39.75
CA TYR A 1641 -19.16 -30.76 41.09
C TYR A 1641 -20.69 -30.78 40.96
N THR A 1642 -21.37 -30.39 42.03
CA THR A 1642 -22.80 -30.18 42.02
C THR A 1642 -23.08 -28.70 42.33
N GLU A 1643 -24.16 -28.19 41.74
CA GLU A 1643 -24.45 -26.76 41.81
C GLU A 1643 -24.45 -26.25 43.24
N GLU A 1644 -25.09 -26.99 44.15
CA GLU A 1644 -25.05 -26.61 45.56
C GLU A 1644 -23.63 -26.64 46.09
N TYR A 1645 -22.89 -27.71 45.80
CA TYR A 1645 -21.50 -27.79 46.23
C TYR A 1645 -20.66 -26.71 45.55
N LYS A 1646 -20.94 -26.43 44.29
CA LYS A 1646 -20.27 -25.33 43.59
C LYS A 1646 -20.43 -24.02 44.36
N LEU A 1647 -21.67 -23.67 44.69
CA LEU A 1647 -21.93 -22.42 45.40
C LEU A 1647 -21.29 -22.44 46.78
N GLU A 1648 -21.28 -23.59 47.45
CA GLU A 1648 -20.60 -23.72 48.73
C GLU A 1648 -19.13 -23.34 48.60
N MET A 1649 -18.41 -24.00 47.68
CA MET A 1649 -16.99 -23.73 47.54
C MET A 1649 -16.74 -22.28 47.13
N ILE A 1650 -17.60 -21.73 46.27
CA ILE A 1650 -17.44 -20.36 45.83
C ILE A 1650 -17.58 -19.40 47.01
N ILE A 1651 -18.59 -19.61 47.85
CA ILE A 1651 -18.81 -18.68 48.95
C ILE A 1651 -17.73 -18.83 50.01
N GLU A 1652 -17.19 -20.04 50.22
CA GLU A 1652 -16.08 -20.17 51.16
C GLU A 1652 -14.82 -19.51 50.62
N ALA A 1653 -14.56 -19.65 49.31
CA ALA A 1653 -13.43 -18.97 48.70
C ALA A 1653 -13.57 -17.46 48.82
N PHE A 1654 -14.80 -16.96 48.69
CA PHE A 1654 -15.03 -15.53 48.89
C PHE A 1654 -14.82 -15.15 50.35
N SER A 1655 -15.14 -16.05 51.28
CA SER A 1655 -14.94 -15.76 52.70
C SER A 1655 -13.47 -15.64 53.03
N THR A 1656 -12.65 -16.59 52.56
CA THR A 1656 -11.24 -16.59 52.93
C THR A 1656 -10.46 -15.47 52.25
N LEU A 1657 -10.82 -15.11 51.02
CA LEU A 1657 -10.05 -14.15 50.26
C LEU A 1657 -10.48 -12.72 50.58
N VAL A 1658 -9.74 -11.77 50.01
CA VAL A 1658 -10.03 -10.34 50.12
C VAL A 1658 -10.03 -9.75 48.72
N ILE A 1659 -10.29 -8.45 48.64
CA ILE A 1659 -10.38 -7.77 47.35
C ILE A 1659 -10.21 -6.27 47.54
N PRO A 1660 -9.68 -5.55 46.56
CA PRO A 1660 -9.68 -4.08 46.63
C PRO A 1660 -11.08 -3.52 46.46
N GLN A 1661 -11.27 -2.31 46.99
CA GLN A 1661 -12.56 -1.64 46.94
C GLN A 1661 -12.91 -1.25 45.51
N PRO A 1662 -14.20 -1.06 45.21
CA PRO A 1662 -14.61 -0.88 43.81
C PRO A 1662 -14.29 0.50 43.24
N SER A 1663 -13.50 1.29 43.96
CA SER A 1663 -13.04 2.59 43.45
C SER A 1663 -11.84 2.39 42.52
N GLU A 1664 -12.05 1.57 41.50
CA GLU A 1664 -10.98 1.13 40.60
C GLU A 1664 -11.51 1.15 39.18
N VAL A 1665 -10.68 0.68 38.24
CA VAL A 1665 -11.08 0.54 36.86
C VAL A 1665 -12.16 -0.53 36.76
N ILE A 1666 -13.15 -0.31 35.89
CA ILE A 1666 -14.31 -1.18 35.80
C ILE A 1666 -14.39 -1.72 34.38
N ARG A 1667 -13.75 -2.87 34.15
CA ARG A 1667 -13.91 -3.62 32.90
C ARG A 1667 -14.54 -4.98 33.15
N LYS A 1668 -13.92 -5.82 33.97
CA LYS A 1668 -14.53 -7.07 34.42
C LYS A 1668 -14.36 -7.34 35.89
N SER A 1669 -13.36 -6.77 36.56
CA SER A 1669 -13.22 -6.93 38.00
C SER A 1669 -14.26 -6.14 38.77
N ARG A 1670 -14.99 -5.24 38.11
CA ARG A 1670 -16.10 -4.56 38.75
C ARG A 1670 -17.11 -5.56 39.31
N THR A 1671 -17.57 -6.47 38.46
CA THR A 1671 -18.52 -7.49 38.90
C THR A 1671 -17.94 -8.34 40.02
N MET A 1672 -16.64 -8.64 39.94
CA MET A 1672 -16.00 -9.44 40.96
C MET A 1672 -16.05 -8.75 42.32
N THR A 1673 -15.56 -7.50 42.39
CA THR A 1673 -15.55 -6.80 43.66
C THR A 1673 -16.97 -6.52 44.14
N LEU A 1674 -17.94 -6.41 43.22
CA LEU A 1674 -19.33 -6.22 43.64
C LEU A 1674 -19.86 -7.47 44.33
N CYS A 1675 -19.77 -8.63 43.67
CA CYS A 1675 -20.27 -9.85 44.28
C CYS A 1675 -19.48 -10.23 45.52
N LEU A 1676 -18.23 -9.79 45.63
CA LEU A 1676 -17.48 -10.02 46.85
C LEU A 1676 -17.97 -9.13 47.99
N LEU A 1677 -18.14 -7.83 47.71
CA LEU A 1677 -18.63 -6.93 48.74
C LEU A 1677 -20.11 -7.08 49.03
N SER A 1678 -20.79 -8.05 48.42
CA SER A 1678 -22.18 -8.33 48.73
C SER A 1678 -22.34 -9.22 49.96
N ASN A 1679 -21.28 -9.39 50.74
CA ASN A 1679 -21.33 -10.23 51.92
C ASN A 1679 -20.80 -9.49 53.16
N SER A 1687 -21.11 -2.30 52.13
CA SER A 1687 -21.89 -1.18 52.60
C SER A 1687 -23.35 -1.31 52.19
N ILE A 1688 -23.79 -0.44 51.27
CA ILE A 1688 -25.15 -0.44 50.75
C ILE A 1688 -25.07 -0.78 49.26
N LEU A 1689 -25.64 -1.93 48.89
CA LEU A 1689 -25.48 -2.45 47.54
C LEU A 1689 -26.41 -1.80 46.53
N ASP A 1690 -27.50 -1.17 46.98
CA ASP A 1690 -28.49 -0.62 46.05
C ASP A 1690 -27.86 0.37 45.09
N GLN A 1691 -27.29 1.46 45.63
CA GLN A 1691 -26.61 2.44 44.78
C GLN A 1691 -25.37 1.84 44.12
N ILE A 1692 -24.75 0.86 44.77
CA ILE A 1692 -23.60 0.18 44.19
C ILE A 1692 -23.95 -0.41 42.83
N GLU A 1693 -25.14 -1.02 42.73
CA GLU A 1693 -25.57 -1.54 41.44
C GLU A 1693 -26.18 -0.45 40.57
N ARG A 1694 -26.90 0.49 41.16
CA ARG A 1694 -27.55 1.54 40.40
C ARG A 1694 -26.53 2.38 39.64
N ALA A 1695 -25.64 3.04 40.37
CA ALA A 1695 -24.52 3.71 39.74
C ALA A 1695 -23.47 2.68 39.32
N GLN A 1696 -22.41 3.16 38.69
CA GLN A 1696 -21.28 2.31 38.29
C GLN A 1696 -21.69 1.23 37.30
N SER A 1697 -22.64 1.56 36.43
CA SER A 1697 -22.97 0.78 35.23
C SER A 1697 -23.41 -0.65 35.59
N GLY A 1698 -24.53 -0.73 36.30
CA GLY A 1698 -25.18 -1.99 36.57
C GLY A 1698 -26.19 -2.35 35.50
N THR A 1699 -27.12 -3.24 35.86
CA THR A 1699 -28.19 -3.64 34.95
C THR A 1699 -29.36 -4.13 35.80
N LEU A 1700 -30.37 -3.28 35.97
CA LEU A 1700 -31.50 -3.60 36.83
C LEU A 1700 -32.72 -2.82 36.39
N GLY A 1701 -33.89 -3.29 36.84
CA GLY A 1701 -35.13 -2.59 36.56
C GLY A 1701 -36.35 -3.30 37.09
N GLY A 1702 -37.24 -2.55 37.75
CA GLY A 1702 -38.43 -3.12 38.32
C GLY A 1702 -39.49 -3.43 37.28
N PHE A 1703 -40.71 -3.64 37.78
CA PHE A 1703 -41.87 -3.93 36.93
C PHE A 1703 -42.98 -2.97 37.34
N SER A 1704 -43.22 -1.95 36.51
CA SER A 1704 -44.19 -0.92 36.87
C SER A 1704 -45.62 -1.43 36.77
N LYS A 1705 -45.91 -2.23 35.74
CA LYS A 1705 -47.27 -2.75 35.52
C LYS A 1705 -47.21 -4.25 35.33
N PRO A 1706 -47.46 -5.04 36.37
CA PRO A 1706 -47.55 -6.49 36.20
C PRO A 1706 -48.77 -6.86 35.37
N GLN A 1707 -48.60 -7.83 34.47
CA GLN A 1707 -49.66 -8.19 33.55
C GLN A 1707 -50.88 -8.72 34.29
N LYS A 1708 -50.75 -9.89 34.90
CA LYS A 1708 -51.78 -10.52 35.72
C LYS A 1708 -51.22 -11.85 36.21
N THR A 1709 -51.94 -12.47 37.14
CA THR A 1709 -51.67 -13.82 37.60
C THR A 1709 -52.80 -14.73 37.13
N PHE A 1710 -52.45 -15.90 36.59
CA PHE A 1710 -53.45 -16.82 36.08
C PHE A 1710 -52.92 -18.23 36.26
N ILE A 1711 -53.80 -19.17 36.59
CA ILE A 1711 -53.41 -20.52 36.98
C ILE A 1711 -53.84 -21.51 35.90
N ARG A 1712 -52.85 -22.11 35.24
CA ARG A 1712 -53.10 -23.24 34.37
C ARG A 1712 -53.36 -24.49 35.22
N PRO A 1713 -54.42 -25.24 34.89
CA PRO A 1713 -54.80 -26.39 35.73
C PRO A 1713 -53.72 -27.44 35.87
N GLY A 1714 -52.69 -27.42 35.01
CA GLY A 1714 -51.53 -28.26 35.22
C GLY A 1714 -50.57 -27.64 36.22
N GLY A 1715 -51.08 -26.69 37.00
CA GLY A 1715 -50.27 -25.98 37.97
C GLY A 1715 -49.28 -25.04 37.32
N GLY A 1716 -49.77 -24.02 36.62
CA GLY A 1716 -48.87 -23.09 35.95
C GLY A 1716 -49.17 -21.63 36.25
N VAL A 1717 -48.20 -20.90 36.78
CA VAL A 1717 -48.40 -19.48 37.09
C VAL A 1717 -48.09 -18.69 35.82
N GLY A 1718 -49.09 -18.52 34.97
CA GLY A 1718 -48.92 -17.76 33.73
C GLY A 1718 -49.31 -16.31 33.91
N TYR A 1719 -48.66 -15.44 33.13
CA TYR A 1719 -48.87 -13.99 33.18
C TYR A 1719 -49.55 -13.57 31.89
N LYS A 1720 -50.77 -13.06 31.99
CA LYS A 1720 -51.54 -12.62 30.83
C LYS A 1720 -51.93 -11.16 31.00
N GLY A 1721 -52.21 -10.50 29.89
CA GLY A 1721 -52.60 -9.11 29.87
C GLY A 1721 -51.57 -8.23 29.20
N LYS A 1722 -51.68 -6.93 29.48
CA LYS A 1722 -50.78 -5.92 28.94
C LYS A 1722 -50.01 -5.29 30.09
N GLY A 1723 -48.69 -5.49 30.08
CA GLY A 1723 -47.84 -4.95 31.14
C GLY A 1723 -46.82 -3.95 30.65
N VAL A 1724 -46.23 -3.21 31.58
CA VAL A 1724 -45.24 -2.19 31.27
C VAL A 1724 -44.03 -2.44 32.17
N TRP A 1725 -42.94 -2.92 31.58
CA TRP A 1725 -41.69 -3.11 32.31
C TRP A 1725 -40.78 -1.92 32.06
N THR A 1726 -40.01 -1.56 33.08
CA THR A 1726 -39.06 -0.46 32.97
C THR A 1726 -37.74 -0.88 33.58
N GLY A 1727 -36.68 -0.20 33.16
CA GLY A 1727 -35.35 -0.52 33.66
C GLY A 1727 -34.35 0.53 33.26
N VAL A 1728 -33.15 0.43 33.84
CA VAL A 1728 -32.05 1.39 33.56
C VAL A 1728 -30.75 0.60 33.34
N MET A 1729 -30.44 0.32 32.08
CA MET A 1729 -29.21 -0.43 31.71
C MET A 1729 -28.30 0.52 30.92
N GLU A 1730 -27.01 0.58 31.30
CA GLU A 1730 -25.98 1.44 30.71
C GLU A 1730 -26.53 2.78 30.24
N ASP A 1731 -27.19 3.47 31.18
CA ASP A 1731 -27.67 4.84 31.01
C ASP A 1731 -28.55 4.98 29.77
N THR A 1732 -29.69 4.29 29.81
CA THR A 1732 -30.70 4.44 28.76
C THR A 1732 -32.06 4.74 29.35
N HIS A 1733 -32.37 4.16 30.52
CA HIS A 1733 -33.68 4.29 31.14
C HIS A 1733 -34.79 3.87 30.18
N VAL A 1734 -34.65 2.66 29.64
CA VAL A 1734 -35.54 2.16 28.60
C VAL A 1734 -36.92 1.85 29.17
N GLN A 1735 -37.89 1.67 28.28
CA GLN A 1735 -39.24 1.26 28.63
C GLN A 1735 -39.65 0.15 27.66
N ILE A 1736 -40.33 -0.87 28.17
CA ILE A 1736 -40.73 -2.02 27.38
C ILE A 1736 -42.21 -2.28 27.64
N LEU A 1737 -43.06 -1.91 26.69
CA LEU A 1737 -44.46 -2.28 26.75
C LEU A 1737 -44.61 -3.69 26.19
N ILE A 1738 -45.23 -4.58 26.98
CA ILE A 1738 -45.34 -5.99 26.64
C ILE A 1738 -46.80 -6.38 26.75
N ASP A 1739 -47.15 -7.47 26.04
CA ASP A 1739 -48.55 -7.90 26.01
C ASP A 1739 -48.61 -9.35 25.56
N GLY A 1740 -49.59 -10.07 26.12
CA GLY A 1740 -49.85 -11.43 25.72
C GLY A 1740 -51.11 -11.99 26.36
N ASP A 1741 -52.00 -12.56 25.53
CA ASP A 1741 -53.30 -13.02 26.01
C ASP A 1741 -53.64 -14.45 25.62
N GLY A 1742 -52.89 -15.06 24.70
CA GLY A 1742 -53.20 -16.42 24.29
C GLY A 1742 -52.36 -17.47 24.98
N THR A 1743 -51.40 -18.05 24.27
CA THR A 1743 -50.56 -19.08 24.86
C THR A 1743 -49.40 -18.48 25.64
N SER A 1744 -48.81 -17.40 25.13
CA SER A 1744 -47.66 -16.78 25.77
C SER A 1744 -47.78 -15.26 25.62
N ASN A 1745 -46.69 -14.56 25.91
CA ASN A 1745 -46.61 -13.11 25.78
C ASN A 1745 -45.74 -12.75 24.58
N TRP A 1746 -45.81 -11.47 24.20
CA TRP A 1746 -45.03 -10.99 23.07
C TRP A 1746 -44.65 -9.53 23.31
N LEU A 1747 -43.54 -9.13 22.70
CA LEU A 1747 -43.04 -7.78 22.86
C LEU A 1747 -43.90 -6.81 22.06
N GLU A 1748 -44.37 -5.74 22.71
CA GLU A 1748 -45.20 -4.76 22.02
C GLU A 1748 -44.36 -3.59 21.50
N GLU A 1749 -43.67 -2.89 22.39
CA GLU A 1749 -42.90 -1.72 21.96
C GLU A 1749 -41.74 -1.46 22.93
N ILE A 1750 -40.73 -0.75 22.42
CA ILE A 1750 -39.55 -0.37 23.19
C ILE A 1750 -39.33 1.12 23.05
N ARG A 1751 -38.74 1.71 24.09
CA ARG A 1751 -38.45 3.18 24.11
C ARG A 1751 -37.04 3.40 24.66
N LEU A 1752 -36.29 4.33 24.07
CA LEU A 1752 -34.90 4.63 24.53
C LEU A 1752 -34.73 6.14 24.67
N SER A 1753 -33.98 6.58 25.69
CA SER A 1753 -33.74 8.03 25.92
C SER A 1753 -32.56 8.50 25.05
N SER A 1754 -31.71 7.58 24.62
CA SER A 1754 -30.57 7.93 23.79
C SER A 1754 -30.38 6.87 22.71
N ASP A 1755 -29.35 7.05 21.89
CA ASP A 1755 -29.10 6.14 20.78
C ASP A 1755 -27.63 5.80 20.58
N ALA A 1756 -26.73 6.25 21.46
CA ALA A 1756 -25.31 5.96 21.29
C ALA A 1756 -25.04 4.46 21.36
N ARG A 1757 -25.32 3.86 22.51
CA ARG A 1757 -25.10 2.42 22.71
C ARG A 1757 -26.39 1.69 22.38
N LEU A 1758 -26.61 1.43 21.09
CA LEU A 1758 -27.81 0.75 20.62
C LEU A 1758 -27.59 -0.74 20.40
N TYR A 1759 -26.50 -1.11 19.73
CA TYR A 1759 -26.28 -2.50 19.35
C TYR A 1759 -26.05 -3.41 20.53
N ASP A 1760 -25.77 -2.85 21.72
CA ASP A 1760 -25.61 -3.65 22.92
C ASP A 1760 -26.90 -3.74 23.72
N VAL A 1761 -27.66 -2.65 23.78
CA VAL A 1761 -28.96 -2.66 24.44
C VAL A 1761 -29.87 -3.70 23.79
N ILE A 1762 -29.69 -3.95 22.50
CA ILE A 1762 -30.52 -4.93 21.80
C ILE A 1762 -30.32 -6.32 22.39
N GLU A 1763 -29.05 -6.75 22.48
CA GLU A 1763 -28.79 -8.08 23.03
C GLU A 1763 -29.04 -8.12 24.53
N SER A 1764 -28.91 -6.98 25.23
CA SER A 1764 -29.29 -6.94 26.63
C SER A 1764 -30.78 -7.20 26.80
N ILE A 1765 -31.60 -6.59 25.96
CA ILE A 1765 -33.04 -6.83 26.00
C ILE A 1765 -33.36 -8.27 25.59
N ARG A 1766 -32.58 -8.80 24.65
CA ARG A 1766 -32.73 -10.21 24.29
C ARG A 1766 -32.51 -11.11 25.51
N ARG A 1767 -31.43 -10.87 26.25
CA ARG A 1767 -31.15 -11.66 27.44
C ARG A 1767 -32.22 -11.47 28.50
N LEU A 1768 -32.73 -10.23 28.63
CA LEU A 1768 -33.76 -9.97 29.62
C LEU A 1768 -35.06 -10.70 29.30
N CYS A 1769 -35.45 -10.70 28.02
CA CYS A 1769 -36.65 -11.44 27.62
C CYS A 1769 -36.44 -12.94 27.78
N ASP A 1770 -35.23 -13.43 27.46
CA ASP A 1770 -34.92 -14.83 27.69
C ASP A 1770 -35.08 -15.17 29.18
N ASP A 1771 -34.64 -14.27 30.05
CA ASP A 1771 -34.83 -14.45 31.48
C ASP A 1771 -36.31 -14.54 31.82
N LEU A 1772 -37.08 -13.50 31.49
CA LEU A 1772 -38.50 -13.46 31.83
C LEU A 1772 -39.37 -14.29 30.90
N GLY A 1773 -38.81 -14.85 29.83
CA GLY A 1773 -39.54 -15.78 28.98
C GLY A 1773 -40.66 -15.17 28.14
N ILE A 1774 -40.30 -14.36 27.15
CA ILE A 1774 -41.27 -13.76 26.23
C ILE A 1774 -40.82 -13.99 24.80
N ASN A 1775 -41.72 -14.50 23.97
CA ASN A 1775 -41.46 -14.68 22.56
C ASN A 1775 -41.39 -13.33 21.85
N ASN A 1776 -40.75 -13.32 20.68
CA ASN A 1776 -40.60 -12.12 19.87
C ASN A 1776 -40.87 -12.43 18.40
N ARG A 1777 -41.93 -13.20 18.13
CA ARG A 1777 -42.26 -13.64 16.79
C ARG A 1777 -43.45 -12.92 16.19
N VAL A 1778 -44.52 -12.71 16.96
CA VAL A 1778 -45.74 -12.14 16.40
C VAL A 1778 -45.51 -10.68 16.03
N ALA A 1779 -46.39 -10.15 15.18
CA ALA A 1779 -46.32 -8.78 14.71
C ALA A 1779 -47.03 -7.87 15.70
N SER A 1780 -47.19 -6.60 15.34
CA SER A 1780 -47.85 -5.62 16.19
C SER A 1780 -48.56 -4.60 15.32
N ALA A 1781 -49.26 -3.68 15.98
CA ALA A 1781 -49.91 -2.56 15.31
C ALA A 1781 -49.05 -1.32 15.52
N TYR A 1782 -48.53 -0.75 14.43
CA TYR A 1782 -47.60 0.35 14.54
C TYR A 1782 -48.28 1.56 15.18
N ARG A 1783 -47.55 2.22 16.09
CA ARG A 1783 -48.11 3.28 16.92
C ARG A 1783 -47.51 4.65 16.67
N GLY A 1784 -46.25 4.75 16.26
CA GLY A 1784 -45.63 6.05 16.09
C GLY A 1784 -44.60 6.12 14.99
N HIS A 1785 -43.82 7.20 14.99
CA HIS A 1785 -42.75 7.41 14.01
C HIS A 1785 -41.46 6.82 14.57
N CYS A 1786 -41.31 5.51 14.37
CA CYS A 1786 -40.19 4.78 14.94
C CYS A 1786 -38.94 4.96 14.09
N MET A 1787 -37.78 4.86 14.75
CA MET A 1787 -36.51 4.83 14.04
C MET A 1787 -36.45 3.62 13.12
N VAL A 1788 -36.49 2.42 13.70
CA VAL A 1788 -36.60 1.17 12.97
C VAL A 1788 -37.52 0.24 13.77
N ARG A 1789 -37.77 -0.93 13.17
CA ARG A 1789 -38.60 -1.99 13.79
C ARG A 1789 -37.76 -3.27 13.89
N LEU A 1790 -38.14 -4.21 14.76
CA LEU A 1790 -37.30 -5.42 14.94
C LEU A 1790 -38.15 -6.70 15.04
N SER A 1791 -37.73 -7.72 14.28
CA SER A 1791 -38.39 -9.06 14.30
C SER A 1791 -37.33 -10.12 14.58
N GLY A 1792 -37.58 -11.00 15.57
CA GLY A 1792 -36.61 -12.06 15.92
C GLY A 1792 -35.24 -11.52 16.28
N PHE A 1793 -35.20 -10.43 17.07
CA PHE A 1793 -33.92 -9.77 17.43
C PHE A 1793 -33.15 -9.48 16.13
N LYS A 1794 -33.87 -8.97 15.13
CA LYS A 1794 -33.31 -8.63 13.79
C LYS A 1794 -33.77 -7.23 13.41
N ILE A 1795 -33.11 -6.59 12.43
CA ILE A 1795 -33.45 -5.20 12.04
C ILE A 1795 -34.42 -5.18 10.85
N LYS A 1796 -35.50 -4.41 10.97
CA LYS A 1796 -36.54 -4.27 9.91
C LYS A 1796 -36.85 -2.77 9.71
N PRO A 1797 -37.09 -2.30 8.47
CA PRO A 1797 -37.38 -0.88 8.21
C PRO A 1797 -38.75 -0.42 8.74
N ALA A 1798 -38.95 0.90 8.87
CA ALA A 1798 -40.19 1.46 9.38
C ALA A 1798 -41.31 1.40 8.34
N SER A 1799 -40.97 1.47 7.06
CA SER A 1799 -41.99 1.45 6.01
C SER A 1799 -42.65 0.09 5.84
N ARG A 1800 -42.04 -0.98 6.37
CA ARG A 1800 -42.63 -2.30 6.24
C ARG A 1800 -43.68 -2.58 7.30
N THR A 1801 -43.50 -2.05 8.51
CA THR A 1801 -44.41 -2.26 9.63
C THR A 1801 -44.61 -3.76 9.90
N ASP A 1802 -43.50 -4.43 10.19
CA ASP A 1802 -43.49 -5.88 10.36
C ASP A 1802 -43.48 -6.28 11.83
N GLY A 1803 -42.49 -5.83 12.59
CA GLY A 1803 -42.34 -6.29 13.96
C GLY A 1803 -42.45 -5.18 14.99
N CYS A 1804 -41.88 -5.41 16.16
CA CYS A 1804 -41.96 -4.42 17.23
C CYS A 1804 -41.09 -3.22 16.89
N PRO A 1805 -41.63 -2.01 16.92
CA PRO A 1805 -40.82 -0.83 16.58
C PRO A 1805 -40.14 -0.21 17.80
N VAL A 1806 -38.88 0.16 17.62
CA VAL A 1806 -38.12 0.84 18.67
C VAL A 1806 -38.23 2.34 18.40
N ARG A 1807 -39.09 3.01 19.15
CA ARG A 1807 -39.39 4.43 18.94
C ARG A 1807 -38.64 5.22 19.99
N ILE A 1808 -37.43 5.68 19.63
CA ILE A 1808 -36.60 6.41 20.56
C ILE A 1808 -37.25 7.76 20.87
N MET A 1809 -37.36 8.07 22.16
CA MET A 1809 -37.84 9.37 22.62
C MET A 1809 -36.96 9.79 23.79
N GLU A 1810 -36.20 10.87 23.60
CA GLU A 1810 -35.24 11.30 24.62
C GLU A 1810 -35.90 11.50 25.98
N ARG A 1811 -37.10 12.07 25.99
CA ARG A 1811 -37.91 12.19 27.19
C ARG A 1811 -39.01 11.14 27.25
N GLY A 1812 -38.75 9.94 26.73
CA GLY A 1812 -39.77 8.91 26.71
C GLY A 1812 -40.13 8.41 28.09
N PHE A 1813 -39.13 8.22 28.95
CA PHE A 1813 -39.38 7.67 30.28
C PHE A 1813 -38.19 8.02 31.17
N ARG A 1814 -38.41 8.86 32.19
CA ARG A 1814 -37.36 9.25 33.13
C ARG A 1814 -37.88 9.11 34.56
N ILE A 1815 -37.82 7.89 35.09
CA ILE A 1815 -38.04 7.63 36.52
C ILE A 1815 -37.58 6.22 36.79
N ARG A 1816 -37.26 5.92 38.05
CA ARG A 1816 -36.80 4.60 38.44
C ARG A 1816 -37.78 3.96 39.41
N GLU A 1817 -37.56 2.67 39.68
CA GLU A 1817 -38.57 1.81 40.28
C GLU A 1817 -38.43 1.64 41.79
N LEU A 1818 -37.27 1.96 42.36
CA LEU A 1818 -37.03 1.88 43.81
C LEU A 1818 -37.25 0.46 44.33
N GLN A 1819 -36.39 -0.44 43.86
CA GLN A 1819 -36.46 -1.83 44.26
C GLN A 1819 -36.01 -2.00 45.70
N ASN A 1820 -36.45 -3.11 46.32
CA ASN A 1820 -36.12 -3.45 47.71
C ASN A 1820 -34.85 -4.29 47.77
N PRO A 1821 -33.86 -3.90 48.56
CA PRO A 1821 -32.57 -4.59 48.56
C PRO A 1821 -32.55 -5.92 49.29
N ASP A 1822 -33.66 -6.37 49.85
CA ASP A 1822 -33.67 -7.60 50.64
C ASP A 1822 -33.90 -8.86 49.81
N GLU A 1823 -34.57 -8.74 48.66
CA GLU A 1823 -34.83 -9.91 47.81
C GLU A 1823 -33.74 -10.11 46.77
N VAL A 1824 -32.48 -10.14 47.22
CA VAL A 1824 -31.33 -10.26 46.35
C VAL A 1824 -30.65 -11.59 46.65
N LYS A 1825 -30.40 -12.39 45.61
CA LYS A 1825 -29.86 -13.72 45.77
C LYS A 1825 -28.69 -13.95 44.82
N MET A 1826 -27.96 -15.01 45.08
CA MET A 1826 -26.88 -15.49 44.22
C MET A 1826 -27.23 -16.87 43.68
N ARG A 1827 -26.80 -17.14 42.46
CA ARG A 1827 -27.14 -18.39 41.79
C ARG A 1827 -25.95 -18.89 40.98
N VAL A 1828 -25.87 -20.22 40.86
CA VAL A 1828 -24.75 -20.86 40.12
C VAL A 1828 -25.29 -21.91 39.15
N ARG A 1829 -25.49 -21.51 37.89
CA ARG A 1829 -25.94 -22.41 36.79
C ARG A 1829 -24.72 -23.13 36.21
N GLY A 1830 -24.92 -24.14 35.36
CA GLY A 1830 -23.72 -24.83 34.84
C GLY A 1830 -22.86 -23.84 34.06
N ASP A 1831 -21.60 -23.69 34.46
CA ASP A 1831 -20.64 -22.76 33.81
C ASP A 1831 -21.21 -21.34 33.76
N ILE A 1832 -21.85 -20.86 34.85
CA ILE A 1832 -22.45 -19.49 34.87
C ILE A 1832 -22.73 -19.03 36.31
N LEU A 1833 -22.30 -17.81 36.65
CA LEU A 1833 -22.51 -17.22 37.95
C LEU A 1833 -23.46 -16.04 37.81
N ASN A 1834 -24.41 -15.91 38.74
CA ASN A 1834 -25.43 -14.88 38.61
C ASN A 1834 -25.73 -14.24 39.96
N LEU A 1835 -26.01 -12.94 39.93
CA LEU A 1835 -26.52 -12.20 41.08
C LEU A 1835 -27.83 -11.57 40.63
N SER A 1836 -28.93 -11.96 41.27
CA SER A 1836 -30.25 -11.70 40.71
C SER A 1836 -31.22 -11.26 41.80
N VAL A 1837 -32.45 -10.97 41.37
CA VAL A 1837 -33.52 -10.52 42.25
C VAL A 1837 -34.84 -10.95 41.62
N THR A 1838 -35.76 -11.42 42.45
CA THR A 1838 -37.08 -11.81 42.00
C THR A 1838 -37.99 -10.59 41.97
N ILE A 1839 -38.43 -10.21 40.78
CA ILE A 1839 -39.28 -9.03 40.64
C ILE A 1839 -40.76 -9.38 40.79
N GLN A 1840 -41.16 -10.59 40.37
CA GLN A 1840 -42.53 -11.04 40.48
C GLN A 1840 -42.54 -12.50 40.92
N GLU A 1841 -43.74 -12.97 41.29
CA GLU A 1841 -43.90 -14.35 41.74
C GLU A 1841 -43.57 -15.33 40.62
N GLY A 1842 -42.50 -16.09 40.78
CA GLY A 1842 -42.06 -17.01 39.76
C GLY A 1842 -41.34 -16.37 38.59
N ARG A 1843 -41.05 -15.07 38.65
CA ARG A 1843 -40.35 -14.36 37.59
C ARG A 1843 -39.17 -13.63 38.20
N VAL A 1844 -37.96 -14.07 37.86
CA VAL A 1844 -36.74 -13.52 38.42
C VAL A 1844 -36.07 -12.64 37.36
N MET A 1845 -35.06 -11.89 37.79
CA MET A 1845 -34.31 -11.01 36.91
C MET A 1845 -32.85 -11.02 37.30
N ASN A 1846 -31.98 -11.32 36.33
CA ASN A 1846 -30.54 -11.38 36.56
C ASN A 1846 -29.97 -9.97 36.54
N ILE A 1847 -29.58 -9.46 37.71
CA ILE A 1847 -28.93 -8.15 37.78
C ILE A 1847 -27.56 -8.21 37.11
N LEU A 1848 -26.77 -9.23 37.44
CA LEU A 1848 -25.40 -9.31 36.98
C LEU A 1848 -25.05 -10.77 36.70
N SER A 1849 -24.19 -10.98 35.72
CA SER A 1849 -23.78 -12.33 35.32
C SER A 1849 -22.26 -12.40 35.21
N TYR A 1850 -21.78 -13.63 35.09
CA TYR A 1850 -20.34 -13.87 34.97
C TYR A 1850 -20.11 -15.23 34.31
N ARG A 1851 -19.21 -15.25 33.33
CA ARG A 1851 -18.70 -16.46 32.72
C ARG A 1851 -17.18 -16.38 32.72
N PRO A 1852 -16.48 -17.40 33.19
CA PRO A 1852 -15.01 -17.34 33.21
C PRO A 1852 -14.41 -17.62 31.84
N ARG A 1853 -13.35 -16.87 31.52
CA ARG A 1853 -12.61 -17.08 30.29
C ARG A 1853 -11.72 -18.32 30.41
N ASP A 1854 -10.93 -18.56 29.37
CA ASP A 1854 -9.93 -19.63 29.39
C ASP A 1854 -8.51 -19.11 29.56
N THR A 1855 -8.31 -17.78 29.55
CA THR A 1855 -7.00 -17.18 29.69
C THR A 1855 -6.67 -16.81 31.12
N ASP A 1856 -7.27 -17.51 32.10
CA ASP A 1856 -7.01 -17.25 33.50
C ASP A 1856 -6.77 -18.55 34.27
N ILE A 1857 -6.26 -19.57 33.59
CA ILE A 1857 -5.88 -20.82 34.24
C ILE A 1857 -4.40 -20.69 34.55
N SER A 1858 -4.09 -20.14 35.73
CA SER A 1858 -2.73 -19.83 36.09
C SER A 1858 -1.98 -21.09 36.54
N GLU A 1859 -0.68 -20.93 36.74
CA GLU A 1859 0.18 -21.96 37.30
C GLU A 1859 0.91 -21.51 38.56
N SER A 1860 1.33 -20.23 38.62
CA SER A 1860 1.86 -19.69 39.86
C SER A 1860 0.82 -19.74 40.96
N ALA A 1861 -0.40 -19.28 40.65
CA ALA A 1861 -1.50 -19.41 41.61
C ALA A 1861 -1.76 -20.85 41.97
N ALA A 1862 -1.65 -21.77 41.00
CA ALA A 1862 -1.81 -23.19 41.29
C ALA A 1862 -0.73 -23.69 42.22
N ALA A 1863 0.52 -23.28 41.97
CA ALA A 1863 1.62 -23.68 42.85
C ALA A 1863 1.42 -23.15 44.26
N TYR A 1864 0.89 -21.93 44.38
CA TYR A 1864 0.60 -21.37 45.71
C TYR A 1864 -0.49 -22.17 46.41
N LEU A 1865 -1.62 -22.37 45.72
CA LEU A 1865 -2.72 -23.14 46.30
C LEU A 1865 -2.26 -24.54 46.70
N TRP A 1866 -1.30 -25.11 45.97
CA TRP A 1866 -0.71 -26.38 46.39
C TRP A 1866 -0.12 -26.28 47.78
N SER A 1867 0.61 -25.19 48.06
CA SER A 1867 1.21 -24.99 49.37
C SER A 1867 0.23 -24.38 50.36
N ASN A 1868 -0.93 -25.03 50.52
CA ASN A 1868 -1.95 -24.57 51.46
C ASN A 1868 -2.76 -25.77 51.94
N ARG A 1869 -3.13 -25.74 53.22
CA ARG A 1869 -3.88 -26.84 53.83
C ARG A 1869 -5.15 -26.34 54.49
N ASP A 1870 -5.15 -25.08 54.94
CA ASP A 1870 -6.29 -24.55 55.67
C ASP A 1870 -7.57 -24.52 54.84
N LEU A 1871 -7.47 -24.50 53.52
CA LEU A 1871 -8.62 -24.50 52.63
C LEU A 1871 -9.23 -25.90 52.61
N PHE A 1872 -10.06 -26.18 53.62
CA PHE A 1872 -10.75 -27.49 53.76
C PHE A 1872 -11.54 -27.78 52.48
N SER A 1873 -11.66 -26.78 51.60
CA SER A 1873 -12.40 -26.94 50.32
C SER A 1873 -11.72 -28.01 49.46
N PHE A 1874 -10.38 -28.00 49.44
CA PHE A 1874 -9.60 -28.98 48.64
C PHE A 1874 -9.08 -30.09 49.58
N PRO A 1879 -10.24 -36.38 43.90
CA PRO A 1879 -9.72 -35.85 42.63
C PRO A 1879 -9.71 -34.32 42.65
N SER A 1880 -10.41 -33.72 43.62
CA SER A 1880 -10.49 -32.24 43.75
C SER A 1880 -9.09 -31.66 44.03
N CYS A 1881 -8.30 -32.36 44.86
CA CYS A 1881 -6.94 -31.89 45.23
C CYS A 1881 -6.05 -31.82 43.99
N SER A 1882 -6.13 -32.82 43.10
CA SER A 1882 -5.30 -32.84 41.87
C SER A 1882 -5.97 -31.98 40.77
N TRP A 1883 -7.16 -31.48 41.06
CA TRP A 1883 -7.97 -30.62 40.14
C TRP A 1883 -7.63 -29.15 40.34
N ILE A 1884 -7.93 -28.57 41.52
CA ILE A 1884 -7.61 -27.14 41.61
C ILE A 1884 -6.10 -26.94 41.54
N CYS A 1885 -5.39 -27.62 42.45
CA CYS A 1885 -3.90 -27.59 42.49
C CYS A 1885 -3.39 -28.66 41.53
N LEU A 1886 -3.12 -28.28 40.27
CA LEU A 1886 -2.65 -29.26 39.25
C LEU A 1886 -1.35 -29.90 39.73
N LYS A 1887 -1.23 -31.22 39.56
CA LYS A 1887 -0.02 -31.98 39.98
C LYS A 1887 -0.07 -33.38 39.35
N ALA A 1897 -5.09 -42.67 49.13
CA ALA A 1897 -3.84 -41.99 48.80
C ALA A 1897 -3.78 -41.65 47.32
N SER A 1898 -3.90 -42.66 46.47
CA SER A 1898 -3.90 -42.46 45.04
C SER A 1898 -5.24 -41.90 44.58
N VAL A 1899 -5.31 -41.48 43.32
CA VAL A 1899 -6.47 -40.81 42.76
C VAL A 1899 -7.20 -41.69 41.74
N LEU A 1900 -6.47 -42.32 40.83
CA LEU A 1900 -7.11 -43.06 39.75
C LEU A 1900 -7.65 -44.41 40.19
N LEU A 1901 -7.20 -44.92 41.34
CA LEU A 1901 -7.56 -46.29 41.72
C LEU A 1901 -9.03 -46.40 42.12
N ALA A 1902 -9.56 -45.41 42.84
CA ALA A 1902 -10.91 -45.52 43.36
C ALA A 1902 -11.96 -45.32 42.26
N ASN A 1903 -11.70 -44.44 41.30
CA ASN A 1903 -12.68 -44.10 40.28
C ASN A 1903 -12.58 -44.99 39.04
N ASP A 1904 -11.84 -46.10 39.13
CA ASP A 1904 -11.80 -47.03 38.00
C ASP A 1904 -13.17 -47.67 37.77
N ARG A 1905 -13.88 -48.02 38.84
CA ARG A 1905 -15.18 -48.67 38.74
C ARG A 1905 -16.33 -47.80 39.23
N LYS A 1906 -16.04 -46.59 39.73
CA LYS A 1906 -17.10 -45.72 40.21
C LYS A 1906 -18.07 -45.31 39.11
N THR A 1907 -17.68 -45.43 37.84
CA THR A 1907 -18.55 -45.03 36.75
C THR A 1907 -19.57 -46.11 36.40
N GLN A 1908 -19.22 -47.39 36.56
CA GLN A 1908 -20.16 -48.46 36.28
C GLN A 1908 -21.32 -48.45 37.28
N GLY A 1909 -21.06 -48.07 38.52
CA GLY A 1909 -22.10 -47.97 39.53
C GLY A 1909 -22.08 -46.63 40.23
N ILE A 1910 -23.15 -45.86 40.09
CA ILE A 1910 -23.19 -44.51 40.65
C ILE A 1910 -23.32 -44.63 42.16
N ASP A 1911 -22.24 -44.35 42.89
CA ASP A 1911 -22.22 -44.35 44.35
C ASP A 1911 -21.33 -43.18 44.77
N ASN A 1912 -21.96 -42.03 45.03
CA ASN A 1912 -21.20 -40.83 45.30
C ASN A 1912 -22.12 -39.80 45.95
N ARG A 1913 -21.49 -38.84 46.64
CA ARG A 1913 -22.15 -37.68 47.20
C ARG A 1913 -21.65 -36.40 46.55
N ALA A 1914 -21.30 -36.48 45.27
CA ALA A 1914 -20.64 -35.40 44.55
C ALA A 1914 -21.07 -35.48 43.09
N MET A 1915 -20.31 -34.84 42.20
CA MET A 1915 -20.66 -34.75 40.80
C MET A 1915 -20.99 -36.11 40.20
N GLY A 1916 -21.87 -36.10 39.21
CA GLY A 1916 -22.25 -37.32 38.52
C GLY A 1916 -21.66 -37.40 37.13
N ASN A 1917 -22.47 -37.07 36.12
CA ASN A 1917 -22.02 -37.18 34.73
C ASN A 1917 -20.85 -36.25 34.42
N ILE A 1918 -20.72 -35.15 35.17
CA ILE A 1918 -19.71 -34.15 34.86
C ILE A 1918 -18.31 -34.75 34.95
N PHE A 1919 -18.09 -35.64 35.93
CA PHE A 1919 -16.77 -36.24 36.06
C PHE A 1919 -16.44 -37.13 34.87
N ARG A 1920 -17.43 -37.83 34.33
CA ARG A 1920 -17.19 -38.65 33.15
C ARG A 1920 -16.99 -37.79 31.91
N ASP A 1921 -17.66 -36.65 31.82
CA ASP A 1921 -17.40 -35.72 30.72
C ASP A 1921 -16.00 -35.14 30.81
N CYS A 1922 -15.52 -34.90 32.03
CA CYS A 1922 -14.19 -34.30 32.20
C CYS A 1922 -13.09 -35.33 31.93
N LEU A 1923 -13.16 -36.49 32.59
CA LEU A 1923 -12.09 -37.48 32.50
C LEU A 1923 -11.98 -38.15 31.15
N GLU A 1924 -12.78 -37.75 30.16
CA GLU A 1924 -12.59 -38.25 28.80
C GLU A 1924 -11.32 -37.67 28.16
N GLY A 1925 -10.57 -36.86 28.88
CA GLY A 1925 -9.37 -36.23 28.38
C GLY A 1925 -8.12 -37.08 28.41
N SER A 1926 -8.25 -38.40 28.54
CA SER A 1926 -7.10 -39.27 28.34
C SER A 1926 -6.61 -39.21 26.90
N LEU A 1927 -7.49 -38.84 25.96
CA LEU A 1927 -7.07 -38.68 24.57
C LEU A 1927 -6.07 -37.54 24.43
N ARG A 1928 -6.04 -36.61 25.38
CA ARG A 1928 -5.05 -35.54 25.33
C ARG A 1928 -3.64 -36.11 25.52
N LYS A 1929 -3.43 -36.88 26.59
CA LYS A 1929 -2.14 -37.52 26.78
C LYS A 1929 -1.86 -38.57 25.70
N GLN A 1930 -2.91 -39.22 25.19
CA GLN A 1930 -2.71 -40.12 24.05
C GLN A 1930 -2.40 -39.38 22.77
N GLY A 1931 -2.57 -38.05 22.74
CA GLY A 1931 -2.24 -37.27 21.57
C GLY A 1931 -0.77 -36.99 21.40
N LEU A 1932 0.01 -37.08 22.48
CA LEU A 1932 1.45 -36.92 22.39
C LEU A 1932 2.12 -38.10 21.69
N MET A 1933 1.39 -39.18 21.44
CA MET A 1933 1.91 -40.36 20.77
C MET A 1933 0.81 -40.91 19.87
N ARG A 1934 1.02 -42.14 19.38
CA ARG A 1934 0.02 -42.87 18.59
C ARG A 1934 -0.38 -42.10 17.34
N SER A 1935 0.60 -41.87 16.47
CA SER A 1935 0.35 -41.32 15.16
C SER A 1935 0.12 -42.45 14.15
N LYS A 1936 -0.11 -42.10 12.90
CA LYS A 1936 -0.37 -43.09 11.88
C LYS A 1936 0.95 -43.74 11.43
N LEU A 1937 0.83 -44.71 10.52
CA LEU A 1937 2.01 -45.47 10.09
C LEU A 1937 2.83 -44.69 9.06
N THR A 1938 2.22 -44.38 7.93
CA THR A 1938 2.89 -43.56 6.92
C THR A 1938 3.27 -42.19 7.45
N GLU A 1939 2.50 -41.65 8.40
CA GLU A 1939 2.82 -40.39 9.06
C GLU A 1939 4.05 -40.49 9.95
N MET A 1940 4.42 -41.71 10.36
CA MET A 1940 5.60 -41.90 11.19
C MET A 1940 6.78 -42.55 10.47
N VAL A 1941 6.56 -43.38 9.44
CA VAL A 1941 7.67 -43.96 8.70
C VAL A 1941 8.37 -42.94 7.81
N GLU A 1942 7.68 -41.89 7.38
CA GLU A 1942 8.24 -40.88 6.50
C GLU A 1942 8.90 -39.73 7.25
N LYS A 1943 9.37 -39.97 8.47
CA LYS A 1943 10.15 -38.99 9.22
C LYS A 1943 11.65 -39.23 9.06
N ASN A 1944 12.05 -40.14 8.18
CA ASN A 1944 13.45 -40.40 7.90
C ASN A 1944 14.00 -39.49 6.80
N VAL A 1945 13.23 -38.48 6.37
CA VAL A 1945 13.64 -37.65 5.25
C VAL A 1945 14.76 -36.71 5.67
N VAL A 1946 15.74 -36.54 4.78
CA VAL A 1946 16.82 -35.58 4.98
C VAL A 1946 16.37 -34.25 4.41
N PRO A 1947 16.97 -33.12 4.82
CA PRO A 1947 16.59 -31.83 4.21
C PRO A 1947 16.99 -31.76 2.75
N LEU A 1948 16.47 -30.77 2.03
CA LEU A 1948 16.77 -30.57 0.62
C LEU A 1948 18.12 -29.87 0.50
N THR A 1949 19.05 -30.54 -0.19
CA THR A 1949 20.43 -30.06 -0.20
C THR A 1949 20.55 -28.68 -0.84
N THR A 1950 20.35 -28.60 -2.16
CA THR A 1950 20.44 -27.34 -2.89
C THR A 1950 20.17 -27.54 -4.38
N GLN A 1951 20.11 -26.45 -5.13
CA GLN A 1951 20.33 -26.55 -6.56
C GLN A 1951 21.83 -26.61 -6.83
N GLU A 1952 22.21 -27.38 -7.85
CA GLU A 1952 23.63 -27.63 -8.10
C GLU A 1952 23.83 -27.83 -9.60
N LEU A 1953 24.74 -27.05 -10.20
CA LEU A 1953 24.78 -26.98 -11.66
C LEU A 1953 25.21 -28.29 -12.30
N VAL A 1954 25.82 -29.19 -11.52
CA VAL A 1954 26.11 -30.52 -12.04
C VAL A 1954 24.82 -31.26 -12.38
N ASP A 1955 23.70 -30.83 -11.79
CA ASP A 1955 22.42 -31.43 -12.13
C ASP A 1955 21.80 -30.73 -13.34
N ILE A 1956 21.81 -29.38 -13.35
CA ILE A 1956 21.20 -28.65 -14.45
C ILE A 1956 21.93 -28.91 -15.76
N LEU A 1957 23.25 -29.06 -15.70
CA LEU A 1957 24.06 -29.38 -16.87
C LEU A 1957 24.25 -30.87 -17.08
N GLU A 1958 23.80 -31.69 -16.14
CA GLU A 1958 23.80 -33.15 -16.21
C GLU A 1958 25.19 -33.77 -16.24
N GLU A 1959 26.24 -32.97 -16.05
CA GLU A 1959 27.60 -33.48 -16.08
C GLU A 1959 28.43 -32.79 -15.01
N ASP A 1960 29.64 -33.29 -14.80
CA ASP A 1960 30.57 -32.69 -13.85
C ASP A 1960 31.38 -31.59 -14.53
N ILE A 1961 31.89 -30.67 -13.72
CA ILE A 1961 32.62 -29.51 -14.21
C ILE A 1961 33.79 -29.23 -13.29
N ASP A 1962 34.97 -29.00 -13.86
CA ASP A 1962 36.14 -28.61 -13.11
C ASP A 1962 36.28 -27.08 -13.13
N PHE A 1963 37.13 -26.58 -12.24
CA PHE A 1963 37.26 -25.14 -12.05
C PHE A 1963 38.73 -24.76 -11.93
N SER A 1964 38.98 -23.46 -12.05
CA SER A 1964 40.34 -22.94 -12.16
C SER A 1964 40.97 -22.80 -10.76
N ASP A 1965 42.09 -23.47 -10.56
CA ASP A 1965 42.80 -23.47 -9.28
C ASP A 1965 43.90 -22.41 -9.26
N VAL A 1966 43.52 -21.15 -9.53
CA VAL A 1966 44.49 -20.07 -9.50
C VAL A 1966 44.87 -19.70 -8.08
N ILE A 1967 43.88 -19.39 -7.24
CA ILE A 1967 44.16 -19.07 -5.83
C ILE A 1967 44.84 -20.24 -5.15
N ALA A 1968 44.54 -21.47 -5.57
CA ALA A 1968 45.18 -22.65 -5.01
C ALA A 1968 46.70 -22.58 -5.19
N VAL A 1969 47.15 -22.49 -6.45
CA VAL A 1969 48.59 -22.45 -6.69
C VAL A 1969 49.21 -21.18 -6.16
N GLU A 1970 48.44 -20.09 -6.07
CA GLU A 1970 48.99 -18.86 -5.51
C GLU A 1970 49.31 -19.02 -4.02
N LEU A 1971 48.36 -19.55 -3.26
CA LEU A 1971 48.63 -19.82 -1.85
C LEU A 1971 49.63 -20.94 -1.66
N SER A 1972 49.75 -21.85 -2.63
CA SER A 1972 50.78 -22.89 -2.57
C SER A 1972 52.16 -22.27 -2.66
N GLU A 1973 52.44 -21.55 -3.76
CA GLU A 1973 53.74 -20.92 -3.91
C GLU A 1973 53.94 -19.82 -2.86
N GLY A 1974 52.88 -19.11 -2.50
CA GLY A 1974 52.96 -18.05 -1.52
C GLY A 1974 53.13 -16.66 -2.08
N SER A 1975 52.58 -16.38 -3.27
CA SER A 1975 52.70 -15.07 -3.90
C SER A 1975 51.60 -14.11 -3.47
N LEU A 1976 50.90 -14.40 -2.38
CA LEU A 1976 49.83 -13.53 -1.89
C LEU A 1976 50.02 -13.08 -0.46
N ASP A 1977 50.48 -13.97 0.43
CA ASP A 1977 50.63 -13.67 1.86
C ASP A 1977 49.34 -13.09 2.42
N ILE A 1978 48.29 -13.91 2.38
CA ILE A 1978 46.94 -13.46 2.73
C ILE A 1978 46.90 -12.92 4.15
N GLU A 1979 47.63 -13.56 5.07
CA GLU A 1979 47.62 -13.17 6.47
C GLU A 1979 48.08 -11.73 6.70
N SER A 1980 48.74 -11.11 5.71
CA SER A 1980 49.18 -9.73 5.83
C SER A 1980 48.25 -8.74 5.14
N ILE A 1981 47.31 -9.23 4.32
CA ILE A 1981 46.38 -8.34 3.65
C ILE A 1981 45.31 -7.85 4.61
N PHE A 1982 44.77 -8.75 5.43
CA PHE A 1982 43.69 -8.43 6.35
C PHE A 1982 44.16 -7.95 7.71
N ASP A 1983 45.47 -7.96 7.97
CA ASP A 1983 45.98 -7.41 9.22
C ASP A 1983 45.63 -5.93 9.31
N GLY A 1984 45.07 -5.52 10.44
CA GLY A 1984 44.42 -4.23 10.49
C GLY A 1984 42.97 -4.34 10.93
N ALA A 1985 42.05 -4.13 9.99
CA ALA A 1985 40.60 -4.13 10.19
C ALA A 1985 40.16 -5.27 11.10
N PRO A 1986 39.13 -5.07 11.92
CA PRO A 1986 38.85 -5.99 13.01
C PRO A 1986 38.42 -7.38 12.52
N ILE A 1987 38.60 -8.35 13.41
CA ILE A 1987 38.24 -9.73 13.15
C ILE A 1987 36.78 -9.93 13.51
N LEU A 1988 36.11 -10.83 12.78
CA LEU A 1988 34.67 -11.01 12.94
C LEU A 1988 34.23 -12.44 13.18
N TRP A 1989 35.10 -13.43 13.09
CA TRP A 1989 34.68 -14.81 13.36
C TRP A 1989 34.34 -15.00 14.83
N SER A 1990 35.17 -14.45 15.72
CA SER A 1990 34.94 -14.54 17.15
C SER A 1990 34.11 -13.38 17.68
N ALA A 1991 33.81 -12.40 16.85
CA ALA A 1991 32.98 -11.29 17.29
C ALA A 1991 31.55 -11.76 17.53
N GLU A 1992 31.07 -11.57 18.76
CA GLU A 1992 29.72 -11.98 19.14
C GLU A 1992 28.75 -10.91 18.66
N VAL A 1993 28.01 -11.23 17.59
CA VAL A 1993 27.07 -10.30 16.99
C VAL A 1993 25.73 -11.00 16.80
N GLU A 1994 24.68 -10.18 16.70
CA GLU A 1994 23.36 -10.70 16.36
C GLU A 1994 23.30 -10.99 14.87
N GLU A 1995 22.35 -11.86 14.51
CA GLU A 1995 22.20 -12.23 13.11
C GLU A 1995 21.59 -11.07 12.31
N PHE A 1996 21.83 -11.09 11.01
CA PHE A 1996 21.32 -10.04 10.13
C PHE A 1996 19.80 -10.10 10.05
N GLY A 1997 19.20 -8.97 9.70
CA GLY A 1997 17.77 -8.87 9.58
C GLY A 1997 17.19 -7.91 10.62
N GLU A 1998 16.08 -7.27 10.26
CA GLU A 1998 15.44 -6.29 11.11
C GLU A 1998 14.06 -6.74 11.59
N GLY A 1999 13.17 -7.11 10.68
CA GLY A 1999 11.82 -7.46 11.04
C GLY A 1999 11.57 -8.95 11.16
N VAL A 2000 10.48 -9.29 11.83
CA VAL A 2000 10.08 -10.69 12.01
C VAL A 2000 8.61 -10.76 12.41
N THR A 2013 -2.59 -15.33 23.48
CA THR A 2013 -1.25 -15.59 23.98
C THR A 2013 -0.83 -17.03 23.71
N LEU A 2014 -0.01 -17.23 22.68
CA LEU A 2014 0.42 -18.58 22.33
C LEU A 2014 1.14 -19.25 23.50
N MET A 2015 2.01 -18.52 24.18
CA MET A 2015 2.82 -19.10 25.25
C MET A 2015 1.96 -19.66 26.36
N ASP A 2016 1.19 -18.79 27.03
CA ASP A 2016 0.42 -19.21 28.20
C ASP A 2016 -0.66 -20.22 27.82
N GLN A 2017 -1.37 -19.98 26.72
CA GLN A 2017 -2.44 -20.90 26.33
C GLN A 2017 -1.88 -22.27 25.99
N ALA A 2018 -0.80 -22.33 25.20
CA ALA A 2018 -0.19 -23.61 24.88
C ALA A 2018 0.29 -24.32 26.15
N ALA A 2019 0.99 -23.58 27.01
CA ALA A 2019 1.51 -24.17 28.25
C ALA A 2019 0.39 -24.77 29.08
N ILE A 2020 -0.72 -24.05 29.23
CA ILE A 2020 -1.78 -24.54 30.11
C ILE A 2020 -2.57 -25.66 29.44
N THR A 2021 -2.75 -25.63 28.12
CA THR A 2021 -3.52 -26.70 27.48
C THR A 2021 -2.73 -28.00 27.46
N MET A 2022 -1.42 -27.93 27.26
CA MET A 2022 -0.59 -29.11 27.42
C MET A 2022 -0.39 -29.46 28.89
N CYS A 2023 -0.67 -28.52 29.80
CA CYS A 2023 -0.40 -28.74 31.22
C CYS A 2023 -1.56 -29.41 31.92
N ALA A 2024 -2.80 -29.02 31.62
CA ALA A 2024 -3.94 -29.58 32.33
C ALA A 2024 -4.33 -30.93 31.75
N ILE A 2025 -3.34 -31.82 31.60
CA ILE A 2025 -3.55 -33.21 31.22
C ILE A 2025 -2.84 -34.10 32.22
N MET A 2026 -1.55 -33.81 32.43
CA MET A 2026 -0.71 -34.65 33.29
C MET A 2026 -1.32 -34.81 34.68
N GLY A 2027 -1.79 -33.72 35.27
CA GLY A 2027 -2.34 -33.73 36.60
C GLY A 2027 -3.60 -34.56 36.77
N LYS A 2028 -4.07 -35.16 35.68
CA LYS A 2028 -5.21 -36.06 35.72
C LYS A 2028 -4.88 -37.48 35.27
N GLU A 2029 -3.97 -37.66 34.31
CA GLU A 2029 -3.69 -38.97 33.76
C GLU A 2029 -2.21 -39.32 33.79
N GLY A 2030 -1.47 -38.79 34.77
CA GLY A 2030 -0.06 -39.14 34.91
C GLY A 2030 0.22 -40.62 34.93
N CYS A 2031 -0.27 -41.31 35.96
CA CYS A 2031 -0.05 -42.75 36.05
C CYS A 2031 -0.87 -43.52 35.03
N ARG A 2032 -2.00 -42.95 34.59
CA ARG A 2032 -2.83 -43.64 33.60
C ARG A 2032 -2.09 -43.79 32.28
N GLY A 2033 -1.35 -42.75 31.88
CA GLY A 2033 -0.51 -42.88 30.70
C GLY A 2033 0.54 -43.96 30.85
N LEU A 2034 1.14 -44.06 32.03
CA LEU A 2034 2.12 -45.11 32.29
C LEU A 2034 1.50 -46.49 32.16
N LEU A 2035 0.29 -46.67 32.68
CA LEU A 2035 -0.39 -47.96 32.54
C LEU A 2035 -0.69 -48.26 31.08
N THR A 2036 -1.23 -47.28 30.35
CA THR A 2036 -1.56 -47.50 28.95
C THR A 2036 -0.32 -47.74 28.09
N GLU A 2037 0.85 -47.26 28.52
CA GLU A 2037 2.08 -47.57 27.81
C GLU A 2037 2.62 -48.95 28.18
N LYS A 2038 2.51 -49.32 29.47
CA LYS A 2038 3.02 -50.60 29.92
C LYS A 2038 2.23 -51.76 29.33
N ARG A 2039 0.90 -51.63 29.28
CA ARG A 2039 0.08 -52.71 28.75
C ARG A 2039 0.41 -52.99 27.29
N CYS A 2040 0.61 -51.94 26.49
CA CYS A 2040 0.96 -52.09 25.09
C CYS A 2040 1.44 -50.74 24.57
N MET A 2041 2.24 -50.78 23.50
CA MET A 2041 2.73 -49.56 22.88
C MET A 2041 2.61 -49.54 21.36
N ALA A 2042 2.52 -50.68 20.69
CA ALA A 2042 2.47 -50.74 19.23
C ALA A 2042 1.06 -50.98 18.70
N ALA A 2043 0.33 -51.93 19.29
CA ALA A 2043 -1.01 -52.23 18.83
C ALA A 2043 -2.01 -51.15 19.21
N ILE A 2044 -1.71 -50.34 20.23
CA ILE A 2044 -2.61 -49.26 20.62
C ILE A 2044 -2.68 -48.17 19.55
N ARG A 2045 -1.66 -48.05 18.70
CA ARG A 2045 -1.70 -47.10 17.60
C ARG A 2045 -2.85 -47.39 16.64
N GLU A 2046 -3.32 -48.63 16.59
CA GLU A 2046 -4.45 -49.03 15.78
C GLU A 2046 -5.71 -49.10 16.63
N GLN A 2047 -6.82 -48.67 16.05
CA GLN A 2047 -8.12 -48.69 16.73
C GLN A 2047 -8.96 -49.90 16.35
N VAL A 2048 -8.79 -50.45 15.14
CA VAL A 2048 -9.57 -51.60 14.73
C VAL A 2048 -8.97 -52.89 15.29
N ARG A 2049 -7.68 -52.87 15.65
CA ARG A 2049 -7.06 -54.07 16.21
C ARG A 2049 -7.66 -54.42 17.56
N PRO A 2050 -7.77 -53.51 18.53
CA PRO A 2050 -8.44 -53.88 19.79
C PRO A 2050 -9.91 -54.24 19.59
N PHE A 2051 -10.51 -53.72 18.51
CA PHE A 2051 -11.93 -53.98 18.19
C PHE A 2051 -12.03 -54.96 17.02
N GLU A 2059 -8.55 -56.68 28.52
CA GLU A 2059 -7.85 -56.18 29.73
C GLU A 2059 -8.00 -54.65 29.79
N ASP A 2060 -7.75 -54.04 30.96
CA ASP A 2060 -7.85 -52.57 31.15
C ASP A 2060 -9.25 -52.08 30.75
N SER A 2061 -10.29 -52.81 31.16
CA SER A 2061 -11.69 -52.44 30.83
C SER A 2061 -12.08 -51.14 31.54
N ILE A 2062 -11.29 -50.71 32.53
CA ILE A 2062 -11.58 -49.48 33.25
C ILE A 2062 -11.14 -48.27 32.44
N SER A 2063 -9.95 -48.36 31.83
CA SER A 2063 -9.44 -47.24 31.05
C SER A 2063 -10.24 -47.06 29.76
N TRP A 2064 -10.61 -48.14 29.10
CA TRP A 2064 -11.42 -48.04 27.90
C TRP A 2064 -12.80 -47.48 28.21
N VAL A 2065 -13.38 -47.88 29.35
CA VAL A 2065 -14.63 -47.30 29.80
C VAL A 2065 -14.46 -45.80 30.03
N SER A 2066 -13.36 -45.41 30.67
CA SER A 2066 -13.07 -43.99 30.87
C SER A 2066 -13.02 -43.25 29.55
N ASP A 2067 -12.38 -43.89 28.56
CA ASP A 2067 -12.23 -43.32 27.20
C ASP A 2067 -13.62 -43.15 26.57
N GLN A 2068 -14.28 -44.29 26.25
CA GLN A 2068 -15.56 -44.35 25.56
C GLN A 2068 -15.99 -45.80 25.39
N PHE A 2069 -17.29 -46.05 25.30
CA PHE A 2069 -17.83 -47.38 25.02
C PHE A 2069 -17.38 -48.42 26.06
MG MG B . 21.21 -1.20 -6.98
MG MG C . 24.66 2.22 -3.46
#